data_5JC7
#
_entry.id   5JC7
#
_cell.length_a   99.750
_cell.length_b   133.400
_cell.length_c   138.440
_cell.angle_alpha   90.00
_cell.angle_beta   90.00
_cell.angle_gamma   90.00
#
_symmetry.space_group_name_H-M   'P 21 21 21'
#
loop_
_entity.id
_entity.type
_entity.pdbx_description
1 polymer 'Melanoma differentiation associated protein-5'
2 polymer "RNA (5'-R(P*GP*GP*AP*CP*GP*UP*CP*AP*UP*GP*CP*GP*CP*AP*UP*GP*AP*CP*GP*UP*CP*CP*CP*C)-3')"
3 polymer "RNA (5'-R(P*GP*GP*GP*AP*CP*GP*UP*CP*AP*UP*GP*CP*GP*CP*AP*UP*GP*AP*CP*GP*UP*CP*CP*C)-3')"
4 non-polymer 'ZINC ION'
5 non-polymer 'MAGNESIUM ION'
6 non-polymer "ADENOSINE-5'-DIPHOSPHATE"
#
loop_
_entity_poly.entity_id
_entity_poly.type
_entity_poly.pdbx_seq_one_letter_code
_entity_poly.pdbx_strand_id
1 'polypeptide(L)'
;GAMGDLTLRDYQMEVAKPALNGENIIICLPTGSGKTRVAVYITKDHLDKKRKASEQGKVIVLVNKVPLVEQHLRKEFNPF
LKHWYQVIGLSGDSELKISFPEVVKRYDVIICTAQILENSLLNATEEDESVRLSDFSLIIIDQCHHTQKEGVYNNIMRRY
LKEKIKNRKQAKENKPLIPQPQILGLTASPGVGGARSNSKAEEHILKICANLDACRIMTVKEHASQLKNQVKEPFKKTVI
ADDKRRDPFRERIIEIMQDIQKYCQLYPKSEFGSQPYEQWVIREERRAAKEEKRKERVCAEHLKKYNDALQINDTIRMVD
AYNHLNNFYKELKRRKTAESDDDEEPLVSKQDETDEFLMRLFHAKKKQLKELARKPEYDNEKLMKLRNTLMEEFTKTEEP
RGIIFTKTRQSALALYHWIMDNPKFEEVGIKAHFLIGAGHNSETKPMTQNEQREVIDKFRGGSINLLIATTVAEEGLDIK
ECNIVIRYGLVTNEIAMVQARGRARADESTYALVASSGSGAVEREDVNIFRENMMYKAIRRVQEMPPEEYLNKIQDFQLQ
SIVEKQMKAKRDQRKTYKKNPSLITFLCKNCHKLICSGEDIQVIENMHHVSVKKDFQHLYHKRENRTLQDKHADYQTNVE
IICKDCGQVWGNMMVYRGLDLPCLKIRNFVVAFEDKKTTKEIFKKWGELPIIFPDFDYASH
;
A,B
2 'polyribonucleotide' GGGACGUCAUGCGCAUGACGUCCCC X
3 'polyribonucleotide' GGGACGUCAUGCGCAUGACGUCCC Y
#
# COMPACT_ATOMS: atom_id res chain seq x y z
N ASP A 5 -41.98 21.64 22.43
CA ASP A 5 -42.94 20.86 21.58
C ASP A 5 -42.21 19.94 20.58
N LEU A 6 -42.07 18.66 20.93
CA LEU A 6 -41.09 17.75 20.30
C LEU A 6 -41.62 16.92 19.12
N THR A 7 -41.67 17.56 17.95
CA THR A 7 -42.07 16.91 16.69
C THR A 7 -40.92 16.12 16.05
N LEU A 8 -41.24 15.39 14.99
CA LEU A 8 -40.27 14.93 14.00
C LEU A 8 -40.86 15.12 12.60
N ARG A 9 -39.99 15.42 11.63
CA ARG A 9 -40.40 15.42 10.23
C ARG A 9 -40.59 13.96 9.80
N ASP A 10 -41.31 13.74 8.70
CA ASP A 10 -41.73 12.37 8.32
C ASP A 10 -40.55 11.40 8.08
N TYR A 11 -39.49 11.89 7.42
CA TYR A 11 -38.26 11.11 7.22
C TYR A 11 -37.54 10.80 8.54
N GLN A 12 -37.48 11.78 9.44
CA GLN A 12 -36.84 11.61 10.73
C GLN A 12 -37.51 10.48 11.51
N MET A 13 -38.84 10.37 11.38
CA MET A 13 -39.59 9.29 12.02
C MET A 13 -39.20 7.92 11.45
N GLU A 14 -39.33 7.77 10.13
CA GLU A 14 -39.00 6.52 9.41
C GLU A 14 -37.68 5.87 9.86
N VAL A 15 -36.68 6.72 10.07
CA VAL A 15 -35.34 6.36 10.52
C VAL A 15 -35.31 5.99 12.00
N ALA A 16 -36.09 6.73 12.81
CA ALA A 16 -36.16 6.53 14.27
C ALA A 16 -36.99 5.33 14.72
N LYS A 17 -38.07 5.01 13.97
CA LYS A 17 -39.05 3.99 14.37
C LYS A 17 -38.52 2.75 15.11
N PRO A 18 -37.52 2.06 14.55
CA PRO A 18 -37.06 0.85 15.24
C PRO A 18 -36.36 1.14 16.59
N ALA A 19 -35.72 2.30 16.72
CA ALA A 19 -35.14 2.74 18.00
C ALA A 19 -36.22 3.03 19.05
N LEU A 20 -37.35 3.61 18.60
CA LEU A 20 -38.50 3.83 19.47
C LEU A 20 -39.06 2.51 19.98
N ASN A 21 -39.01 1.47 19.15
CA ASN A 21 -39.39 0.10 19.53
C ASN A 21 -38.26 -0.75 20.16
N GLY A 22 -37.16 -0.12 20.55
CA GLY A 22 -36.13 -0.79 21.35
C GLY A 22 -34.95 -1.43 20.64
N GLU A 23 -34.99 -1.48 19.30
CA GLU A 23 -33.94 -2.12 18.49
C GLU A 23 -32.66 -1.27 18.45
N ASN A 24 -31.50 -1.92 18.65
CA ASN A 24 -30.20 -1.27 18.47
C ASN A 24 -30.01 -1.01 17.00
N ILE A 25 -29.77 0.25 16.61
CA ILE A 25 -29.60 0.60 15.20
C ILE A 25 -28.60 1.73 14.99
N ILE A 26 -28.14 1.82 13.73
CA ILE A 26 -27.34 2.94 13.23
C ILE A 26 -28.24 3.75 12.34
N ILE A 27 -28.08 5.07 12.40
CA ILE A 27 -28.90 6.01 11.67
C ILE A 27 -28.01 6.78 10.73
N CYS A 28 -28.39 6.80 9.45
CA CYS A 28 -27.68 7.50 8.39
C CYS A 28 -28.55 8.62 7.87
N LEU A 29 -28.29 9.83 8.36
CA LEU A 29 -29.01 11.03 7.93
C LEU A 29 -28.01 12.10 7.52
N PRO A 30 -28.16 12.68 6.30
CA PRO A 30 -27.26 13.73 5.84
C PRO A 30 -27.12 14.95 6.75
N THR A 31 -26.05 15.70 6.50
CA THR A 31 -25.76 16.90 7.24
C THR A 31 -26.78 17.97 6.90
N GLY A 32 -27.46 18.48 7.93
CA GLY A 32 -28.57 19.42 7.78
C GLY A 32 -29.95 18.80 7.94
N SER A 33 -30.02 17.48 8.08
CA SER A 33 -31.27 16.77 8.31
C SER A 33 -31.76 16.90 9.74
N GLY A 34 -30.83 16.86 10.69
CA GLY A 34 -31.15 16.95 12.12
C GLY A 34 -31.18 15.58 12.77
N LYS A 35 -30.04 14.90 12.74
CA LYS A 35 -29.86 13.62 13.43
C LYS A 35 -29.93 13.76 14.97
N THR A 36 -29.43 14.87 15.51
CA THR A 36 -29.46 15.08 16.97
C THR A 36 -30.88 15.21 17.48
N ARG A 37 -31.75 15.91 16.74
CA ARG A 37 -33.18 16.01 17.09
C ARG A 37 -33.85 14.65 17.18
N VAL A 38 -33.43 13.71 16.35
CA VAL A 38 -33.90 12.31 16.44
C VAL A 38 -33.37 11.63 17.72
N ALA A 39 -32.14 11.95 18.13
CA ALA A 39 -31.64 11.48 19.42
C ALA A 39 -32.51 11.97 20.58
N VAL A 40 -32.79 13.28 20.60
CA VAL A 40 -33.66 13.90 21.61
C VAL A 40 -35.02 13.19 21.69
N TYR A 41 -35.70 13.10 20.54
CA TYR A 41 -36.99 12.41 20.43
C TYR A 41 -36.95 10.95 20.92
N ILE A 42 -35.82 10.28 20.70
CA ILE A 42 -35.65 8.90 21.16
C ILE A 42 -35.34 8.84 22.66
N THR A 43 -34.54 9.76 23.20
CA THR A 43 -34.23 9.75 24.64
C THR A 43 -35.51 9.95 25.45
N LYS A 44 -36.26 11.01 25.12
CA LYS A 44 -37.54 11.28 25.76
C LYS A 44 -38.46 10.06 25.66
N ASP A 45 -38.75 9.61 24.43
CA ASP A 45 -39.63 8.45 24.23
C ASP A 45 -39.17 7.25 25.05
N HIS A 46 -37.86 6.98 25.04
CA HIS A 46 -37.27 5.89 25.83
C HIS A 46 -37.49 6.10 27.33
N LEU A 47 -37.17 7.29 27.81
CA LEU A 47 -37.29 7.62 29.23
C LEU A 47 -38.72 7.68 29.73
N ASP A 48 -39.63 8.24 28.94
CA ASP A 48 -41.07 8.28 29.27
C ASP A 48 -41.67 6.87 29.51
N LYS A 49 -41.31 5.92 28.64
CA LYS A 49 -41.80 4.55 28.76
C LYS A 49 -41.23 3.79 29.97
N LYS A 50 -40.07 4.20 30.46
CA LYS A 50 -39.48 3.68 31.72
C LYS A 50 -40.15 4.26 32.97
N ARG A 51 -40.52 5.54 32.92
CA ARG A 51 -41.34 6.14 33.97
C ARG A 51 -42.66 5.38 34.05
N LYS A 52 -43.34 5.29 32.91
CA LYS A 52 -44.68 4.66 32.82
C LYS A 52 -44.69 3.14 32.99
N ALA A 53 -43.54 2.48 32.97
CA ALA A 53 -43.43 1.08 33.42
C ALA A 53 -42.69 0.98 34.77
N SER A 54 -42.67 2.08 35.53
CA SER A 54 -42.01 2.18 36.84
C SER A 54 -40.61 1.53 36.90
N GLU A 55 -39.66 2.11 36.18
CA GLU A 55 -38.34 1.49 35.96
C GLU A 55 -37.23 2.52 35.75
N GLN A 56 -36.00 2.00 35.69
CA GLN A 56 -34.79 2.79 35.43
C GLN A 56 -34.77 3.39 34.02
N GLY A 57 -34.58 4.70 33.96
CA GLY A 57 -34.31 5.40 32.71
C GLY A 57 -33.05 6.22 32.88
N LYS A 58 -31.92 5.67 32.44
CA LYS A 58 -30.65 6.40 32.37
C LYS A 58 -30.02 6.31 30.97
N VAL A 59 -29.82 7.48 30.36
CA VAL A 59 -29.37 7.61 28.98
C VAL A 59 -28.07 8.41 28.88
N ILE A 60 -27.03 7.82 28.27
CA ILE A 60 -25.73 8.50 28.11
C ILE A 60 -25.41 8.73 26.63
N VAL A 61 -25.21 10.00 26.27
CA VAL A 61 -24.94 10.43 24.90
C VAL A 61 -23.45 10.75 24.79
N LEU A 62 -22.71 9.90 24.08
CA LEU A 62 -21.25 10.05 23.90
C LEU A 62 -20.93 10.91 22.65
N VAL A 63 -19.94 11.79 22.80
CA VAL A 63 -19.43 12.58 21.68
C VAL A 63 -17.90 12.46 21.61
N ASN A 64 -17.34 13.02 20.53
CA ASN A 64 -15.90 12.98 20.25
C ASN A 64 -15.22 14.34 20.35
N LYS A 65 -15.97 15.39 20.68
CA LYS A 65 -15.47 16.77 20.68
C LYS A 65 -16.14 17.62 21.77
N VAL A 66 -15.32 18.31 22.58
CA VAL A 66 -15.79 19.05 23.75
C VAL A 66 -16.88 20.09 23.43
N PRO A 67 -16.72 20.86 22.33
CA PRO A 67 -17.77 21.82 21.97
C PRO A 67 -19.14 21.20 21.66
N LEU A 68 -19.17 19.93 21.25
CA LEU A 68 -20.44 19.25 20.94
C LEU A 68 -21.28 18.90 22.17
N VAL A 69 -20.66 18.83 23.34
CA VAL A 69 -21.41 18.61 24.59
C VAL A 69 -22.27 19.85 24.88
N GLU A 70 -21.61 21.00 25.00
CA GLU A 70 -22.30 22.27 25.26
C GLU A 70 -23.22 22.69 24.11
N GLN A 71 -22.85 22.36 22.88
CA GLN A 71 -23.69 22.62 21.71
C GLN A 71 -24.95 21.73 21.69
N HIS A 72 -24.80 20.45 22.02
CA HIS A 72 -25.96 19.54 22.07
C HIS A 72 -26.93 19.88 23.20
N LEU A 73 -26.41 20.27 24.36
CA LEU A 73 -27.25 20.83 25.43
C LEU A 73 -28.07 22.06 24.95
N ARG A 74 -27.41 23.20 24.75
CA ARG A 74 -28.09 24.46 24.39
C ARG A 74 -29.16 24.29 23.31
N LYS A 75 -28.78 23.63 22.22
CA LYS A 75 -29.56 23.68 20.98
C LYS A 75 -30.48 22.48 20.75
N GLU A 76 -30.37 21.43 21.58
CA GLU A 76 -31.22 20.25 21.40
C GLU A 76 -31.77 19.60 22.69
N PHE A 77 -30.91 19.25 23.63
CA PHE A 77 -31.32 18.42 24.77
C PHE A 77 -32.04 19.17 25.90
N ASN A 78 -31.46 20.28 26.37
CA ASN A 78 -32.07 21.03 27.49
C ASN A 78 -33.48 21.58 27.19
N PRO A 79 -33.68 22.28 26.05
CA PRO A 79 -35.03 22.79 25.73
C PRO A 79 -36.16 21.76 25.74
N PHE A 80 -35.86 20.50 25.44
CA PHE A 80 -36.88 19.45 25.32
C PHE A 80 -36.90 18.43 26.47
N LEU A 81 -35.94 18.50 27.40
CA LEU A 81 -35.84 17.49 28.49
C LEU A 81 -35.42 17.97 29.91
N LYS A 82 -34.94 19.21 30.04
CA LYS A 82 -34.48 19.72 31.35
C LYS A 82 -35.63 19.83 32.35
N HIS A 83 -36.81 20.15 31.84
CA HIS A 83 -38.00 20.41 32.66
C HIS A 83 -38.76 19.13 33.02
N TRP A 84 -38.44 18.02 32.35
CA TRP A 84 -39.00 16.70 32.65
C TRP A 84 -38.00 15.73 33.30
N TYR A 85 -36.70 15.87 32.99
CA TYR A 85 -35.66 14.98 33.53
C TYR A 85 -34.40 15.76 33.93
N GLN A 86 -33.48 15.03 34.55
CA GLN A 86 -32.21 15.60 35.02
C GLN A 86 -31.09 15.48 33.97
N VAL A 87 -30.82 16.60 33.28
CA VAL A 87 -29.85 16.64 32.17
C VAL A 87 -28.53 17.30 32.60
N ILE A 88 -27.40 16.72 32.17
CA ILE A 88 -26.07 17.29 32.43
C ILE A 88 -25.08 17.12 31.26
N GLY A 89 -24.17 18.09 31.12
CA GLY A 89 -23.05 18.03 30.18
C GLY A 89 -21.69 17.91 30.86
N LEU A 90 -20.91 16.91 30.43
CA LEU A 90 -19.58 16.63 30.99
C LEU A 90 -18.45 16.71 29.94
N SER A 91 -17.23 16.98 30.42
CA SER A 91 -16.01 16.89 29.60
C SER A 91 -14.78 16.95 30.52
N GLY A 92 -13.59 16.80 29.93
CA GLY A 92 -12.34 17.06 30.63
C GLY A 92 -12.15 18.54 30.91
N ASP A 93 -12.72 19.38 30.04
CA ASP A 93 -12.74 20.84 30.23
C ASP A 93 -13.64 21.31 31.39
N SER A 94 -14.62 20.49 31.76
CA SER A 94 -15.54 20.80 32.86
C SER A 94 -14.79 20.76 34.19
N GLU A 95 -15.09 21.73 35.07
CA GLU A 95 -14.35 21.93 36.33
C GLU A 95 -15.07 21.35 37.58
N LEU A 96 -15.82 20.27 37.40
CA LEU A 96 -16.68 19.73 38.48
C LEU A 96 -15.89 19.07 39.60
N LYS A 97 -16.43 19.20 40.82
CA LYS A 97 -15.85 18.63 42.03
C LYS A 97 -16.64 17.38 42.46
N ILE A 98 -17.16 16.64 41.47
CA ILE A 98 -18.06 15.50 41.69
C ILE A 98 -17.52 14.36 40.83
N SER A 99 -17.26 13.21 41.44
CA SER A 99 -16.79 12.03 40.68
C SER A 99 -17.85 11.55 39.68
N PHE A 100 -17.42 10.92 38.60
CA PHE A 100 -18.34 10.42 37.56
C PHE A 100 -19.34 9.37 38.07
N PRO A 101 -18.92 8.44 38.97
CA PRO A 101 -19.89 7.50 39.55
C PRO A 101 -21.12 8.16 40.19
N GLU A 102 -20.90 9.30 40.86
CA GLU A 102 -21.98 10.09 41.43
C GLU A 102 -22.86 10.67 40.33
N VAL A 103 -22.24 11.27 39.31
CA VAL A 103 -22.97 11.92 38.22
C VAL A 103 -23.88 10.92 37.50
N VAL A 104 -23.45 9.67 37.39
CA VAL A 104 -24.30 8.56 36.91
C VAL A 104 -25.60 8.51 37.71
N LYS A 105 -25.45 8.35 39.02
CA LYS A 105 -26.58 8.14 39.93
C LYS A 105 -27.49 9.37 40.12
N ARG A 106 -26.91 10.57 40.09
CA ARG A 106 -27.69 11.79 40.25
C ARG A 106 -28.40 12.27 38.99
N TYR A 107 -28.11 11.71 37.81
CA TYR A 107 -28.66 12.26 36.56
C TYR A 107 -29.26 11.23 35.58
N ASP A 108 -30.21 11.70 34.78
CA ASP A 108 -30.97 10.85 33.85
C ASP A 108 -30.40 10.89 32.45
N VAL A 109 -30.04 12.10 31.99
CA VAL A 109 -29.48 12.32 30.67
C VAL A 109 -28.07 12.92 30.82
N ILE A 110 -27.07 12.11 30.49
CA ILE A 110 -25.66 12.45 30.65
C ILE A 110 -25.03 12.59 29.29
N ILE A 111 -24.73 13.82 28.87
CA ILE A 111 -23.94 14.09 27.65
C ILE A 111 -22.47 14.29 28.04
N CYS A 112 -21.56 13.60 27.34
CA CYS A 112 -20.13 13.64 27.67
C CYS A 112 -19.22 13.10 26.56
N THR A 113 -17.94 13.45 26.63
CA THR A 113 -16.94 12.89 25.73
C THR A 113 -16.62 11.44 26.13
N ALA A 114 -16.72 10.52 25.16
CA ALA A 114 -16.61 9.07 25.42
C ALA A 114 -15.48 8.63 26.35
N GLN A 115 -14.36 9.36 26.34
CA GLN A 115 -13.23 8.99 27.20
C GLN A 115 -13.56 9.16 28.68
N ILE A 116 -14.49 10.07 29.01
CA ILE A 116 -14.94 10.22 30.40
C ILE A 116 -15.54 8.89 30.88
N LEU A 117 -16.43 8.32 30.06
CA LEU A 117 -17.03 7.01 30.36
C LEU A 117 -16.01 5.87 30.40
N GLU A 118 -15.08 5.83 29.43
CA GLU A 118 -14.03 4.80 29.43
C GLU A 118 -13.11 4.91 30.64
N ASN A 119 -12.70 6.13 30.99
CA ASN A 119 -11.90 6.35 32.20
C ASN A 119 -12.54 5.73 33.45
N SER A 120 -13.86 5.86 33.57
CA SER A 120 -14.61 5.29 34.69
C SER A 120 -14.69 3.78 34.60
N LEU A 121 -15.02 3.26 33.43
CA LEU A 121 -15.06 1.81 33.18
C LEU A 121 -13.72 1.10 33.49
N LEU A 122 -12.61 1.83 33.37
CA LEU A 122 -11.26 1.32 33.74
C LEU A 122 -11.10 1.05 35.24
N ASN A 123 -11.68 1.92 36.08
CA ASN A 123 -11.66 1.76 37.54
C ASN A 123 -10.26 1.96 38.13
N GLU A 129 -17.17 2.85 44.79
CA GLU A 129 -18.26 2.41 43.94
C GLU A 129 -18.07 2.83 42.48
N SER A 130 -18.33 1.89 41.58
CA SER A 130 -17.90 1.96 40.18
C SER A 130 -19.04 2.28 39.20
N VAL A 131 -18.68 2.40 37.94
CA VAL A 131 -19.63 2.55 36.83
C VAL A 131 -19.50 1.34 35.92
N ARG A 132 -20.62 0.93 35.32
CA ARG A 132 -20.62 -0.08 34.27
C ARG A 132 -21.81 0.05 33.36
N LEU A 133 -21.80 -0.68 32.25
CA LEU A 133 -22.77 -0.45 31.16
C LEU A 133 -24.21 -0.92 31.48
N SER A 134 -24.38 -1.74 32.51
CA SER A 134 -25.71 -2.03 33.05
C SER A 134 -26.42 -0.76 33.61
N ASP A 135 -25.63 0.18 34.15
CA ASP A 135 -26.15 1.42 34.72
C ASP A 135 -26.92 2.32 33.73
N PHE A 136 -26.65 2.17 32.43
CA PHE A 136 -27.37 2.91 31.39
C PHE A 136 -28.31 1.95 30.68
N SER A 137 -29.41 2.50 30.18
CA SER A 137 -30.37 1.74 29.39
C SER A 137 -30.36 2.14 27.91
N LEU A 138 -29.83 3.32 27.58
CA LEU A 138 -29.69 3.77 26.19
C LEU A 138 -28.33 4.46 26.05
N ILE A 139 -27.49 3.98 25.14
CA ILE A 139 -26.23 4.63 24.81
C ILE A 139 -26.34 5.15 23.38
N ILE A 140 -26.28 6.46 23.21
CA ILE A 140 -26.32 7.09 21.90
C ILE A 140 -24.91 7.52 21.58
N ILE A 141 -24.32 6.97 20.52
CA ILE A 141 -22.96 7.37 20.08
C ILE A 141 -23.06 8.30 18.88
N ASP A 142 -22.51 9.51 19.03
CA ASP A 142 -22.56 10.53 18.01
C ASP A 142 -21.35 10.38 17.10
N GLN A 143 -21.58 10.44 15.79
CA GLN A 143 -20.54 10.22 14.78
C GLN A 143 -19.96 8.80 14.89
N CYS A 144 -20.86 7.83 14.79
CA CYS A 144 -20.55 6.46 15.15
C CYS A 144 -19.63 5.73 14.17
N HIS A 145 -19.41 6.31 13.00
CA HIS A 145 -18.40 5.79 12.06
C HIS A 145 -17.01 5.68 12.67
N HIS A 146 -16.71 6.51 13.67
CA HIS A 146 -15.51 6.35 14.50
C HIS A 146 -15.48 5.10 15.40
N THR A 147 -16.62 4.41 15.53
CA THR A 147 -16.68 3.14 16.27
C THR A 147 -15.94 2.04 15.51
N GLN A 148 -14.62 2.08 15.65
CA GLN A 148 -13.72 1.43 14.72
C GLN A 148 -12.36 1.27 15.36
N LYS A 149 -11.71 0.14 15.11
CA LYS A 149 -10.31 -0.09 15.47
C LYS A 149 -10.09 0.05 16.99
N GLU A 150 -9.12 0.87 17.41
CA GLU A 150 -8.85 1.11 18.83
C GLU A 150 -9.43 2.43 19.30
N GLY A 151 -10.38 2.98 18.53
CA GLY A 151 -11.08 4.20 18.89
C GLY A 151 -11.84 4.01 20.18
N VAL A 152 -12.04 5.11 20.90
CA VAL A 152 -12.61 5.02 22.25
C VAL A 152 -13.96 4.34 22.13
N TYR A 153 -14.78 4.81 21.17
CA TYR A 153 -16.08 4.25 20.90
C TYR A 153 -16.08 2.74 20.80
N ASN A 154 -15.06 2.18 20.15
CA ASN A 154 -14.99 0.71 20.01
C ASN A 154 -14.54 0.03 21.29
N ASN A 155 -13.67 0.65 22.08
CA ASN A 155 -13.30 0.08 23.38
C ASN A 155 -14.48 0.00 24.35
N ILE A 156 -15.35 1.01 24.31
CA ILE A 156 -16.59 0.98 25.06
C ILE A 156 -17.39 -0.23 24.58
N MET A 157 -17.71 -0.25 23.30
CA MET A 157 -18.48 -1.33 22.71
C MET A 157 -17.84 -2.72 22.84
N ARG A 158 -16.51 -2.78 22.91
CA ARG A 158 -15.81 -4.05 23.15
C ARG A 158 -16.28 -4.69 24.45
N ARG A 159 -16.42 -3.87 25.50
CA ARG A 159 -16.92 -4.34 26.81
C ARG A 159 -18.36 -4.83 26.68
N TYR A 160 -19.21 -4.01 26.05
CA TYR A 160 -20.62 -4.34 25.82
C TYR A 160 -20.74 -5.70 25.13
N LEU A 161 -20.03 -5.85 24.02
CA LEU A 161 -20.01 -7.11 23.26
C LEU A 161 -19.44 -8.28 24.06
N LYS A 162 -18.45 -8.00 24.91
CA LYS A 162 -17.84 -9.03 25.77
C LYS A 162 -18.87 -9.65 26.74
N GLU A 163 -19.72 -8.79 27.29
CA GLU A 163 -20.78 -9.20 28.20
C GLU A 163 -21.86 -9.99 27.46
N LYS A 164 -22.27 -9.48 26.30
CA LYS A 164 -23.28 -10.12 25.46
C LYS A 164 -23.01 -11.60 25.19
N ILE A 165 -21.80 -11.91 24.75
CA ILE A 165 -21.42 -13.29 24.41
C ILE A 165 -21.37 -14.19 25.65
N LYS A 166 -20.80 -13.68 26.75
CA LYS A 166 -20.72 -14.44 28.00
C LYS A 166 -22.08 -14.71 28.66
N ASN A 167 -23.05 -13.83 28.42
CA ASN A 167 -24.41 -14.02 28.94
C ASN A 167 -25.18 -15.10 28.18
N ARG A 168 -25.30 -16.28 28.82
CA ARG A 168 -26.09 -17.41 28.32
C ARG A 168 -26.79 -18.10 29.50
N PRO A 179 -28.55 -8.14 31.52
CA PRO A 179 -29.45 -6.98 31.40
C PRO A 179 -28.77 -5.79 30.68
N GLN A 180 -28.83 -5.79 29.34
CA GLN A 180 -27.99 -4.91 28.49
C GLN A 180 -28.76 -3.74 27.83
N PRO A 181 -28.12 -2.55 27.73
CA PRO A 181 -28.76 -1.35 27.14
C PRO A 181 -28.99 -1.36 25.64
N GLN A 182 -29.80 -0.40 25.21
CA GLN A 182 -30.08 -0.14 23.81
C GLN A 182 -29.01 0.79 23.29
N ILE A 183 -28.73 0.70 21.98
CA ILE A 183 -27.62 1.42 21.37
C ILE A 183 -28.04 2.09 20.08
N LEU A 184 -27.88 3.41 20.04
CA LEU A 184 -28.16 4.22 18.87
C LEU A 184 -26.83 4.69 18.29
N GLY A 185 -26.67 4.42 17.00
CA GLY A 185 -25.55 4.91 16.22
C GLY A 185 -26.00 6.11 15.41
N LEU A 186 -25.28 7.23 15.57
CA LEU A 186 -25.55 8.43 14.80
C LEU A 186 -24.39 8.77 13.86
N THR A 187 -24.71 8.93 12.58
CA THR A 187 -23.76 9.37 11.55
C THR A 187 -24.50 9.86 10.29
N ALA A 188 -23.74 10.39 9.34
CA ALA A 188 -24.25 10.69 7.99
C ALA A 188 -23.84 9.59 7.02
N SER A 189 -22.53 9.33 6.99
CA SER A 189 -21.92 8.34 6.11
C SER A 189 -20.94 7.48 6.92
N PRO A 190 -21.21 6.15 7.01
CA PRO A 190 -20.33 5.26 7.78
C PRO A 190 -18.94 5.00 7.16
N GLY A 191 -18.84 5.16 5.83
CA GLY A 191 -17.58 5.00 5.11
C GLY A 191 -17.38 3.63 4.49
N VAL A 192 -16.23 3.50 3.84
CA VAL A 192 -15.77 2.24 3.23
C VAL A 192 -14.43 1.76 3.84
N GLY A 193 -13.79 2.61 4.65
CA GLY A 193 -12.54 2.27 5.34
C GLY A 193 -11.37 2.11 4.40
N GLY A 194 -11.28 3.01 3.41
CA GLY A 194 -10.21 3.00 2.42
C GLY A 194 -10.28 1.94 1.31
N ALA A 195 -11.32 1.12 1.28
CA ALA A 195 -11.41 0.01 0.33
C ALA A 195 -11.64 0.46 -1.11
N ARG A 196 -11.29 -0.42 -2.05
CA ARG A 196 -11.41 -0.15 -3.49
C ARG A 196 -12.33 -1.16 -4.20
N SER A 197 -12.95 -2.05 -3.44
CA SER A 197 -13.81 -3.11 -3.97
C SER A 197 -15.16 -3.11 -3.29
N ASN A 198 -16.22 -3.39 -4.04
CA ASN A 198 -17.57 -3.49 -3.47
C ASN A 198 -17.71 -4.64 -2.48
N SER A 199 -16.87 -5.68 -2.58
CA SER A 199 -16.79 -6.72 -1.55
C SER A 199 -16.31 -6.14 -0.22
N LYS A 200 -15.22 -5.39 -0.25
CA LYS A 200 -14.64 -4.78 0.96
C LYS A 200 -15.43 -3.56 1.47
N ALA A 201 -16.35 -3.03 0.67
CA ALA A 201 -17.29 -1.99 1.16
C ALA A 201 -18.26 -2.63 2.14
N GLU A 202 -19.00 -3.64 1.67
CA GLU A 202 -19.81 -4.52 2.54
C GLU A 202 -19.10 -4.84 3.84
N GLU A 203 -17.91 -5.42 3.71
CA GLU A 203 -17.13 -5.87 4.86
C GLU A 203 -16.89 -4.78 5.92
N HIS A 204 -16.67 -3.54 5.50
CA HIS A 204 -16.49 -2.44 6.45
C HIS A 204 -17.81 -1.99 7.06
N ILE A 205 -18.84 -1.86 6.23
CA ILE A 205 -20.19 -1.53 6.69
C ILE A 205 -20.63 -2.56 7.75
N LEU A 206 -20.54 -3.84 7.41
CA LEU A 206 -20.87 -4.93 8.35
C LEU A 206 -20.03 -4.86 9.63
N LYS A 207 -18.76 -4.51 9.49
CA LYS A 207 -17.87 -4.35 10.65
C LYS A 207 -18.29 -3.25 11.63
N ILE A 208 -18.75 -2.10 11.15
CA ILE A 208 -19.19 -1.06 12.08
C ILE A 208 -20.66 -1.22 12.46
N CYS A 209 -21.45 -1.94 11.65
CA CYS A 209 -22.72 -2.51 12.13
C CYS A 209 -22.42 -3.42 13.33
N ALA A 210 -21.45 -4.31 13.18
CA ALA A 210 -21.11 -5.29 14.22
C ALA A 210 -20.51 -4.68 15.48
N ASN A 211 -19.79 -3.57 15.36
CA ASN A 211 -19.21 -2.90 16.53
C ASN A 211 -20.27 -2.20 17.37
N LEU A 212 -21.30 -1.65 16.74
CA LEU A 212 -22.46 -1.06 17.45
C LEU A 212 -23.64 -2.04 17.65
N ASP A 213 -23.36 -3.35 17.56
CA ASP A 213 -24.37 -4.40 17.68
C ASP A 213 -25.72 -4.08 17.03
N ALA A 214 -25.70 -3.39 15.89
CA ALA A 214 -26.93 -2.91 15.27
C ALA A 214 -27.75 -4.04 14.64
N CYS A 215 -29.07 -4.01 14.87
CA CYS A 215 -30.02 -4.87 14.16
C CYS A 215 -30.28 -4.38 12.74
N ARG A 216 -29.97 -3.10 12.46
CA ARG A 216 -30.05 -2.57 11.10
C ARG A 216 -29.36 -1.21 10.94
N ILE A 217 -28.79 -1.00 9.74
CA ILE A 217 -28.36 0.31 9.28
C ILE A 217 -29.59 0.92 8.61
N MET A 218 -29.87 2.18 8.91
CA MET A 218 -31.16 2.78 8.62
C MET A 218 -31.05 4.06 7.79
N THR A 219 -31.68 4.04 6.61
CA THR A 219 -31.66 5.16 5.66
C THR A 219 -33.06 5.55 5.21
N VAL A 220 -33.17 6.82 4.84
CA VAL A 220 -34.43 7.42 4.43
C VAL A 220 -34.77 6.94 3.03
N LYS A 221 -35.63 5.92 2.94
CA LYS A 221 -36.09 5.39 1.67
C LYS A 221 -37.52 5.87 1.36
N GLU A 222 -38.46 5.54 2.22
CA GLU A 222 -39.88 5.89 2.01
C GLU A 222 -40.18 7.40 1.96
N HIS A 223 -39.40 8.22 2.68
CA HIS A 223 -39.56 9.68 2.66
C HIS A 223 -38.31 10.39 2.12
N ALA A 224 -37.75 9.81 1.06
CA ALA A 224 -36.53 10.31 0.41
C ALA A 224 -36.77 11.62 -0.32
N SER A 225 -37.92 11.72 -0.99
CA SER A 225 -38.30 12.94 -1.69
C SER A 225 -38.36 14.15 -0.75
N GLN A 226 -38.86 13.93 0.46
CA GLN A 226 -38.96 14.99 1.47
C GLN A 226 -37.59 15.43 2.00
N LEU A 227 -36.73 14.44 2.25
CA LEU A 227 -35.34 14.68 2.67
C LEU A 227 -34.60 15.54 1.65
N LYS A 228 -34.69 15.12 0.39
CA LYS A 228 -34.16 15.86 -0.77
C LYS A 228 -34.36 17.37 -0.66
N ASN A 229 -35.59 17.79 -0.34
CA ASN A 229 -35.94 19.22 -0.23
C ASN A 229 -35.34 19.93 0.97
N GLN A 230 -35.14 19.20 2.07
CA GLN A 230 -34.56 19.76 3.30
C GLN A 230 -33.10 20.15 3.09
N VAL A 231 -32.30 19.21 2.59
CA VAL A 231 -30.86 19.42 2.32
C VAL A 231 -30.60 19.72 0.84
N LYS A 232 -30.10 20.92 0.57
CA LYS A 232 -29.83 21.39 -0.78
C LYS A 232 -28.46 20.87 -1.23
N GLU A 233 -28.45 19.93 -2.19
CA GLU A 233 -27.18 19.36 -2.72
C GLU A 233 -26.44 20.37 -3.61
N PRO A 234 -25.14 20.63 -3.34
CA PRO A 234 -24.42 21.70 -4.04
C PRO A 234 -24.00 21.33 -5.48
N PHE A 235 -23.64 22.36 -6.24
CA PHE A 235 -23.14 22.18 -7.61
C PHE A 235 -21.65 21.88 -7.57
N LYS A 236 -21.25 20.75 -8.17
CA LYS A 236 -19.88 20.26 -8.09
C LYS A 236 -18.99 20.80 -9.22
N LYS A 237 -17.73 21.10 -8.89
CA LYS A 237 -16.72 21.55 -9.84
C LYS A 237 -15.36 20.91 -9.51
N THR A 238 -14.49 20.84 -10.51
CA THR A 238 -13.09 20.45 -10.33
C THR A 238 -12.22 21.38 -11.18
N VAL A 239 -11.84 22.50 -10.58
CA VAL A 239 -11.06 23.55 -11.27
C VAL A 239 -9.56 23.18 -11.23
N ILE A 240 -9.07 22.53 -12.29
CA ILE A 240 -7.68 22.02 -12.32
C ILE A 240 -6.71 23.11 -12.79
N ALA A 241 -5.47 23.03 -12.30
CA ALA A 241 -4.37 23.94 -12.68
C ALA A 241 -3.23 23.20 -13.37
N ASP A 242 -3.19 23.26 -14.70
CA ASP A 242 -2.05 22.74 -15.49
C ASP A 242 -0.86 23.68 -15.35
N ASP A 243 0.04 23.36 -14.42
CA ASP A 243 1.18 24.24 -14.11
C ASP A 243 2.21 24.26 -15.24
N LYS A 244 1.87 25.01 -16.31
CA LYS A 244 2.71 25.18 -17.49
C LYS A 244 3.44 26.52 -17.46
N ARG A 245 3.32 27.25 -16.35
CA ARG A 245 4.09 28.47 -16.15
C ARG A 245 5.55 28.14 -15.93
N ARG A 246 6.39 29.15 -16.15
CA ARG A 246 7.77 29.11 -15.68
C ARG A 246 7.76 29.20 -14.16
N ASP A 247 8.73 28.56 -13.52
CA ASP A 247 8.81 28.55 -12.07
C ASP A 247 10.22 29.04 -11.64
N PRO A 248 10.49 30.35 -11.80
CA PRO A 248 11.78 30.92 -11.42
C PRO A 248 12.24 30.58 -10.01
N PHE A 249 11.32 30.69 -9.05
CA PHE A 249 11.66 30.46 -7.65
C PHE A 249 12.12 29.01 -7.38
N ARG A 250 11.40 28.06 -7.97
CA ARG A 250 11.78 26.63 -7.96
C ARG A 250 13.20 26.39 -8.41
N GLU A 251 13.49 26.88 -9.61
CA GLU A 251 14.77 26.64 -10.29
C GLU A 251 15.90 27.22 -9.46
N ARG A 252 15.67 28.44 -8.99
CA ARG A 252 16.64 29.15 -8.17
C ARG A 252 16.97 28.39 -6.88
N ILE A 253 15.98 27.71 -6.32
CA ILE A 253 16.18 26.88 -5.12
C ILE A 253 16.87 25.54 -5.42
N ILE A 254 16.46 24.86 -6.49
CA ILE A 254 17.04 23.54 -6.79
C ILE A 254 18.54 23.69 -7.08
N GLU A 255 18.92 24.80 -7.74
CA GLU A 255 20.34 25.20 -7.86
C GLU A 255 21.02 25.14 -6.49
N ILE A 256 20.47 25.90 -5.54
CA ILE A 256 21.03 26.02 -4.19
C ILE A 256 21.14 24.67 -3.49
N MET A 257 20.13 23.81 -3.68
CA MET A 257 20.10 22.47 -3.06
C MET A 257 21.17 21.55 -3.67
N GLN A 258 21.32 21.59 -4.99
CA GLN A 258 22.40 20.86 -5.66
C GLN A 258 23.81 21.31 -5.22
N ASP A 259 23.95 22.61 -4.95
CA ASP A 259 25.20 23.18 -4.42
C ASP A 259 25.53 22.60 -3.04
N ILE A 260 24.48 22.37 -2.24
CA ILE A 260 24.61 21.77 -0.90
C ILE A 260 24.86 20.26 -1.01
N GLN A 261 24.15 19.61 -1.93
CA GLN A 261 24.26 18.15 -2.13
C GLN A 261 25.65 17.70 -2.57
N LYS A 262 26.31 18.52 -3.38
CA LYS A 262 27.73 18.33 -3.72
C LYS A 262 28.62 18.53 -2.49
N TYR A 263 28.38 19.59 -1.73
CA TYR A 263 29.19 19.92 -0.57
C TYR A 263 29.28 18.78 0.45
N CYS A 264 28.14 18.17 0.76
CA CYS A 264 28.07 17.08 1.74
C CYS A 264 28.24 15.70 1.10
N GLN A 265 27.97 15.61 -0.20
CA GLN A 265 28.04 14.36 -0.97
C GLN A 265 26.95 13.37 -0.51
N LEU A 266 25.72 13.88 -0.40
CA LEU A 266 24.52 13.12 -0.10
C LEU A 266 23.54 13.33 -1.23
N TYR A 267 23.32 12.30 -2.05
CA TYR A 267 22.52 12.46 -3.27
C TYR A 267 21.19 11.72 -3.18
N PRO A 268 20.09 12.40 -3.55
CA PRO A 268 18.76 11.84 -3.39
C PRO A 268 18.40 10.85 -4.46
N LYS A 269 17.35 10.08 -4.19
CA LYS A 269 16.79 9.13 -5.13
C LYS A 269 15.38 9.58 -5.49
N SER A 270 15.14 10.89 -5.44
CA SER A 270 13.79 11.44 -5.36
C SER A 270 13.71 12.84 -5.96
N GLU A 271 12.51 13.24 -6.35
CA GLU A 271 12.26 14.59 -6.87
C GLU A 271 12.45 15.66 -5.81
N PHE A 272 12.73 16.86 -6.26
CA PHE A 272 12.91 18.01 -5.38
C PHE A 272 11.51 18.57 -5.09
N GLY A 273 11.25 18.92 -3.83
CA GLY A 273 9.95 19.46 -3.43
C GLY A 273 8.85 18.42 -3.35
N SER A 274 9.16 17.29 -2.70
CA SER A 274 8.21 16.18 -2.53
C SER A 274 8.43 15.39 -1.24
N GLN A 275 7.47 14.51 -0.93
CA GLN A 275 7.51 13.71 0.28
C GLN A 275 8.70 12.74 0.30
N PRO A 276 8.85 11.91 -0.76
CA PRO A 276 9.93 10.92 -0.69
C PRO A 276 11.30 11.55 -0.47
N TYR A 277 11.51 12.75 -1.03
CA TYR A 277 12.71 13.52 -0.74
C TYR A 277 12.78 13.86 0.75
N GLU A 278 11.69 14.40 1.28
CA GLU A 278 11.61 14.80 2.70
C GLU A 278 11.88 13.60 3.63
N GLN A 279 11.35 12.43 3.30
CA GLN A 279 11.62 11.23 4.09
C GLN A 279 13.09 10.87 4.05
N TRP A 280 13.64 10.78 2.84
CA TRP A 280 15.06 10.50 2.61
C TRP A 280 15.96 11.48 3.42
N VAL A 281 15.74 12.78 3.24
CA VAL A 281 16.59 13.80 3.87
C VAL A 281 16.46 13.87 5.40
N ILE A 282 15.36 13.34 5.95
CA ILE A 282 15.20 13.19 7.40
C ILE A 282 15.92 11.94 7.90
N ARG A 283 15.78 10.82 7.18
CA ARG A 283 16.54 9.58 7.48
C ARG A 283 18.04 9.84 7.45
N GLU A 284 18.46 10.71 6.52
CA GLU A 284 19.85 11.05 6.31
C GLU A 284 20.40 11.90 7.45
N GLU A 285 19.60 12.86 7.93
CA GLU A 285 19.98 13.69 9.08
C GLU A 285 20.20 12.86 10.35
N ARG A 286 19.35 11.86 10.55
CA ARG A 286 19.42 10.97 11.71
C ARG A 286 20.69 10.13 11.66
N ARG A 287 20.83 9.35 10.58
CA ARG A 287 22.02 8.50 10.35
C ARG A 287 23.30 9.30 10.58
N ALA A 288 23.39 10.45 9.91
CA ALA A 288 24.54 11.34 10.04
C ALA A 288 24.78 11.72 11.49
N ALA A 289 23.73 12.13 12.19
CA ALA A 289 23.85 12.49 13.61
C ALA A 289 24.30 11.29 14.48
N LYS A 290 23.82 10.08 14.18
CA LYS A 290 24.25 8.88 14.91
C LYS A 290 25.71 8.53 14.71
N GLU A 291 26.22 8.82 13.49
CA GLU A 291 27.59 8.49 13.10
C GLU A 291 28.60 9.63 13.24
N GLU A 292 28.24 10.70 13.97
CA GLU A 292 29.16 11.82 14.27
C GLU A 292 29.60 12.61 13.01
N LYS A 293 28.76 12.59 11.98
CA LYS A 293 29.04 13.27 10.71
C LYS A 293 28.27 14.58 10.70
N ARG A 294 28.80 15.56 11.40
CA ARG A 294 28.18 16.88 11.53
C ARG A 294 27.88 17.49 10.16
N LYS A 295 28.92 17.53 9.33
CA LYS A 295 28.85 18.09 7.97
C LYS A 295 27.63 17.60 7.18
N GLU A 296 27.37 16.31 7.26
CA GLU A 296 26.27 15.69 6.53
C GLU A 296 24.90 16.11 7.11
N ARG A 297 24.73 15.92 8.42
CA ARG A 297 23.45 16.20 9.08
C ARG A 297 23.07 17.66 8.98
N VAL A 298 24.03 18.57 9.15
CA VAL A 298 23.75 19.99 9.09
C VAL A 298 23.24 20.33 7.69
N CYS A 299 23.87 19.74 6.68
CA CYS A 299 23.38 19.93 5.32
C CYS A 299 22.01 19.29 5.10
N ALA A 300 21.80 18.10 5.68
CA ALA A 300 20.50 17.41 5.60
C ALA A 300 19.39 18.22 6.30
N GLU A 301 19.72 18.78 7.46
CA GLU A 301 18.83 19.67 8.18
C GLU A 301 18.46 20.88 7.32
N HIS A 302 19.46 21.52 6.71
CA HIS A 302 19.19 22.68 5.84
C HIS A 302 18.45 22.28 4.58
N LEU A 303 18.79 21.12 4.04
CA LEU A 303 18.15 20.61 2.81
C LEU A 303 16.65 20.35 2.99
N LYS A 304 16.24 19.98 4.21
CA LYS A 304 14.82 19.85 4.53
C LYS A 304 14.11 21.19 4.38
N LYS A 305 14.69 22.24 4.96
CA LYS A 305 14.11 23.58 4.92
C LYS A 305 13.97 24.10 3.49
N TYR A 306 14.96 23.79 2.66
CA TYR A 306 14.87 24.16 1.24
C TYR A 306 13.75 23.35 0.57
N ASN A 307 13.66 22.05 0.85
CA ASN A 307 12.57 21.19 0.33
C ASN A 307 11.20 21.66 0.77
N ASP A 308 11.11 22.10 2.03
CA ASP A 308 9.88 22.70 2.54
C ASP A 308 9.49 23.90 1.69
N ALA A 309 10.45 24.78 1.41
CA ALA A 309 10.19 26.00 0.63
C ALA A 309 9.69 25.72 -0.80
N LEU A 310 10.08 24.58 -1.38
CA LEU A 310 9.60 24.20 -2.71
C LEU A 310 8.11 23.88 -2.70
N GLN A 311 7.72 22.97 -1.82
CA GLN A 311 6.29 22.60 -1.68
C GLN A 311 5.38 23.74 -1.15
N ILE A 312 5.97 24.68 -0.39
CA ILE A 312 5.32 25.95 -0.05
C ILE A 312 5.09 26.76 -1.32
N ASN A 313 6.10 26.83 -2.19
CA ASN A 313 5.98 27.51 -3.49
C ASN A 313 4.89 26.86 -4.39
N ASP A 314 4.71 25.55 -4.30
CA ASP A 314 3.64 24.82 -5.01
C ASP A 314 2.20 25.21 -4.60
N THR A 315 2.01 25.63 -3.36
CA THR A 315 0.68 25.75 -2.75
C THR A 315 0.35 27.18 -2.32
N ILE A 316 1.20 27.74 -1.49
CA ILE A 316 1.08 29.11 -1.01
C ILE A 316 1.73 30.03 -2.06
N ARG A 317 1.62 31.34 -1.84
CA ARG A 317 2.53 32.31 -2.47
C ARG A 317 4.01 32.07 -2.10
N MET A 318 4.90 32.54 -2.97
CA MET A 318 6.35 32.26 -2.84
C MET A 318 7.08 33.19 -1.86
N VAL A 319 6.42 34.27 -1.44
CA VAL A 319 6.99 35.14 -0.39
C VAL A 319 7.07 34.37 0.94
N ASP A 320 6.09 33.49 1.18
CA ASP A 320 6.07 32.61 2.34
C ASP A 320 7.18 31.57 2.29
N ALA A 321 7.44 31.01 1.12
CA ALA A 321 8.57 30.09 0.93
C ALA A 321 9.90 30.78 1.28
N TYR A 322 10.07 32.00 0.76
CA TYR A 322 11.23 32.81 1.07
C TYR A 322 11.32 33.05 2.56
N ASN A 323 10.24 33.56 3.14
CA ASN A 323 10.18 33.82 4.57
C ASN A 323 10.50 32.61 5.42
N HIS A 324 10.07 31.43 4.98
CA HIS A 324 10.35 30.19 5.71
C HIS A 324 11.86 29.96 5.88
N LEU A 325 12.61 30.32 4.86
CA LEU A 325 14.07 30.16 4.86
C LEU A 325 14.71 31.28 5.60
N ASN A 326 14.31 32.52 5.29
CA ASN A 326 14.88 33.71 5.93
C ASN A 326 14.82 33.58 7.46
N ASN A 327 13.65 33.20 7.98
CA ASN A 327 13.46 33.05 9.42
C ASN A 327 14.34 31.94 10.00
N PHE A 328 14.53 30.87 9.23
CA PHE A 328 15.38 29.76 9.67
C PHE A 328 16.85 30.14 9.82
N TYR A 329 17.35 30.93 8.87
CA TYR A 329 18.73 31.44 8.89
C TYR A 329 18.91 32.60 9.86
N LYS A 330 17.85 33.39 10.07
CA LYS A 330 17.81 34.36 11.17
C LYS A 330 18.00 33.71 12.55
N GLU A 331 17.32 32.59 12.78
CA GLU A 331 17.44 31.84 14.04
C GLU A 331 18.88 31.41 14.31
N LEU A 332 19.56 30.95 13.27
CA LEU A 332 20.95 30.50 13.39
C LEU A 332 21.92 31.62 13.77
N LYS A 333 21.63 32.85 13.34
CA LYS A 333 22.46 34.01 13.73
C LYS A 333 22.47 34.23 15.25
N ARG A 334 21.29 34.14 15.87
CA ARG A 334 21.19 34.26 17.34
C ARG A 334 21.92 33.14 18.09
N ARG A 335 21.69 31.89 17.67
CA ARG A 335 22.24 30.72 18.36
C ARG A 335 23.76 30.54 18.19
N LYS A 336 24.33 31.10 17.12
CA LYS A 336 25.77 30.99 16.82
C LYS A 336 26.57 32.17 17.35
N THR A 337 26.03 33.38 17.25
CA THR A 337 26.66 34.57 17.79
C THR A 337 26.63 34.53 19.33
N ALA A 338 27.80 34.68 19.95
CA ALA A 338 27.93 34.54 21.40
C ALA A 338 27.42 35.78 22.14
N GLU A 339 27.30 35.65 23.46
CA GLU A 339 26.91 36.75 24.34
C GLU A 339 27.29 36.41 25.80
N SER A 340 26.99 37.33 26.73
CA SER A 340 27.52 37.28 28.10
C SER A 340 29.03 37.17 28.08
N SER A 349 35.06 27.48 18.67
CA SER A 349 34.09 28.36 18.02
C SER A 349 32.86 27.56 17.59
N LYS A 350 31.69 28.17 17.69
CA LYS A 350 30.42 27.54 17.27
C LYS A 350 30.33 27.41 15.76
N GLN A 351 30.68 28.49 15.06
CA GLN A 351 30.56 28.53 13.61
C GLN A 351 31.56 27.59 12.94
N ASP A 352 31.03 26.48 12.43
CA ASP A 352 31.79 25.46 11.72
C ASP A 352 32.08 25.95 10.29
N GLU A 353 32.93 25.22 9.57
CA GLU A 353 33.10 25.46 8.13
C GLU A 353 31.79 25.22 7.38
N THR A 354 31.18 24.05 7.60
CA THR A 354 29.89 23.66 7.00
C THR A 354 28.76 24.68 7.26
N ASP A 355 28.78 25.28 8.46
CA ASP A 355 27.79 26.27 8.85
C ASP A 355 28.02 27.57 8.09
N GLU A 356 29.28 28.01 8.07
CA GLU A 356 29.68 29.24 7.37
C GLU A 356 29.49 29.14 5.85
N PHE A 357 29.66 27.93 5.32
CA PHE A 357 29.43 27.65 3.89
C PHE A 357 27.97 27.88 3.53
N LEU A 358 27.09 27.21 4.26
CA LEU A 358 25.63 27.24 4.02
C LEU A 358 25.05 28.62 4.26
N MET A 359 25.54 29.29 5.30
CA MET A 359 25.06 30.64 5.64
C MET A 359 25.40 31.63 4.53
N ARG A 360 26.68 31.66 4.16
CA ARG A 360 27.15 32.46 3.01
C ARG A 360 26.37 32.15 1.74
N LEU A 361 26.20 30.85 1.46
CA LEU A 361 25.42 30.34 0.30
C LEU A 361 24.03 30.98 0.19
N PHE A 362 23.31 31.02 1.32
CA PHE A 362 22.00 31.64 1.37
C PHE A 362 22.12 33.15 1.25
N HIS A 363 23.05 33.76 1.99
CA HIS A 363 23.26 35.22 1.94
C HIS A 363 23.64 35.73 0.54
N ALA A 364 24.30 34.88 -0.25
CA ALA A 364 24.63 35.21 -1.65
C ALA A 364 23.39 35.23 -2.52
N LYS A 365 22.63 34.14 -2.51
CA LYS A 365 21.44 34.01 -3.36
C LYS A 365 20.13 34.63 -2.77
N LYS A 366 20.22 35.23 -1.58
CA LYS A 366 19.08 35.87 -0.88
C LYS A 366 18.36 36.96 -1.70
N LYS A 367 19.03 38.10 -1.92
CA LYS A 367 18.44 39.23 -2.66
C LYS A 367 17.71 38.83 -3.94
N GLN A 368 18.29 37.85 -4.66
CA GLN A 368 17.67 37.29 -5.87
C GLN A 368 16.32 36.67 -5.59
N LEU A 369 16.25 35.85 -4.55
CA LEU A 369 14.99 35.20 -4.15
C LEU A 369 13.94 36.23 -3.71
N LYS A 370 14.36 37.19 -2.88
CA LYS A 370 13.45 38.24 -2.38
C LYS A 370 12.86 39.06 -3.52
N GLU A 371 13.73 39.59 -4.38
CA GLU A 371 13.29 40.40 -5.53
C GLU A 371 12.53 39.61 -6.59
N LEU A 372 12.77 38.29 -6.61
CA LEU A 372 12.01 37.37 -7.48
C LEU A 372 10.64 37.00 -6.89
N ALA A 373 10.57 36.91 -5.55
CA ALA A 373 9.33 36.59 -4.84
C ALA A 373 8.27 37.69 -4.92
N ARG A 374 8.72 38.95 -5.05
CA ARG A 374 7.82 40.11 -5.17
C ARG A 374 7.31 40.37 -6.59
N LYS A 375 7.63 39.49 -7.55
CA LYS A 375 7.06 39.52 -8.89
C LYS A 375 5.76 38.70 -8.84
N PRO A 376 4.58 39.37 -8.91
CA PRO A 376 3.32 38.61 -8.78
C PRO A 376 3.02 37.63 -9.93
N GLU A 377 3.56 37.87 -11.13
CA GLU A 377 3.32 37.01 -12.29
C GLU A 377 3.82 35.57 -12.14
N TYR A 378 4.89 35.37 -11.36
CA TYR A 378 5.48 34.04 -11.13
C TYR A 378 5.00 33.34 -9.85
N ASP A 379 4.04 33.94 -9.13
CA ASP A 379 3.34 33.23 -8.06
C ASP A 379 2.54 32.09 -8.67
N ASN A 380 2.35 31.05 -7.88
CA ASN A 380 1.59 29.84 -8.23
C ASN A 380 0.28 30.05 -9.00
N GLU A 381 -0.05 29.12 -9.91
CA GLU A 381 -1.30 29.22 -10.69
C GLU A 381 -2.55 28.95 -9.84
N LYS A 382 -2.47 27.93 -8.97
CA LYS A 382 -3.57 27.60 -8.05
C LYS A 382 -4.14 28.81 -7.32
N LEU A 383 -3.28 29.74 -6.90
CA LEU A 383 -3.74 30.98 -6.27
C LEU A 383 -4.60 31.84 -7.20
N MET A 384 -4.26 31.93 -8.48
CA MET A 384 -5.12 32.63 -9.45
C MET A 384 -6.42 31.86 -9.70
N LYS A 385 -6.35 30.53 -9.67
CA LYS A 385 -7.56 29.69 -9.77
C LYS A 385 -8.47 29.86 -8.54
N LEU A 386 -7.84 29.92 -7.36
CA LEU A 386 -8.55 30.23 -6.11
C LEU A 386 -9.18 31.62 -6.17
N ARG A 387 -8.36 32.63 -6.42
CA ARG A 387 -8.82 34.02 -6.65
C ARG A 387 -10.04 34.07 -7.56
N ASN A 388 -9.94 33.45 -8.74
CA ASN A 388 -11.04 33.42 -9.71
C ASN A 388 -12.32 32.76 -9.21
N THR A 389 -12.15 31.65 -8.49
CA THR A 389 -13.30 30.90 -7.97
C THR A 389 -13.97 31.67 -6.82
N LEU A 390 -13.18 32.36 -6.00
CA LEU A 390 -13.73 33.27 -4.99
C LEU A 390 -14.50 34.44 -5.62
N MET A 391 -13.81 35.23 -6.44
CA MET A 391 -14.34 36.50 -6.96
C MET A 391 -15.69 36.38 -7.67
N GLU A 392 -15.91 35.30 -8.42
CA GLU A 392 -17.20 35.09 -9.09
C GLU A 392 -18.28 34.60 -8.11
N GLU A 393 -17.90 33.73 -7.18
CA GLU A 393 -18.85 33.11 -6.24
C GLU A 393 -19.24 34.03 -5.08
N PHE A 394 -18.36 34.98 -4.74
CA PHE A 394 -18.67 36.07 -3.79
C PHE A 394 -19.30 37.33 -4.47
N THR A 395 -19.76 37.18 -5.71
CA THR A 395 -20.56 38.21 -6.40
C THR A 395 -21.91 37.68 -6.92
N LYS A 396 -22.32 36.49 -6.51
CA LYS A 396 -23.64 35.95 -6.86
C LYS A 396 -24.74 36.47 -5.93
N THR A 397 -24.46 36.44 -4.62
CA THR A 397 -25.39 36.90 -3.57
C THR A 397 -24.82 38.13 -2.85
N GLU A 398 -25.70 38.94 -2.26
CA GLU A 398 -25.28 40.11 -1.48
C GLU A 398 -24.76 39.75 -0.07
N GLU A 399 -25.22 38.63 0.48
CA GLU A 399 -24.63 38.05 1.70
C GLU A 399 -24.26 36.58 1.44
N PRO A 400 -23.02 36.34 0.94
CA PRO A 400 -22.49 35.00 0.72
C PRO A 400 -21.51 34.58 1.81
N ARG A 401 -21.36 33.28 2.03
CA ARG A 401 -20.42 32.73 3.03
C ARG A 401 -19.76 31.46 2.49
N GLY A 402 -18.49 31.23 2.86
CA GLY A 402 -17.74 30.11 2.32
C GLY A 402 -16.52 29.68 3.09
N ILE A 403 -15.98 28.52 2.70
CA ILE A 403 -14.86 27.85 3.39
C ILE A 403 -13.77 27.41 2.40
N ILE A 404 -12.50 27.58 2.77
CA ILE A 404 -11.34 27.07 2.02
C ILE A 404 -10.61 26.03 2.86
N PHE A 405 -10.67 24.77 2.40
CA PHE A 405 -9.98 23.66 3.04
C PHE A 405 -8.55 23.52 2.50
N THR A 406 -7.60 24.16 3.17
CA THR A 406 -6.17 23.97 2.88
C THR A 406 -5.61 22.76 3.66
N LYS A 407 -4.46 22.23 3.25
CA LYS A 407 -3.89 21.05 3.93
C LYS A 407 -3.17 21.38 5.25
N THR A 408 -2.14 22.23 5.19
CA THR A 408 -1.31 22.51 6.37
C THR A 408 -1.76 23.75 7.14
N ARG A 409 -1.35 23.82 8.40
CA ARG A 409 -1.64 24.99 9.24
C ARG A 409 -1.04 26.28 8.65
N GLN A 410 0.24 26.18 8.28
CA GLN A 410 0.97 27.29 7.65
C GLN A 410 0.25 27.84 6.41
N SER A 411 -0.30 26.95 5.60
CA SER A 411 -1.06 27.33 4.40
C SER A 411 -2.40 27.99 4.70
N ALA A 412 -2.92 27.79 5.91
CA ALA A 412 -4.09 28.53 6.39
C ALA A 412 -3.71 29.94 6.79
N LEU A 413 -2.72 30.06 7.68
CA LEU A 413 -2.19 31.35 8.10
C LEU A 413 -1.65 32.20 6.94
N ALA A 414 -1.13 31.54 5.91
CA ALA A 414 -0.59 32.23 4.74
C ALA A 414 -1.68 32.73 3.82
N LEU A 415 -2.63 31.86 3.49
CA LEU A 415 -3.77 32.25 2.65
C LEU A 415 -4.62 33.38 3.27
N TYR A 416 -4.63 33.46 4.59
CA TYR A 416 -5.24 34.59 5.31
C TYR A 416 -4.50 35.85 4.91
N HIS A 417 -3.18 35.88 5.17
CA HIS A 417 -2.34 37.05 4.84
C HIS A 417 -2.32 37.36 3.33
N TRP A 418 -2.49 36.33 2.51
CA TRP A 418 -2.67 36.49 1.07
C TRP A 418 -3.93 37.29 0.76
N ILE A 419 -5.03 36.98 1.44
CA ILE A 419 -6.30 37.71 1.24
C ILE A 419 -6.25 39.12 1.82
N MET A 420 -5.60 39.28 2.97
CA MET A 420 -5.40 40.62 3.56
C MET A 420 -4.67 41.53 2.58
N ASP A 421 -3.47 41.12 2.17
CA ASP A 421 -2.59 41.94 1.33
C ASP A 421 -3.07 41.93 -0.13
N ASN A 422 -4.31 42.33 -0.38
CA ASN A 422 -4.96 42.15 -1.71
C ASN A 422 -6.31 42.88 -1.79
N PRO A 423 -6.29 44.24 -1.85
CA PRO A 423 -7.48 45.09 -1.82
C PRO A 423 -8.73 44.70 -2.62
N LYS A 424 -8.60 43.87 -3.65
CA LYS A 424 -9.77 43.48 -4.47
C LYS A 424 -10.68 42.46 -3.78
N PHE A 425 -10.09 41.59 -2.95
CA PHE A 425 -10.87 40.67 -2.13
C PHE A 425 -11.73 41.47 -1.16
N GLU A 426 -11.10 42.34 -0.37
CA GLU A 426 -11.80 43.18 0.59
C GLU A 426 -12.91 44.04 -0.07
N GLU A 427 -12.60 44.63 -1.22
CA GLU A 427 -13.56 45.51 -1.94
C GLU A 427 -14.85 44.79 -2.33
N VAL A 428 -14.74 43.55 -2.80
CA VAL A 428 -15.91 42.78 -3.26
C VAL A 428 -16.76 42.19 -2.10
N GLY A 429 -16.20 42.14 -0.89
CA GLY A 429 -16.92 41.65 0.28
C GLY A 429 -16.16 40.77 1.26
N ILE A 430 -15.08 40.13 0.79
CA ILE A 430 -14.39 39.09 1.55
C ILE A 430 -13.60 39.64 2.75
N LYS A 431 -14.08 39.31 3.95
CA LYS A 431 -13.33 39.48 5.20
C LYS A 431 -13.10 38.08 5.74
N ALA A 432 -11.83 37.65 5.74
CA ALA A 432 -11.47 36.27 6.03
C ALA A 432 -10.79 36.08 7.37
N HIS A 433 -10.71 34.82 7.79
CA HIS A 433 -9.94 34.42 8.97
C HIS A 433 -9.64 32.92 8.95
N PHE A 434 -8.50 32.57 9.52
CA PHE A 434 -8.02 31.19 9.55
C PHE A 434 -8.69 30.44 10.69
N LEU A 435 -8.80 29.13 10.55
CA LEU A 435 -9.38 28.27 11.58
C LEU A 435 -8.63 26.95 11.62
N ILE A 436 -7.74 26.82 12.59
CA ILE A 436 -6.78 25.72 12.63
C ILE A 436 -7.11 24.78 13.77
N GLY A 437 -6.17 23.93 14.17
CA GLY A 437 -6.39 22.94 15.22
C GLY A 437 -5.96 23.41 16.60
N ALA A 438 -5.96 22.46 17.53
CA ALA A 438 -5.70 22.71 18.95
C ALA A 438 -4.36 22.14 19.46
N GLY A 439 -3.86 21.07 18.83
CA GLY A 439 -2.71 20.32 19.33
C GLY A 439 -1.40 21.07 19.43
N HIS A 440 -0.47 20.49 20.19
CA HIS A 440 0.87 21.06 20.42
C HIS A 440 1.98 20.23 19.72
N ASN A 441 1.57 19.40 18.74
CA ASN A 441 2.47 18.56 17.96
C ASN A 441 2.56 19.06 16.52
N SER A 442 2.75 20.36 16.35
CA SER A 442 2.92 20.98 15.03
C SER A 442 3.92 22.13 15.13
N GLU A 443 4.60 22.40 14.02
CA GLU A 443 5.57 23.49 13.97
C GLU A 443 4.90 24.86 13.89
N THR A 444 3.64 24.89 13.46
CA THR A 444 2.76 26.05 13.62
C THR A 444 2.08 25.95 14.99
N LYS A 445 1.93 27.08 15.68
CA LYS A 445 1.29 27.09 17.02
C LYS A 445 -0.24 27.26 16.94
N PRO A 446 -0.98 26.48 17.76
CA PRO A 446 -2.41 26.21 17.55
C PRO A 446 -3.35 27.37 17.92
N MET A 447 -4.65 27.09 17.83
CA MET A 447 -5.69 27.92 18.43
C MET A 447 -6.21 27.26 19.71
N THR A 448 -6.65 28.07 20.67
CA THR A 448 -7.31 27.56 21.88
C THR A 448 -8.71 27.11 21.52
N GLN A 449 -9.25 26.15 22.28
CA GLN A 449 -10.65 25.74 22.19
C GLN A 449 -11.55 26.97 22.09
N ASN A 450 -11.28 27.94 22.96
CA ASN A 450 -12.03 29.19 23.03
C ASN A 450 -11.87 30.08 21.78
N GLU A 451 -10.65 30.16 21.26
CA GLU A 451 -10.35 30.97 20.07
C GLU A 451 -11.10 30.47 18.83
N GLN A 452 -11.38 29.17 18.77
CA GLN A 452 -12.16 28.57 17.68
C GLN A 452 -13.61 29.04 17.71
N ARG A 453 -14.19 29.12 18.91
CA ARG A 453 -15.55 29.68 19.11
C ARG A 453 -15.62 31.14 18.67
N GLU A 454 -14.64 31.92 19.11
CA GLU A 454 -14.53 33.34 18.78
C GLU A 454 -14.64 33.60 17.26
N VAL A 455 -14.02 32.73 16.46
CA VAL A 455 -14.10 32.80 14.98
C VAL A 455 -15.42 32.27 14.44
N ILE A 456 -15.77 31.05 14.84
CA ILE A 456 -16.93 30.34 14.28
C ILE A 456 -18.25 31.08 14.58
N ASP A 457 -18.33 31.65 15.78
CA ASP A 457 -19.49 32.47 16.15
C ASP A 457 -19.45 33.84 15.47
N LYS A 458 -18.25 34.39 15.23
CA LYS A 458 -18.13 35.56 14.33
C LYS A 458 -18.58 35.23 12.91
N PHE A 459 -18.27 34.03 12.44
CA PHE A 459 -18.63 33.57 11.10
C PHE A 459 -20.14 33.56 10.86
N ARG A 460 -20.90 33.04 11.82
CA ARG A 460 -22.37 33.02 11.72
C ARG A 460 -23.00 34.41 11.89
N GLY A 461 -22.30 35.29 12.60
CA GLY A 461 -22.71 36.69 12.71
C GLY A 461 -22.56 37.52 11.44
N GLY A 462 -21.64 37.12 10.56
CA GLY A 462 -21.31 37.89 9.36
C GLY A 462 -20.08 38.79 9.52
N SER A 463 -19.51 38.83 10.72
CA SER A 463 -18.28 39.57 11.00
C SER A 463 -17.11 39.01 10.18
N ILE A 464 -17.00 37.67 10.18
CA ILE A 464 -16.04 36.94 9.34
C ILE A 464 -16.85 36.26 8.24
N ASN A 465 -16.38 36.43 7.01
CA ASN A 465 -17.10 36.01 5.81
C ASN A 465 -16.61 34.68 5.22
N LEU A 466 -15.35 34.32 5.51
CA LEU A 466 -14.63 33.26 4.81
C LEU A 466 -13.66 32.54 5.74
N LEU A 467 -13.94 31.27 6.01
CA LEU A 467 -13.06 30.46 6.85
C LEU A 467 -11.99 29.77 6.00
N ILE A 468 -10.73 29.95 6.38
CA ILE A 468 -9.61 29.27 5.75
C ILE A 468 -9.17 28.24 6.77
N ALA A 469 -9.62 27.01 6.61
CA ALA A 469 -9.49 26.02 7.67
C ALA A 469 -8.78 24.76 7.25
N THR A 470 -8.17 24.09 8.24
CA THR A 470 -7.65 22.74 8.06
C THR A 470 -8.85 21.77 8.18
N THR A 471 -8.61 20.46 8.37
CA THR A 471 -9.71 19.48 8.49
C THR A 471 -10.73 19.84 9.58
N VAL A 472 -10.26 20.48 10.66
CA VAL A 472 -11.09 20.90 11.82
C VAL A 472 -12.55 21.28 11.49
N ALA A 473 -12.75 22.03 10.40
CA ALA A 473 -14.07 22.49 10.01
C ALA A 473 -14.95 21.42 9.36
N GLU A 474 -14.40 20.25 9.02
CA GLU A 474 -15.15 19.30 8.22
C GLU A 474 -16.25 18.55 9.02
N GLU A 475 -15.90 18.03 10.20
CA GLU A 475 -16.83 17.22 11.00
C GLU A 475 -17.32 17.92 12.29
N GLY A 476 -18.60 17.67 12.61
CA GLY A 476 -19.17 17.94 13.94
C GLY A 476 -19.68 19.34 14.15
N LEU A 477 -18.75 20.27 14.37
CA LEU A 477 -19.02 21.65 14.81
C LEU A 477 -20.12 22.32 13.99
N ASP A 478 -20.99 23.06 14.65
CA ASP A 478 -22.08 23.77 13.98
C ASP A 478 -21.51 25.03 13.36
N ILE A 479 -21.17 24.94 12.07
CA ILE A 479 -20.72 26.08 11.26
C ILE A 479 -21.89 26.50 10.37
N LYS A 480 -22.00 27.80 10.15
CA LYS A 480 -23.05 28.36 9.28
C LYS A 480 -23.03 27.71 7.89
N GLU A 481 -24.19 27.68 7.23
CA GLU A 481 -24.31 27.15 5.86
C GLU A 481 -23.50 28.02 4.89
N CYS A 482 -23.00 27.40 3.82
CA CYS A 482 -22.09 28.06 2.88
C CYS A 482 -22.58 28.04 1.43
N ASN A 483 -22.32 29.13 0.71
CA ASN A 483 -22.61 29.25 -0.71
C ASN A 483 -21.52 28.62 -1.55
N ILE A 484 -20.30 28.63 -1.00
CA ILE A 484 -19.12 28.02 -1.64
C ILE A 484 -18.28 27.26 -0.62
N VAL A 485 -17.79 26.10 -1.01
CA VAL A 485 -16.78 25.40 -0.21
C VAL A 485 -15.70 24.91 -1.16
N ILE A 486 -14.47 25.33 -0.90
CA ILE A 486 -13.31 25.11 -1.77
C ILE A 486 -12.38 24.13 -1.08
N ARG A 487 -12.11 23.00 -1.72
CA ARG A 487 -11.02 22.14 -1.29
C ARG A 487 -9.76 22.52 -2.07
N TYR A 488 -8.86 23.24 -1.41
CA TYR A 488 -7.67 23.81 -2.05
C TYR A 488 -6.57 22.77 -2.06
N GLY A 489 -6.70 21.86 -3.02
CA GLY A 489 -5.77 20.76 -3.20
C GLY A 489 -5.69 19.83 -2.02
N LEU A 490 -6.80 19.71 -1.29
CA LEU A 490 -6.89 18.84 -0.14
C LEU A 490 -7.88 17.74 -0.48
N VAL A 491 -7.42 16.50 -0.39
CA VAL A 491 -8.28 15.34 -0.45
C VAL A 491 -7.89 14.45 0.71
N THR A 492 -8.90 13.93 1.41
CA THR A 492 -8.69 12.97 2.49
C THR A 492 -9.50 11.72 2.11
N ASN A 493 -10.52 11.32 2.90
CA ASN A 493 -11.33 10.13 2.58
C ASN A 493 -12.71 10.51 2.11
N GLU A 494 -13.50 9.49 1.74
CA GLU A 494 -14.90 9.66 1.30
C GLU A 494 -15.80 10.36 2.31
N ILE A 495 -15.65 9.98 3.58
CA ILE A 495 -16.40 10.57 4.69
C ILE A 495 -16.20 12.09 4.71
N ALA A 496 -14.96 12.52 4.87
CA ALA A 496 -14.64 13.95 4.91
C ALA A 496 -15.05 14.66 3.62
N MET A 497 -14.97 13.93 2.50
CA MET A 497 -15.42 14.48 1.23
C MET A 497 -16.86 14.94 1.40
N VAL A 498 -17.73 14.00 1.79
CA VAL A 498 -19.19 14.25 1.82
C VAL A 498 -19.56 15.22 2.94
N GLN A 499 -18.83 15.15 4.07
CA GLN A 499 -18.93 16.17 5.12
C GLN A 499 -18.69 17.57 4.58
N ALA A 500 -17.64 17.73 3.78
CA ALA A 500 -17.30 19.06 3.22
C ALA A 500 -18.39 19.57 2.29
N ARG A 501 -19.00 18.68 1.51
CA ARG A 501 -20.16 19.03 0.67
C ARG A 501 -21.37 19.45 1.51
N GLY A 502 -21.55 18.77 2.65
CA GLY A 502 -22.57 19.12 3.62
C GLY A 502 -22.45 20.52 4.22
N ARG A 503 -21.22 21.02 4.34
CA ARG A 503 -21.02 22.39 4.84
C ARG A 503 -21.52 23.47 3.88
N ALA A 504 -21.69 23.13 2.61
CA ALA A 504 -22.25 24.04 1.62
C ALA A 504 -23.60 23.53 1.15
N ARG A 505 -24.66 23.99 1.84
CA ARG A 505 -26.04 23.63 1.50
C ARG A 505 -27.02 24.84 1.58
N ALA A 506 -26.51 26.05 1.40
CA ALA A 506 -27.36 27.24 1.23
C ALA A 506 -27.99 27.25 -0.16
N ASP A 507 -28.66 28.35 -0.52
CA ASP A 507 -29.15 28.51 -1.90
C ASP A 507 -27.96 28.68 -2.86
N GLU A 508 -28.04 28.02 -4.02
CA GLU A 508 -27.00 28.10 -5.05
C GLU A 508 -25.63 27.76 -4.47
N SER A 509 -25.55 26.57 -3.89
CA SER A 509 -24.32 26.10 -3.26
C SER A 509 -23.38 25.53 -4.31
N THR A 510 -22.08 25.59 -4.01
CA THR A 510 -21.02 25.14 -4.91
C THR A 510 -19.92 24.43 -4.12
N TYR A 511 -19.52 23.24 -4.56
CA TYR A 511 -18.40 22.47 -3.96
C TYR A 511 -17.28 22.34 -4.99
N ALA A 512 -16.20 23.08 -4.77
CA ALA A 512 -15.10 23.17 -5.74
C ALA A 512 -13.86 22.47 -5.22
N LEU A 513 -13.13 21.84 -6.14
CA LEU A 513 -11.82 21.23 -5.85
C LEU A 513 -10.78 21.88 -6.74
N VAL A 514 -9.84 22.61 -6.13
CA VAL A 514 -8.80 23.34 -6.85
C VAL A 514 -7.46 22.65 -6.61
N ALA A 515 -7.13 21.69 -7.47
CA ALA A 515 -5.85 20.97 -7.44
C ALA A 515 -5.07 21.21 -8.72
N SER A 516 -3.81 20.76 -8.75
CA SER A 516 -2.99 20.81 -9.95
C SER A 516 -2.74 19.41 -10.48
N SER A 517 -2.53 19.30 -11.80
CA SER A 517 -2.31 18.02 -12.47
C SER A 517 -1.15 17.20 -11.87
N GLY A 518 -0.13 17.90 -11.38
CA GLY A 518 1.01 17.27 -10.73
C GLY A 518 0.75 16.66 -9.36
N SER A 519 -0.34 17.07 -8.70
CA SER A 519 -0.70 16.58 -7.37
C SER A 519 -1.02 15.10 -7.38
N GLY A 520 -1.90 14.69 -8.28
CA GLY A 520 -2.55 13.38 -8.21
C GLY A 520 -3.89 13.46 -7.48
N ALA A 521 -4.28 14.68 -7.09
CA ALA A 521 -5.39 14.93 -6.17
C ALA A 521 -6.74 14.90 -6.86
N VAL A 522 -6.77 15.29 -8.12
CA VAL A 522 -7.97 15.17 -8.93
C VAL A 522 -8.39 13.69 -9.06
N GLU A 523 -7.41 12.81 -9.22
CA GLU A 523 -7.63 11.36 -9.38
C GLU A 523 -7.93 10.68 -8.04
N ARG A 524 -7.39 11.23 -6.95
CA ARG A 524 -7.71 10.76 -5.59
C ARG A 524 -9.11 11.13 -5.18
N GLU A 525 -9.56 12.34 -5.50
CA GLU A 525 -10.97 12.71 -5.26
C GLU A 525 -11.89 11.85 -6.10
N ASP A 526 -11.52 11.58 -7.36
CA ASP A 526 -12.30 10.67 -8.22
C ASP A 526 -12.43 9.26 -7.68
N VAL A 527 -11.43 8.78 -6.93
CA VAL A 527 -11.54 7.46 -6.29
C VAL A 527 -12.54 7.56 -5.12
N ASN A 528 -12.52 8.66 -4.37
CA ASN A 528 -13.49 8.90 -3.30
C ASN A 528 -14.94 8.99 -3.80
N ILE A 529 -15.14 9.51 -5.00
CA ILE A 529 -16.45 9.57 -5.65
C ILE A 529 -16.94 8.17 -6.03
N PHE A 530 -15.99 7.32 -6.44
CA PHE A 530 -16.25 5.90 -6.69
C PHE A 530 -16.53 5.18 -5.37
N ARG A 531 -15.72 5.47 -4.36
CA ARG A 531 -15.89 4.87 -3.02
C ARG A 531 -17.24 5.22 -2.39
N GLU A 532 -17.61 6.50 -2.40
CA GLU A 532 -18.92 6.95 -1.91
C GLU A 532 -20.04 6.15 -2.59
N ASN A 533 -19.99 6.04 -3.91
CA ASN A 533 -21.00 5.28 -4.64
C ASN A 533 -21.02 3.79 -4.26
N MET A 534 -19.87 3.21 -3.93
CA MET A 534 -19.83 1.85 -3.38
C MET A 534 -20.59 1.78 -2.06
N MET A 535 -20.33 2.77 -1.19
CA MET A 535 -20.90 2.86 0.16
C MET A 535 -22.42 2.81 0.13
N TYR A 536 -23.05 3.58 -0.77
CA TYR A 536 -24.52 3.55 -0.90
C TYR A 536 -25.02 2.18 -1.34
N LYS A 537 -24.25 1.51 -2.21
CA LYS A 537 -24.59 0.15 -2.66
C LYS A 537 -24.30 -0.94 -1.63
N ALA A 538 -23.30 -0.73 -0.77
CA ALA A 538 -23.04 -1.67 0.35
C ALA A 538 -24.09 -1.56 1.45
N ILE A 539 -24.60 -0.35 1.67
CA ILE A 539 -25.75 -0.12 2.57
C ILE A 539 -27.01 -0.78 2.00
N ARG A 540 -27.27 -0.59 0.71
CA ARG A 540 -28.45 -1.17 0.07
C ARG A 540 -28.46 -2.71 0.11
N ARG A 541 -27.28 -3.32 0.21
CA ARG A 541 -27.16 -4.78 0.24
C ARG A 541 -27.24 -5.35 1.66
N VAL A 542 -26.58 -4.73 2.65
CA VAL A 542 -26.72 -5.17 4.06
C VAL A 542 -28.15 -4.99 4.59
N GLN A 543 -28.84 -3.95 4.12
CA GLN A 543 -30.27 -3.79 4.39
C GLN A 543 -31.08 -4.92 3.76
N GLU A 544 -30.90 -5.16 2.46
CA GLU A 544 -31.61 -6.24 1.75
C GLU A 544 -31.21 -7.66 2.20
N MET A 545 -30.07 -7.78 2.89
CA MET A 545 -29.55 -9.07 3.38
C MET A 545 -30.56 -9.81 4.27
N PRO A 546 -30.86 -11.09 3.95
CA PRO A 546 -31.69 -11.94 4.83
C PRO A 546 -31.14 -12.08 6.26
N PRO A 547 -32.02 -12.13 7.29
CA PRO A 547 -31.56 -11.98 8.67
C PRO A 547 -30.69 -13.12 9.20
N GLU A 548 -30.91 -14.35 8.75
CA GLU A 548 -30.08 -15.49 9.16
C GLU A 548 -28.63 -15.31 8.74
N GLU A 549 -28.45 -14.76 7.54
CA GLU A 549 -27.13 -14.41 6.99
C GLU A 549 -26.50 -13.24 7.76
N TYR A 550 -27.25 -12.15 7.89
CA TYR A 550 -26.80 -10.94 8.61
C TYR A 550 -26.39 -11.22 10.03
N LEU A 551 -27.20 -12.00 10.73
CA LEU A 551 -26.90 -12.42 12.09
C LEU A 551 -25.55 -13.11 12.12
N ASN A 552 -25.40 -14.12 11.27
CA ASN A 552 -24.23 -14.99 11.31
C ASN A 552 -22.93 -14.27 10.99
N LYS A 553 -23.01 -13.26 10.11
CA LYS A 553 -21.85 -12.43 9.76
C LYS A 553 -21.48 -11.45 10.87
N ILE A 554 -22.47 -10.78 11.45
CA ILE A 554 -22.24 -9.83 12.55
C ILE A 554 -21.61 -10.52 13.76
N GLN A 555 -22.16 -11.67 14.14
CA GLN A 555 -21.60 -12.48 15.23
C GLN A 555 -20.14 -12.87 14.99
N ASP A 556 -19.81 -13.17 13.73
CA ASP A 556 -18.44 -13.53 13.34
C ASP A 556 -17.48 -12.34 13.45
N PHE A 557 -17.91 -11.15 12.98
CA PHE A 557 -17.07 -9.94 13.07
C PHE A 557 -16.85 -9.53 14.51
N GLN A 558 -17.91 -9.60 15.33
CA GLN A 558 -17.81 -9.37 16.77
C GLN A 558 -16.87 -10.34 17.46
N LEU A 559 -16.91 -11.62 17.07
CA LEU A 559 -16.02 -12.63 17.66
C LEU A 559 -14.56 -12.32 17.38
N GLN A 560 -14.26 -11.87 16.16
CA GLN A 560 -12.89 -11.49 15.78
C GLN A 560 -12.51 -10.06 16.21
N SER A 561 -13.49 -9.20 16.46
CA SER A 561 -13.25 -7.87 17.04
C SER A 561 -12.67 -7.96 18.46
N ILE A 562 -13.10 -8.97 19.21
CA ILE A 562 -12.58 -9.23 20.56
C ILE A 562 -11.16 -9.81 20.49
N VAL A 563 -10.92 -10.67 19.49
CA VAL A 563 -9.60 -11.28 19.26
C VAL A 563 -8.57 -10.24 18.77
N GLU A 564 -9.03 -9.22 18.04
CA GLU A 564 -8.19 -8.08 17.66
C GLU A 564 -7.64 -7.32 18.88
N LYS A 565 -8.43 -7.27 19.97
CA LYS A 565 -7.97 -6.71 21.25
C LYS A 565 -6.95 -7.62 21.95
N GLN A 566 -7.15 -8.95 21.87
CA GLN A 566 -6.23 -9.93 22.49
C GLN A 566 -4.83 -9.91 21.88
N MET A 567 -4.74 -9.63 20.57
CA MET A 567 -3.45 -9.52 19.87
C MET A 567 -2.72 -8.21 20.21
N LYS A 568 -3.48 -7.14 20.43
CA LYS A 568 -2.92 -5.89 20.98
C LYS A 568 -2.58 -6.02 22.48
N ALA A 569 -3.35 -6.84 23.21
CA ALA A 569 -3.06 -7.14 24.62
C ALA A 569 -1.76 -7.93 24.82
N LYS A 570 -1.25 -8.60 23.77
CA LYS A 570 0.10 -9.20 23.77
C LYS A 570 1.17 -8.23 23.28
N ARG A 571 0.82 -7.38 22.31
CA ARG A 571 1.72 -6.30 21.87
C ARG A 571 2.01 -5.27 22.95
N ASP A 572 0.97 -4.75 23.59
CA ASP A 572 1.10 -3.73 24.65
C ASP A 572 1.76 -4.27 25.92
N GLN A 573 1.55 -5.56 26.19
CA GLN A 573 2.11 -6.23 27.38
C GLN A 573 3.66 -6.42 27.34
N ARG A 574 4.28 -6.19 26.18
CA ARG A 574 5.75 -6.15 26.07
C ARG A 574 6.35 -4.95 26.82
N ILE A 584 24.47 4.40 30.63
CA ILE A 584 24.20 4.94 29.29
C ILE A 584 24.39 6.47 29.25
N THR A 585 24.79 6.98 28.08
CA THR A 585 25.34 8.35 27.95
C THR A 585 24.53 9.22 26.99
N PHE A 586 24.55 10.54 27.22
CA PHE A 586 23.81 11.53 26.41
C PHE A 586 24.72 12.54 25.69
N LEU A 587 24.64 12.56 24.36
CA LEU A 587 25.56 13.31 23.49
C LEU A 587 24.80 14.23 22.53
N CYS A 588 25.27 15.47 22.38
CA CYS A 588 24.68 16.47 21.47
C CYS A 588 24.68 15.93 20.04
N LYS A 589 23.49 15.84 19.43
CA LYS A 589 23.35 15.34 18.04
C LYS A 589 24.28 16.00 17.01
N ASN A 590 24.58 17.29 17.21
CA ASN A 590 25.42 18.05 16.28
C ASN A 590 26.90 17.81 16.49
N CYS A 591 27.39 18.09 17.70
CA CYS A 591 28.84 18.05 18.01
C CYS A 591 29.31 16.85 18.83
N HIS A 592 28.41 15.93 19.15
CA HIS A 592 28.76 14.67 19.84
C HIS A 592 29.48 14.78 21.21
N LYS A 593 29.40 15.93 21.88
CA LYS A 593 30.09 16.11 23.17
C LYS A 593 29.53 15.19 24.27
N LEU A 594 30.36 14.87 25.25
CA LEU A 594 29.94 14.19 26.48
C LEU A 594 29.28 15.20 27.41
N ILE A 595 27.96 15.07 27.63
CA ILE A 595 27.19 16.05 28.41
C ILE A 595 26.61 15.43 29.69
N CYS A 596 25.76 14.40 29.54
CA CYS A 596 25.05 13.79 30.66
C CYS A 596 25.14 12.28 30.67
N SER A 597 25.14 11.73 31.88
CA SER A 597 24.96 10.32 32.12
C SER A 597 23.46 10.06 32.31
N GLY A 598 23.06 8.78 32.36
CA GLY A 598 21.70 8.41 32.72
C GLY A 598 21.38 8.75 34.17
N GLU A 599 22.38 8.54 35.05
CA GLU A 599 22.28 8.91 36.47
C GLU A 599 22.12 10.42 36.73
N ASP A 600 22.63 11.27 35.83
CA ASP A 600 22.47 12.73 35.96
C ASP A 600 21.04 13.25 35.71
N ILE A 601 20.19 12.46 35.05
CA ILE A 601 18.82 12.87 34.68
C ILE A 601 17.78 12.36 35.67
N GLN A 602 16.83 13.24 36.01
CA GLN A 602 15.71 12.96 36.91
C GLN A 602 14.43 13.61 36.37
N VAL A 603 13.29 12.93 36.54
CA VAL A 603 12.00 13.40 36.03
C VAL A 603 11.40 14.43 36.99
N ILE A 604 10.71 15.42 36.43
CA ILE A 604 9.83 16.31 37.20
C ILE A 604 8.41 15.98 36.76
N GLU A 605 7.50 15.92 37.74
CA GLU A 605 6.13 15.47 37.51
C GLU A 605 6.23 14.06 36.89
N ASN A 606 5.68 13.84 35.69
CA ASN A 606 5.79 12.56 35.01
C ASN A 606 6.07 12.77 33.50
N MET A 607 6.92 13.75 33.21
CA MET A 607 7.14 14.21 31.81
C MET A 607 8.39 15.06 31.58
N HIS A 608 8.60 16.12 32.36
CA HIS A 608 9.71 17.04 32.18
C HIS A 608 11.02 16.46 32.74
N HIS A 609 11.84 15.85 31.88
CA HIS A 609 13.14 15.30 32.31
C HIS A 609 14.16 16.44 32.42
N VAL A 610 15.03 16.38 33.44
CA VAL A 610 15.94 17.50 33.79
C VAL A 610 17.28 16.96 34.34
N SER A 611 18.38 17.70 34.12
CA SER A 611 19.70 17.33 34.65
C SER A 611 20.01 18.00 35.99
N VAL A 612 20.75 17.30 36.84
CA VAL A 612 21.02 17.73 38.23
C VAL A 612 22.51 17.95 38.57
N LYS A 613 23.42 17.64 37.63
CA LYS A 613 24.86 17.90 37.84
C LYS A 613 25.12 19.42 37.88
N LYS A 614 26.17 19.85 38.57
CA LYS A 614 26.47 21.30 38.74
C LYS A 614 27.76 21.81 38.08
N ASP A 615 28.51 20.90 37.44
CA ASP A 615 29.35 21.28 36.30
C ASP A 615 28.45 21.74 35.14
N PHE A 616 27.27 21.10 35.03
CA PHE A 616 26.30 21.31 33.94
C PHE A 616 25.91 22.77 33.63
N GLN A 617 26.01 23.65 34.62
CA GLN A 617 25.77 25.09 34.40
C GLN A 617 26.57 25.68 33.22
N HIS A 618 27.81 25.24 33.04
CA HIS A 618 28.75 25.81 32.06
C HIS A 618 28.54 25.33 30.61
N LEU A 619 28.11 24.08 30.44
CA LEU A 619 28.00 23.46 29.10
C LEU A 619 26.81 23.92 28.22
N TYR A 620 25.98 24.86 28.70
CA TYR A 620 24.89 25.44 27.89
C TYR A 620 24.92 26.97 27.85
N HIS A 621 24.16 27.52 26.89
CA HIS A 621 23.97 28.98 26.74
C HIS A 621 22.47 29.31 26.71
N LYS A 622 22.16 30.60 26.83
CA LYS A 622 20.78 31.07 26.97
C LYS A 622 20.46 32.11 25.91
N ARG A 623 19.34 31.92 25.21
CA ARG A 623 18.85 32.88 24.21
C ARG A 623 17.33 32.95 24.31
N GLU A 624 16.70 33.78 23.47
CA GLU A 624 15.23 33.91 23.43
C GLU A 624 14.70 33.85 22.00
N GLU A 640 15.24 29.13 26.28
CA GLU A 640 15.90 28.41 25.19
C GLU A 640 17.34 28.03 25.56
N ILE A 641 17.62 26.72 25.58
CA ILE A 641 18.91 26.16 26.01
C ILE A 641 19.66 25.61 24.80
N ILE A 642 20.82 26.22 24.49
CA ILE A 642 21.67 25.78 23.38
C ILE A 642 23.03 25.30 23.90
N CYS A 643 23.63 24.35 23.20
CA CYS A 643 25.00 23.91 23.44
C CYS A 643 25.98 25.08 23.39
N LYS A 644 26.97 25.08 24.28
CA LYS A 644 27.99 26.14 24.29
C LYS A 644 28.97 25.94 23.13
N ASP A 645 29.41 24.70 22.92
CA ASP A 645 30.32 24.35 21.83
C ASP A 645 29.76 24.64 20.42
N CYS A 646 28.54 24.20 20.13
CA CYS A 646 28.00 24.25 18.76
C CYS A 646 26.71 25.07 18.52
N GLY A 647 25.99 25.45 19.57
CA GLY A 647 24.76 26.23 19.42
C GLY A 647 23.53 25.45 18.96
N GLN A 648 23.53 24.13 19.18
CA GLN A 648 22.38 23.27 18.92
C GLN A 648 21.37 23.42 20.05
N VAL A 649 20.09 23.50 19.72
CA VAL A 649 19.01 23.61 20.72
C VAL A 649 18.93 22.31 21.54
N TRP A 650 18.92 22.44 22.87
CA TRP A 650 18.79 21.32 23.81
C TRP A 650 17.39 21.25 24.45
N GLY A 651 16.84 22.41 24.80
CA GLY A 651 15.47 22.48 25.32
C GLY A 651 15.07 23.89 25.73
N ASN A 652 14.61 24.04 26.98
CA ASN A 652 14.17 25.32 27.52
C ASN A 652 14.25 25.38 29.04
N MET A 653 14.40 26.59 29.58
CA MET A 653 14.46 26.79 31.03
C MET A 653 13.06 26.86 31.60
N MET A 654 12.87 26.22 32.76
CA MET A 654 11.62 26.26 33.52
C MET A 654 11.88 26.71 34.97
N VAL A 655 10.79 26.96 35.71
CA VAL A 655 10.82 27.21 37.15
C VAL A 655 10.07 26.06 37.86
N TYR A 656 10.65 25.54 38.94
CA TYR A 656 10.03 24.49 39.73
C TYR A 656 10.43 24.65 41.21
N ARG A 657 9.51 25.18 42.01
CA ARG A 657 9.73 25.51 43.42
C ARG A 657 10.83 26.58 43.56
N GLY A 658 10.70 27.64 42.75
CA GLY A 658 11.66 28.75 42.73
C GLY A 658 13.08 28.43 42.28
N LEU A 659 13.24 27.34 41.52
CA LEU A 659 14.54 26.90 41.00
C LEU A 659 14.55 26.99 39.47
N ASP A 660 15.51 27.72 38.91
CA ASP A 660 15.72 27.79 37.46
C ASP A 660 16.46 26.54 36.99
N LEU A 661 15.71 25.59 36.40
CA LEU A 661 16.26 24.28 35.97
C LEU A 661 16.12 24.05 34.45
N PRO A 662 17.04 23.27 33.85
CA PRO A 662 17.04 23.03 32.41
C PRO A 662 16.22 21.82 31.98
N CYS A 663 15.21 22.03 31.14
CA CYS A 663 14.46 20.92 30.54
C CYS A 663 15.23 20.41 29.32
N LEU A 664 15.35 19.08 29.21
CA LEU A 664 16.01 18.42 28.07
C LEU A 664 15.02 17.58 27.29
N LYS A 665 14.99 17.78 25.97
CA LYS A 665 14.17 16.99 25.06
C LYS A 665 15.06 15.94 24.35
N ILE A 666 14.50 14.74 24.16
CA ILE A 666 15.23 13.58 23.58
C ILE A 666 15.48 13.68 22.06
N ARG A 667 14.71 14.53 21.38
CA ARG A 667 15.01 14.98 20.00
C ARG A 667 16.50 15.21 19.77
N ASN A 668 17.09 16.02 20.64
CA ASN A 668 18.37 16.70 20.40
C ASN A 668 19.60 16.02 20.99
N PHE A 669 19.52 14.71 21.25
CA PHE A 669 20.67 13.96 21.80
C PHE A 669 20.76 12.57 21.21
N VAL A 670 21.99 12.12 21.04
CA VAL A 670 22.27 10.75 20.66
C VAL A 670 22.50 10.00 21.95
N VAL A 671 21.68 8.97 22.17
CA VAL A 671 21.78 8.12 23.33
C VAL A 671 22.79 7.03 23.00
N ALA A 672 23.75 6.82 23.90
CA ALA A 672 24.83 5.85 23.71
C ALA A 672 24.80 4.78 24.79
N PHE A 673 24.41 3.56 24.41
CA PHE A 673 24.46 2.39 25.30
C PHE A 673 25.86 1.76 25.27
N GLU A 674 26.04 0.59 25.89
CA GLU A 674 27.29 -0.18 25.77
C GLU A 674 27.12 -1.66 26.12
N THR A 679 26.21 0.45 20.40
CA THR A 679 24.97 0.89 19.80
C THR A 679 24.69 2.35 20.15
N LYS A 680 24.16 3.10 19.19
CA LYS A 680 23.69 4.47 19.40
C LYS A 680 22.28 4.63 18.82
N GLU A 681 21.54 5.62 19.32
CA GLU A 681 20.16 5.85 18.89
C GLU A 681 19.67 7.28 19.13
N ILE A 682 18.71 7.69 18.30
CA ILE A 682 17.92 8.90 18.51
C ILE A 682 16.48 8.43 18.69
N PHE A 683 15.93 8.70 19.87
CA PHE A 683 14.52 8.40 20.16
C PHE A 683 13.72 9.68 20.03
N LYS A 684 12.47 9.53 19.61
CA LYS A 684 11.59 10.67 19.31
C LYS A 684 10.98 11.26 20.59
N LYS A 685 10.50 10.37 21.46
CA LYS A 685 9.87 10.72 22.74
C LYS A 685 10.43 9.84 23.86
N TRP A 686 10.62 10.43 25.05
CA TRP A 686 11.25 9.78 26.22
C TRP A 686 10.77 8.36 26.51
N GLY A 687 9.46 8.12 26.37
CA GLY A 687 8.84 6.81 26.63
C GLY A 687 9.37 5.64 25.81
N GLU A 688 10.04 5.94 24.69
CA GLU A 688 10.72 4.93 23.89
C GLU A 688 12.01 4.36 24.51
N LEU A 689 12.59 5.04 25.51
CA LEU A 689 13.79 4.53 26.19
C LEU A 689 13.48 3.30 27.07
N PRO A 690 14.51 2.48 27.39
CA PRO A 690 14.31 1.24 28.15
C PRO A 690 14.32 1.36 29.69
N ILE A 691 15.14 2.26 30.25
CA ILE A 691 15.18 2.49 31.72
C ILE A 691 14.47 3.81 32.04
N ILE A 692 13.76 3.82 33.17
CA ILE A 692 12.95 4.98 33.63
C ILE A 692 13.71 5.69 34.76
N PHE A 693 13.58 7.01 34.80
CA PHE A 693 14.32 7.85 35.75
C PHE A 693 13.45 8.18 36.98
N PRO A 694 14.09 8.41 38.14
CA PRO A 694 13.33 8.69 39.35
C PRO A 694 12.85 10.14 39.38
N ASP A 695 11.81 10.42 40.16
CA ASP A 695 11.30 11.79 40.30
C ASP A 695 12.28 12.66 41.10
N PHE A 696 12.48 13.88 40.62
CA PHE A 696 13.40 14.86 41.21
C PHE A 696 13.34 14.93 42.75
N ASP B 5 14.09 -11.01 -48.89
CA ASP B 5 13.57 -9.72 -49.42
C ASP B 5 12.96 -8.83 -48.31
N LEU B 6 13.76 -7.89 -47.79
CA LEU B 6 13.49 -7.22 -46.51
C LEU B 6 12.71 -5.92 -46.59
N THR B 7 11.39 -6.05 -46.73
CA THR B 7 10.47 -4.89 -46.75
C THR B 7 10.13 -4.40 -45.33
N LEU B 8 9.42 -3.28 -45.26
CA LEU B 8 8.64 -2.89 -44.08
C LEU B 8 7.28 -2.37 -44.55
N ARG B 9 6.24 -2.61 -43.76
CA ARG B 9 4.94 -1.98 -43.98
C ARG B 9 5.07 -0.51 -43.61
N ASP B 10 4.13 0.33 -44.08
CA ASP B 10 4.28 1.79 -43.96
C ASP B 10 4.37 2.30 -42.50
N TYR B 11 3.55 1.72 -41.61
CA TYR B 11 3.63 2.01 -40.16
C TYR B 11 4.95 1.57 -39.54
N GLN B 12 5.43 0.38 -39.92
CA GLN B 12 6.69 -0.14 -39.39
C GLN B 12 7.83 0.82 -39.71
N MET B 13 7.78 1.44 -40.90
CA MET B 13 8.79 2.42 -41.29
C MET B 13 8.75 3.66 -40.39
N GLU B 14 7.57 4.28 -40.32
CA GLU B 14 7.33 5.49 -39.50
C GLU B 14 7.95 5.43 -38.10
N VAL B 15 7.81 4.25 -37.50
CA VAL B 15 8.33 3.94 -36.16
C VAL B 15 9.86 3.74 -36.17
N ALA B 16 10.36 3.11 -37.24
CA ALA B 16 11.80 2.80 -37.39
C ALA B 16 12.67 3.98 -37.81
N LYS B 17 12.11 4.90 -38.61
CA LYS B 17 12.87 6.00 -39.23
C LYS B 17 13.99 6.63 -38.39
N PRO B 18 13.70 7.06 -37.16
CA PRO B 18 14.76 7.70 -36.38
C PRO B 18 15.90 6.75 -35.99
N ALA B 19 15.58 5.47 -35.80
CA ALA B 19 16.62 4.44 -35.55
C ALA B 19 17.51 4.21 -36.78
N LEU B 20 16.92 4.27 -37.97
CA LEU B 20 17.67 4.20 -39.23
C LEU B 20 18.63 5.38 -39.36
N ASN B 21 18.22 6.55 -38.85
CA ASN B 21 19.08 7.74 -38.78
C ASN B 21 19.95 7.86 -37.51
N GLY B 22 20.06 6.78 -36.73
CA GLY B 22 21.03 6.72 -35.64
C GLY B 22 20.58 7.10 -34.24
N GLU B 23 19.34 7.61 -34.11
CA GLU B 23 18.80 8.06 -32.81
C GLU B 23 18.42 6.87 -31.91
N ASN B 24 18.82 6.95 -30.63
CA ASN B 24 18.39 5.97 -29.63
C ASN B 24 16.92 6.18 -29.36
N ILE B 25 16.11 5.13 -29.54
CA ILE B 25 14.66 5.25 -29.35
C ILE B 25 14.03 3.99 -28.77
N ILE B 26 12.82 4.17 -28.24
CA ILE B 26 11.93 3.09 -27.82
C ILE B 26 10.83 3.01 -28.86
N ILE B 27 10.41 1.78 -29.16
CA ILE B 27 9.41 1.53 -30.17
C ILE B 27 8.23 0.85 -29.49
N CYS B 28 7.03 1.40 -29.72
CA CYS B 28 5.78 0.89 -29.17
C CYS B 28 4.90 0.42 -30.32
N LEU B 29 4.92 -0.89 -30.55
CA LEU B 29 4.10 -1.52 -31.60
C LEU B 29 3.31 -2.68 -30.99
N PRO B 30 1.97 -2.71 -31.21
CA PRO B 30 1.14 -3.79 -30.68
C PRO B 30 1.56 -5.21 -31.04
N THR B 31 1.03 -6.15 -30.29
CA THR B 31 1.28 -7.57 -30.50
C THR B 31 0.60 -8.02 -31.79
N GLY B 32 1.40 -8.56 -32.71
CA GLY B 32 0.95 -8.92 -34.06
C GLY B 32 1.35 -7.93 -35.16
N SER B 33 1.95 -6.81 -34.77
CA SER B 33 2.45 -5.81 -35.72
C SER B 33 3.76 -6.23 -36.37
N GLY B 34 4.63 -6.86 -35.59
CA GLY B 34 5.95 -7.31 -36.09
C GLY B 34 7.04 -6.33 -35.71
N LYS B 35 7.23 -6.15 -34.41
CA LYS B 35 8.33 -5.34 -33.87
C LYS B 35 9.71 -5.96 -34.15
N THR B 36 9.81 -7.29 -34.13
CA THR B 36 11.09 -7.98 -34.39
C THR B 36 11.56 -7.75 -35.82
N ARG B 37 10.64 -7.80 -36.78
CA ARG B 37 10.95 -7.49 -38.18
C ARG B 37 11.55 -6.08 -38.35
N VAL B 38 11.10 -5.12 -37.54
CA VAL B 38 11.70 -3.78 -37.51
C VAL B 38 13.12 -3.83 -36.94
N ALA B 39 13.36 -4.69 -35.96
CA ALA B 39 14.73 -4.90 -35.45
C ALA B 39 15.66 -5.40 -36.57
N VAL B 40 15.21 -6.44 -37.28
CA VAL B 40 15.95 -7.02 -38.41
C VAL B 40 16.30 -5.95 -39.45
N TYR B 41 15.29 -5.23 -39.93
CA TYR B 41 15.47 -4.12 -40.88
C TYR B 41 16.44 -3.05 -40.38
N ILE B 42 16.45 -2.80 -39.07
CA ILE B 42 17.37 -1.82 -38.50
C ILE B 42 18.79 -2.38 -38.36
N THR B 43 18.94 -3.66 -38.00
CA THR B 43 20.28 -4.25 -37.87
C THR B 43 20.99 -4.25 -39.21
N LYS B 44 20.31 -4.78 -40.23
CA LYS B 44 20.84 -4.76 -41.59
C LYS B 44 21.20 -3.34 -42.02
N ASP B 45 20.23 -2.42 -41.99
CA ASP B 45 20.49 -1.03 -42.39
C ASP B 45 21.67 -0.44 -41.64
N HIS B 46 21.72 -0.67 -40.34
CA HIS B 46 22.83 -0.21 -39.50
C HIS B 46 24.16 -0.82 -39.95
N LEU B 47 24.18 -2.14 -40.11
CA LEU B 47 25.39 -2.88 -40.49
C LEU B 47 25.88 -2.58 -41.90
N ASP B 48 24.95 -2.47 -42.86
CA ASP B 48 25.27 -2.09 -44.25
C ASP B 48 26.00 -0.74 -44.33
N LYS B 49 25.54 0.25 -43.58
CA LYS B 49 26.16 1.58 -43.58
C LYS B 49 27.54 1.62 -42.93
N LYS B 50 27.82 0.67 -42.04
CA LYS B 50 29.17 0.50 -41.47
C LYS B 50 30.15 -0.20 -42.42
N ARG B 51 29.65 -1.16 -43.20
CA ARG B 51 30.43 -1.74 -44.29
C ARG B 51 30.80 -0.64 -45.26
N LYS B 52 29.78 0.08 -45.74
CA LYS B 52 29.95 1.13 -46.76
C LYS B 52 30.65 2.40 -46.28
N ALA B 53 30.84 2.56 -44.97
CA ALA B 53 31.77 3.58 -44.44
C ALA B 53 33.05 2.95 -43.87
N SER B 54 33.36 1.73 -44.32
CA SER B 54 34.53 0.95 -43.87
C SER B 54 34.81 1.00 -42.36
N GLU B 55 33.91 0.39 -41.58
CA GLU B 55 33.91 0.54 -40.12
C GLU B 55 33.32 -0.69 -39.41
N GLN B 56 33.41 -0.65 -38.07
CA GLN B 56 32.87 -1.69 -37.18
C GLN B 56 31.33 -1.74 -37.21
N GLY B 57 30.80 -2.93 -37.47
CA GLY B 57 29.37 -3.21 -37.33
C GLY B 57 29.20 -4.43 -36.46
N LYS B 58 28.96 -4.20 -35.16
CA LYS B 58 28.62 -5.28 -34.22
C LYS B 58 27.34 -4.96 -33.44
N VAL B 59 26.34 -5.82 -33.59
CA VAL B 59 24.99 -5.63 -33.08
C VAL B 59 24.58 -6.76 -32.12
N ILE B 60 24.20 -6.42 -30.89
CA ILE B 60 23.78 -7.42 -29.89
C ILE B 60 22.31 -7.23 -29.51
N VAL B 61 21.53 -8.28 -29.70
CA VAL B 61 20.09 -8.28 -29.44
C VAL B 61 19.85 -9.06 -28.16
N LEU B 62 19.46 -8.34 -27.10
CA LEU B 62 19.20 -8.93 -25.78
C LEU B 62 17.73 -9.36 -25.63
N VAL B 63 17.52 -10.53 -25.02
CA VAL B 63 16.18 -11.02 -24.70
C VAL B 63 16.12 -11.43 -23.22
N ASN B 64 14.91 -11.76 -22.77
CA ASN B 64 14.65 -12.14 -21.38
C ASN B 64 14.24 -13.61 -21.21
N LYS B 65 14.19 -14.36 -22.32
CA LYS B 65 13.67 -15.74 -22.33
C LYS B 65 14.39 -16.61 -23.36
N VAL B 66 14.88 -17.77 -22.93
CA VAL B 66 15.72 -18.65 -23.75
C VAL B 66 15.06 -19.04 -25.08
N PRO B 67 13.75 -19.38 -25.08
CA PRO B 67 13.10 -19.72 -26.34
C PRO B 67 13.06 -18.59 -27.37
N LEU B 68 13.13 -17.34 -26.92
CA LEU B 68 13.12 -16.19 -27.83
C LEU B 68 14.41 -16.00 -28.64
N VAL B 69 15.52 -16.57 -28.17
CA VAL B 69 16.77 -16.54 -28.93
C VAL B 69 16.61 -17.39 -30.19
N GLU B 70 16.29 -18.67 -29.98
CA GLU B 70 16.10 -19.62 -31.08
C GLU B 70 14.90 -19.26 -31.96
N GLN B 71 13.86 -18.68 -31.37
CA GLN B 71 12.69 -18.20 -32.12
C GLN B 71 13.02 -16.98 -32.98
N HIS B 72 13.79 -16.03 -32.43
CA HIS B 72 14.18 -14.84 -33.21
C HIS B 72 15.13 -15.18 -34.36
N LEU B 73 16.06 -16.10 -34.14
CA LEU B 73 16.88 -16.65 -35.22
C LEU B 73 16.01 -17.24 -36.35
N ARG B 74 15.39 -18.42 -36.11
CA ARG B 74 14.62 -19.13 -37.13
C ARG B 74 13.69 -18.24 -37.96
N LYS B 75 12.90 -17.43 -37.26
CA LYS B 75 11.75 -16.77 -37.86
C LYS B 75 11.99 -15.32 -38.29
N GLU B 76 13.13 -14.73 -37.92
CA GLU B 76 13.42 -13.33 -38.30
C GLU B 76 14.86 -13.02 -38.73
N PHE B 77 15.84 -13.35 -37.90
CA PHE B 77 17.21 -12.86 -38.12
C PHE B 77 18.01 -13.65 -39.18
N ASN B 78 18.05 -14.98 -39.08
CA ASN B 78 18.82 -15.80 -40.02
C ASN B 78 18.38 -15.67 -41.49
N PRO B 79 17.08 -15.81 -41.79
CA PRO B 79 16.63 -15.65 -43.18
C PRO B 79 17.04 -14.35 -43.90
N PHE B 80 17.20 -13.25 -43.15
CA PHE B 80 17.48 -11.95 -43.74
C PHE B 80 18.91 -11.45 -43.53
N LEU B 81 19.73 -12.17 -42.76
CA LEU B 81 21.11 -11.71 -42.44
C LEU B 81 22.25 -12.76 -42.38
N LYS B 82 21.93 -14.06 -42.36
CA LYS B 82 22.95 -15.10 -42.25
C LYS B 82 23.87 -15.12 -43.47
N HIS B 83 23.30 -14.81 -44.63
CA HIS B 83 24.00 -14.89 -45.92
C HIS B 83 24.82 -13.63 -46.22
N TRP B 84 24.58 -12.55 -45.48
CA TRP B 84 25.34 -11.30 -45.57
C TRP B 84 26.28 -11.04 -44.38
N TYR B 85 25.92 -11.53 -43.18
CA TYR B 85 26.71 -11.32 -41.97
C TYR B 85 26.78 -12.58 -41.11
N GLN B 86 27.60 -12.50 -40.07
CA GLN B 86 27.81 -13.61 -39.13
C GLN B 86 26.85 -13.54 -37.94
N VAL B 87 25.80 -14.36 -37.98
CA VAL B 87 24.73 -14.37 -36.97
C VAL B 87 24.87 -15.56 -36.02
N ILE B 88 24.65 -15.33 -34.72
CA ILE B 88 24.66 -16.39 -33.70
C ILE B 88 23.62 -16.20 -32.59
N GLY B 89 23.12 -17.32 -32.06
CA GLY B 89 22.23 -17.35 -30.89
C GLY B 89 22.89 -17.97 -29.66
N LEU B 90 22.83 -17.24 -28.54
CA LEU B 90 23.42 -17.67 -27.26
C LEU B 90 22.40 -17.79 -26.13
N SER B 91 22.71 -18.63 -25.14
CA SER B 91 21.96 -18.71 -23.87
C SER B 91 22.76 -19.51 -22.85
N GLY B 92 22.26 -19.61 -21.64
CA GLY B 92 22.80 -20.53 -20.63
C GLY B 92 22.53 -21.98 -21.01
N ASP B 93 21.42 -22.21 -21.72
CA ASP B 93 21.07 -23.54 -22.27
C ASP B 93 21.99 -24.02 -23.40
N SER B 94 22.65 -23.07 -24.07
CA SER B 94 23.58 -23.39 -25.16
C SER B 94 24.83 -24.09 -24.60
N GLU B 95 25.31 -25.11 -25.31
CA GLU B 95 26.40 -25.99 -24.84
C GLU B 95 27.78 -25.66 -25.44
N LEU B 96 28.02 -24.39 -25.75
CA LEU B 96 29.22 -23.98 -26.48
C LEU B 96 30.50 -24.08 -25.65
N LYS B 97 31.59 -24.41 -26.34
CA LYS B 97 32.92 -24.54 -25.74
C LYS B 97 33.79 -23.31 -26.09
N ILE B 98 33.14 -22.14 -26.22
CA ILE B 98 33.76 -20.91 -26.67
C ILE B 98 33.37 -19.82 -25.68
N SER B 99 34.35 -19.12 -25.10
CA SER B 99 34.05 -18.02 -24.17
C SER B 99 33.32 -16.87 -24.88
N PHE B 100 32.53 -16.10 -24.14
CA PHE B 100 31.76 -14.98 -24.70
C PHE B 100 32.63 -13.87 -25.34
N PRO B 101 33.80 -13.54 -24.72
CA PRO B 101 34.71 -12.57 -25.37
C PRO B 101 35.09 -12.92 -26.80
N GLU B 102 35.31 -14.22 -27.06
CA GLU B 102 35.57 -14.70 -28.42
C GLU B 102 34.36 -14.51 -29.31
N VAL B 103 33.18 -14.91 -28.82
CA VAL B 103 31.94 -14.82 -29.60
C VAL B 103 31.63 -13.38 -30.03
N VAL B 104 31.98 -12.42 -29.19
CA VAL B 104 31.94 -10.99 -29.55
C VAL B 104 32.74 -10.76 -30.82
N LYS B 105 34.02 -11.13 -30.77
CA LYS B 105 34.97 -10.84 -31.86
C LYS B 105 34.73 -11.64 -33.15
N ARG B 106 34.26 -12.88 -33.02
CA ARG B 106 33.99 -13.71 -34.20
C ARG B 106 32.64 -13.44 -34.89
N TYR B 107 31.74 -12.65 -34.28
CA TYR B 107 30.38 -12.50 -34.84
C TYR B 107 29.86 -11.06 -34.94
N ASP B 108 28.96 -10.86 -35.90
CA ASP B 108 28.40 -9.54 -36.21
C ASP B 108 27.06 -9.29 -35.54
N VAL B 109 26.20 -10.30 -35.58
CA VAL B 109 24.88 -10.26 -34.98
C VAL B 109 24.77 -11.32 -33.89
N ILE B 110 24.74 -10.86 -32.63
CA ILE B 110 24.73 -11.72 -31.47
C ILE B 110 23.40 -11.61 -30.76
N ILE B 111 22.55 -12.64 -30.86
CA ILE B 111 21.31 -12.76 -30.09
C ILE B 111 21.56 -13.59 -28.82
N CYS B 112 21.14 -13.08 -27.67
CA CYS B 112 21.40 -13.74 -26.38
C CYS B 112 20.55 -13.22 -25.22
N THR B 113 20.46 -14.01 -24.15
CA THR B 113 19.80 -13.57 -22.92
C THR B 113 20.68 -12.57 -22.17
N ALA B 114 20.13 -11.42 -21.84
CA ALA B 114 20.87 -10.28 -21.27
C ALA B 114 21.87 -10.62 -20.17
N GLN B 115 21.58 -11.65 -19.38
CA GLN B 115 22.49 -12.04 -18.29
C GLN B 115 23.82 -12.56 -18.82
N ILE B 116 23.84 -13.13 -20.03
CA ILE B 116 25.08 -13.58 -20.67
C ILE B 116 26.02 -12.37 -20.82
N LEU B 117 25.49 -11.27 -21.37
CA LEU B 117 26.24 -10.03 -21.52
C LEU B 117 26.66 -9.42 -20.17
N GLU B 118 25.76 -9.38 -19.19
CA GLU B 118 26.11 -8.87 -17.86
C GLU B 118 27.19 -9.71 -17.17
N ASN B 119 27.07 -11.04 -17.25
CA ASN B 119 28.09 -11.93 -16.70
C ASN B 119 29.49 -11.59 -17.22
N SER B 120 29.58 -11.27 -18.52
CA SER B 120 30.86 -10.90 -19.13
C SER B 120 31.32 -9.52 -18.68
N LEU B 121 30.41 -8.55 -18.68
CA LEU B 121 30.70 -7.20 -18.21
C LEU B 121 31.21 -7.15 -16.75
N LEU B 122 30.81 -8.14 -15.94
CA LEU B 122 31.31 -8.30 -14.56
C LEU B 122 32.80 -8.64 -14.47
N ASN B 123 33.29 -9.48 -15.39
CA ASN B 123 34.72 -9.83 -15.47
C ASN B 123 35.16 -10.70 -14.28
N GLU B 129 41.18 -11.36 -21.81
CA GLU B 129 40.59 -10.27 -22.57
C GLU B 129 39.06 -10.20 -22.38
N SER B 130 38.56 -8.97 -22.19
CA SER B 130 37.22 -8.71 -21.66
C SER B 130 36.24 -8.24 -22.73
N VAL B 131 35.00 -8.03 -22.30
CA VAL B 131 33.94 -7.44 -23.12
C VAL B 131 33.54 -6.12 -22.49
N ARG B 132 33.14 -5.16 -23.32
CA ARG B 132 32.52 -3.92 -22.84
C ARG B 132 31.63 -3.28 -23.92
N LEU B 133 30.86 -2.28 -23.53
CA LEU B 133 29.79 -1.76 -24.40
C LEU B 133 30.28 -0.94 -25.61
N SER B 134 31.54 -0.52 -25.61
CA SER B 134 32.17 0.03 -26.81
C SER B 134 32.24 -1.01 -27.95
N ASP B 135 32.39 -2.29 -27.61
CA ASP B 135 32.49 -3.38 -28.58
C ASP B 135 31.26 -3.54 -29.49
N PHE B 136 30.10 -3.07 -29.05
CA PHE B 136 28.89 -3.10 -29.86
C PHE B 136 28.60 -1.69 -30.33
N SER B 137 27.95 -1.60 -31.49
CA SER B 137 27.50 -0.32 -32.05
C SER B 137 25.97 -0.16 -32.02
N LEU B 138 25.23 -1.26 -31.89
CA LEU B 138 23.77 -1.23 -31.74
C LEU B 138 23.35 -2.27 -30.72
N ILE B 139 22.66 -1.83 -29.65
CA ILE B 139 22.10 -2.75 -28.67
C ILE B 139 20.58 -2.67 -28.78
N ILE B 140 19.96 -3.77 -29.16
CA ILE B 140 18.51 -3.85 -29.26
C ILE B 140 18.02 -4.62 -28.05
N ILE B 141 17.21 -3.99 -27.20
CA ILE B 141 16.64 -4.67 -26.03
C ILE B 141 15.17 -5.04 -26.29
N ASP B 142 14.88 -6.33 -26.22
CA ASP B 142 13.55 -6.86 -26.51
C ASP B 142 12.74 -6.85 -25.23
N GLN B 143 11.51 -6.37 -25.32
CA GLN B 143 10.61 -6.22 -24.16
C GLN B 143 11.22 -5.24 -23.14
N CYS B 144 11.49 -4.05 -23.64
CA CYS B 144 12.31 -3.07 -22.92
C CYS B 144 11.64 -2.44 -21.71
N HIS B 145 10.32 -2.62 -21.58
CA HIS B 145 9.62 -2.21 -20.34
C HIS B 145 10.19 -2.83 -19.07
N HIS B 146 10.83 -3.99 -19.19
CA HIS B 146 11.63 -4.57 -18.11
C HIS B 146 12.91 -3.80 -17.75
N THR B 147 13.31 -2.83 -18.58
CA THR B 147 14.46 -1.97 -18.29
C THR B 147 14.14 -1.02 -17.14
N GLN B 148 14.21 -1.59 -15.94
CA GLN B 148 13.56 -1.03 -14.78
C GLN B 148 14.19 -1.59 -13.53
N LYS B 149 14.36 -0.75 -12.52
CA LYS B 149 14.75 -1.18 -11.16
C LYS B 149 16.11 -1.90 -11.17
N GLU B 150 16.19 -3.10 -10.60
CA GLU B 150 17.42 -3.89 -10.59
C GLU B 150 17.40 -5.01 -11.64
N GLY B 151 16.49 -4.89 -12.61
CA GLY B 151 16.41 -5.81 -13.73
C GLY B 151 17.70 -5.82 -14.52
N VAL B 152 17.99 -6.94 -15.16
CA VAL B 152 19.28 -7.12 -15.81
C VAL B 152 19.44 -5.99 -16.81
N TYR B 153 18.40 -5.78 -17.62
CA TYR B 153 18.38 -4.74 -18.64
C TYR B 153 18.81 -3.39 -18.10
N ASN B 154 18.40 -3.04 -16.88
CA ASN B 154 18.79 -1.75 -16.30
C ASN B 154 20.23 -1.75 -15.78
N ASN B 155 20.72 -2.87 -15.28
CA ASN B 155 22.14 -2.96 -14.88
C ASN B 155 23.09 -2.79 -16.06
N ILE B 156 22.71 -3.35 -17.21
CA ILE B 156 23.45 -3.13 -18.46
C ILE B 156 23.46 -1.63 -18.75
N MET B 157 22.26 -1.06 -18.90
CA MET B 157 22.12 0.36 -19.17
C MET B 157 22.72 1.29 -18.11
N ARG B 158 22.78 0.84 -16.85
CA ARG B 158 23.44 1.61 -15.78
C ARG B 158 24.91 1.88 -16.15
N ARG B 159 25.59 0.87 -16.67
CA ARG B 159 26.98 1.01 -17.12
C ARG B 159 27.08 1.99 -18.29
N TYR B 160 26.20 1.81 -19.28
CA TYR B 160 26.14 2.68 -20.46
C TYR B 160 26.00 4.13 -20.02
N LEU B 161 25.00 4.39 -19.18
CA LEU B 161 24.74 5.72 -18.65
C LEU B 161 25.89 6.27 -17.81
N LYS B 162 26.57 5.38 -17.08
CA LYS B 162 27.73 5.76 -16.25
C LYS B 162 28.87 6.34 -17.11
N GLU B 163 29.10 5.70 -18.26
CA GLU B 163 30.13 6.13 -19.20
C GLU B 163 29.74 7.46 -19.85
N LYS B 164 28.49 7.56 -20.29
CA LYS B 164 27.95 8.78 -20.93
C LYS B 164 28.24 10.05 -20.12
N ILE B 165 27.91 10.03 -18.83
CA ILE B 165 28.07 11.20 -17.97
C ILE B 165 29.55 11.54 -17.75
N LYS B 166 30.37 10.51 -17.51
CA LYS B 166 31.81 10.71 -17.31
C LYS B 166 32.56 11.20 -18.55
N ASN B 167 32.04 10.88 -19.74
CA ASN B 167 32.63 11.37 -20.99
C ASN B 167 32.33 12.86 -21.24
N ARG B 168 33.36 13.69 -21.01
CA ARG B 168 33.32 15.13 -21.29
C ARG B 168 34.68 15.58 -21.83
N PRO B 179 32.99 6.90 -27.20
CA PRO B 179 32.48 6.25 -28.40
C PRO B 179 31.38 5.20 -28.09
N GLN B 180 30.12 5.69 -28.00
CA GLN B 180 28.99 4.92 -27.44
C GLN B 180 27.97 4.41 -28.47
N PRO B 181 27.43 3.17 -28.27
CA PRO B 181 26.49 2.55 -29.22
C PRO B 181 25.07 3.16 -29.26
N GLN B 182 24.36 2.78 -30.30
CA GLN B 182 22.96 3.12 -30.50
C GLN B 182 22.11 2.10 -29.77
N ILE B 183 20.92 2.52 -29.34
CA ILE B 183 20.07 1.71 -28.47
C ILE B 183 18.64 1.72 -28.96
N LEU B 184 18.13 0.53 -29.25
CA LEU B 184 16.75 0.33 -29.66
C LEU B 184 16.02 -0.35 -28.52
N GLY B 185 14.89 0.26 -28.12
CA GLY B 185 13.96 -0.30 -27.16
C GLY B 185 12.79 -0.90 -27.91
N LEU B 186 12.52 -2.17 -27.64
CA LEU B 186 11.37 -2.86 -28.21
C LEU B 186 10.35 -3.26 -27.15
N THR B 187 9.10 -2.84 -27.37
CA THR B 187 7.97 -3.21 -26.52
C THR B 187 6.63 -2.94 -27.24
N ALA B 188 5.54 -3.34 -26.61
CA ALA B 188 4.18 -2.96 -27.04
C ALA B 188 3.66 -1.83 -26.17
N SER B 189 3.69 -2.06 -24.85
CA SER B 189 3.22 -1.11 -23.84
C SER B 189 4.27 -1.00 -22.71
N PRO B 190 4.83 0.20 -22.50
CA PRO B 190 5.85 0.41 -21.47
C PRO B 190 5.34 0.34 -20.03
N GLY B 191 4.05 0.62 -19.85
CA GLY B 191 3.39 0.55 -18.54
C GLY B 191 3.31 1.88 -17.81
N VAL B 192 2.73 1.80 -16.61
CA VAL B 192 2.60 2.92 -15.68
C VAL B 192 3.30 2.66 -14.35
N GLY B 193 3.75 1.42 -14.13
CA GLY B 193 4.48 1.03 -12.92
C GLY B 193 3.63 1.07 -11.67
N GLY B 194 2.40 0.59 -11.79
CA GLY B 194 1.46 0.55 -10.67
C GLY B 194 0.79 1.86 -10.24
N ALA B 195 1.09 2.97 -10.93
CA ALA B 195 0.60 4.28 -10.52
C ALA B 195 -0.91 4.47 -10.75
N ARG B 196 -1.48 5.42 -10.02
CA ARG B 196 -2.91 5.73 -10.06
C ARG B 196 -3.19 7.18 -10.49
N SER B 197 -2.14 7.93 -10.85
CA SER B 197 -2.25 9.33 -11.23
C SER B 197 -1.57 9.59 -12.56
N ASN B 198 -2.16 10.47 -13.37
CA ASN B 198 -1.56 10.86 -14.65
C ASN B 198 -0.22 11.57 -14.50
N SER B 199 0.03 12.19 -13.34
CA SER B 199 1.37 12.71 -13.02
C SER B 199 2.40 11.59 -12.93
N LYS B 200 2.07 10.55 -12.16
CA LYS B 200 2.96 9.40 -11.97
C LYS B 200 3.02 8.44 -13.18
N ALA B 201 2.11 8.58 -14.14
CA ALA B 201 2.22 7.87 -15.42
C ALA B 201 3.38 8.43 -16.21
N GLU B 202 3.33 9.75 -16.50
CA GLU B 202 4.46 10.50 -17.06
C GLU B 202 5.78 10.08 -16.43
N GLU B 203 5.85 10.19 -15.10
CA GLU B 203 7.07 9.91 -14.36
C GLU B 203 7.67 8.52 -14.62
N HIS B 204 6.81 7.51 -14.79
CA HIS B 204 7.30 6.15 -15.10
C HIS B 204 7.74 6.03 -16.56
N ILE B 205 6.94 6.57 -17.48
CA ILE B 205 7.28 6.62 -18.90
C ILE B 205 8.65 7.30 -19.06
N LEU B 206 8.80 8.51 -18.51
CA LEU B 206 10.07 9.25 -18.56
C LEU B 206 11.20 8.46 -17.94
N LYS B 207 10.93 7.74 -16.86
CA LYS B 207 11.93 6.89 -16.21
C LYS B 207 12.47 5.74 -17.10
N ILE B 208 11.61 5.08 -17.85
CA ILE B 208 12.12 4.01 -18.73
C ILE B 208 12.56 4.55 -20.09
N CYS B 209 12.07 5.74 -20.48
CA CYS B 209 12.76 6.53 -21.52
C CYS B 209 14.21 6.81 -21.07
N ALA B 210 14.37 7.28 -19.84
CA ALA B 210 15.67 7.65 -19.31
C ALA B 210 16.63 6.46 -19.09
N ASN B 211 16.08 5.29 -18.78
CA ASN B 211 16.93 4.10 -18.60
C ASN B 211 17.49 3.58 -19.94
N LEU B 212 16.73 3.70 -21.02
CA LEU B 212 17.19 3.35 -22.37
C LEU B 212 17.77 4.56 -23.15
N ASP B 213 18.15 5.62 -22.44
CA ASP B 213 18.65 6.86 -23.03
C ASP B 213 17.96 7.28 -24.33
N ALA B 214 16.66 7.07 -24.42
CA ALA B 214 15.93 7.31 -25.67
C ALA B 214 15.77 8.81 -25.97
N CYS B 215 15.99 9.17 -27.23
CA CYS B 215 15.66 10.50 -27.75
C CYS B 215 14.17 10.66 -27.99
N ARG B 216 13.44 9.54 -28.11
CA ARG B 216 11.98 9.57 -28.21
C ARG B 216 11.33 8.19 -28.01
N ILE B 217 10.12 8.22 -27.44
CA ILE B 217 9.20 7.08 -27.44
C ILE B 217 8.38 7.23 -28.71
N MET B 218 8.21 6.12 -29.44
CA MET B 218 7.76 6.17 -30.82
C MET B 218 6.53 5.30 -31.08
N THR B 219 5.45 5.95 -31.52
CA THR B 219 4.15 5.30 -31.78
C THR B 219 3.63 5.61 -33.17
N VAL B 220 2.82 4.68 -33.66
CA VAL B 220 2.26 4.76 -34.99
C VAL B 220 1.13 5.78 -34.99
N LYS B 221 1.43 6.99 -35.43
CA LYS B 221 0.43 8.06 -35.54
C LYS B 221 0.00 8.25 -37.00
N GLU B 222 0.95 8.61 -37.87
CA GLU B 222 0.65 8.90 -39.28
C GLU B 222 0.06 7.71 -40.07
N HIS B 223 0.44 6.47 -39.71
CA HIS B 223 -0.10 5.27 -40.37
C HIS B 223 -0.87 4.38 -39.39
N ALA B 224 -1.67 5.05 -38.55
CA ALA B 224 -2.48 4.39 -37.53
C ALA B 224 -3.63 3.59 -38.14
N SER B 225 -4.25 4.15 -39.17
CA SER B 225 -5.34 3.49 -39.87
C SER B 225 -4.91 2.14 -40.46
N GLN B 226 -3.67 2.08 -40.96
CA GLN B 226 -3.11 0.85 -41.55
C GLN B 226 -2.80 -0.20 -40.47
N LEU B 227 -2.24 0.25 -39.36
CA LEU B 227 -1.97 -0.61 -38.20
C LEU B 227 -3.25 -1.27 -37.70
N LYS B 228 -4.27 -0.44 -37.49
CA LYS B 228 -5.63 -0.88 -37.12
C LYS B 228 -6.08 -2.16 -37.84
N ASN B 229 -5.90 -2.18 -39.17
CA ASN B 229 -6.29 -3.33 -40.00
C ASN B 229 -5.43 -4.59 -39.83
N GLN B 230 -4.15 -4.40 -39.51
CA GLN B 230 -3.22 -5.51 -39.29
C GLN B 230 -3.59 -6.30 -38.03
N VAL B 231 -3.74 -5.61 -36.90
CA VAL B 231 -4.09 -6.23 -35.61
C VAL B 231 -5.58 -6.09 -35.31
N LYS B 232 -6.26 -7.23 -35.20
CA LYS B 232 -7.70 -7.29 -34.96
C LYS B 232 -7.96 -7.17 -33.44
N GLU B 233 -8.50 -6.03 -33.00
CA GLU B 233 -8.81 -5.81 -31.57
C GLU B 233 -10.03 -6.65 -31.14
N PRO B 234 -9.89 -7.44 -30.04
CA PRO B 234 -10.94 -8.38 -29.68
C PRO B 234 -12.16 -7.73 -29.00
N PHE B 235 -13.26 -8.48 -28.92
CA PHE B 235 -14.48 -8.04 -28.25
C PHE B 235 -14.37 -8.31 -26.76
N LYS B 236 -14.53 -7.27 -25.94
CA LYS B 236 -14.32 -7.36 -24.48
C LYS B 236 -15.59 -7.75 -23.72
N LYS B 237 -15.42 -8.58 -22.69
CA LYS B 237 -16.48 -9.01 -21.78
C LYS B 237 -15.98 -9.07 -20.34
N THR B 238 -16.91 -8.97 -19.40
CA THR B 238 -16.63 -9.19 -17.98
C THR B 238 -17.78 -10.02 -17.40
N VAL B 239 -17.63 -11.35 -17.49
CA VAL B 239 -18.65 -12.29 -17.04
C VAL B 239 -18.52 -12.52 -15.52
N ILE B 240 -19.29 -11.77 -14.72
CA ILE B 240 -19.19 -11.80 -13.25
C ILE B 240 -20.03 -12.95 -12.66
N ALA B 241 -19.57 -13.48 -11.52
CA ALA B 241 -20.27 -14.53 -10.77
C ALA B 241 -20.68 -14.07 -9.36
N ASP B 242 -21.94 -13.67 -9.20
CA ASP B 242 -22.52 -13.35 -7.87
C ASP B 242 -22.75 -14.64 -7.09
N ASP B 243 -21.79 -15.01 -6.24
CA ASP B 243 -21.83 -16.29 -5.52
C ASP B 243 -22.92 -16.27 -4.44
N LYS B 244 -24.16 -16.43 -4.89
CA LYS B 244 -25.33 -16.48 -4.02
C LYS B 244 -25.81 -17.91 -3.80
N ARG B 245 -25.05 -18.89 -4.29
CA ARG B 245 -25.33 -20.29 -4.02
C ARG B 245 -25.03 -20.62 -2.57
N ARG B 246 -25.61 -21.72 -2.10
CA ARG B 246 -25.19 -22.34 -0.85
C ARG B 246 -23.80 -22.93 -1.07
N ASP B 247 -22.99 -22.95 -0.02
CA ASP B 247 -21.63 -23.49 -0.11
C ASP B 247 -21.45 -24.57 0.98
N PRO B 248 -22.07 -25.75 0.80
CA PRO B 248 -21.96 -26.84 1.76
C PRO B 248 -20.54 -27.20 2.14
N PHE B 249 -19.66 -27.30 1.15
CA PHE B 249 -18.28 -27.70 1.38
C PHE B 249 -17.51 -26.71 2.28
N ARG B 250 -17.69 -25.42 2.02
CA ARG B 250 -17.18 -24.33 2.87
C ARG B 250 -17.55 -24.50 4.33
N GLU B 251 -18.86 -24.59 4.56
CA GLU B 251 -19.42 -24.64 5.91
C GLU B 251 -18.89 -25.84 6.66
N ARG B 252 -18.90 -26.97 5.98
CA ARG B 252 -18.41 -28.23 6.54
C ARG B 252 -16.94 -28.14 6.96
N ILE B 253 -16.13 -27.38 6.22
CA ILE B 253 -14.72 -27.16 6.56
C ILE B 253 -14.53 -26.16 7.69
N ILE B 254 -15.27 -25.05 7.68
CA ILE B 254 -15.10 -24.02 8.73
C ILE B 254 -15.45 -24.60 10.10
N GLU B 255 -16.47 -25.47 10.14
CA GLU B 255 -16.75 -26.29 11.31
C GLU B 255 -15.47 -26.96 11.82
N ILE B 256 -14.86 -27.74 10.93
CA ILE B 256 -13.66 -28.51 11.25
C ILE B 256 -12.52 -27.62 11.76
N MET B 257 -12.36 -26.45 11.15
CA MET B 257 -11.30 -25.52 11.52
C MET B 257 -11.54 -24.91 12.90
N GLN B 258 -12.80 -24.54 13.18
CA GLN B 258 -13.17 -24.06 14.52
C GLN B 258 -12.96 -25.13 15.62
N ASP B 259 -13.18 -26.40 15.26
CA ASP B 259 -12.92 -27.53 16.17
C ASP B 259 -11.43 -27.63 16.50
N ILE B 260 -10.58 -27.33 15.52
CA ILE B 260 -9.12 -27.32 15.70
C ILE B 260 -8.66 -26.08 16.46
N GLN B 261 -9.26 -24.92 16.14
CA GLN B 261 -8.92 -23.65 16.79
C GLN B 261 -9.20 -23.62 18.29
N LYS B 262 -10.27 -24.29 18.71
CA LYS B 262 -10.54 -24.53 20.12
C LYS B 262 -9.50 -25.46 20.74
N TYR B 263 -9.16 -26.54 20.04
CA TYR B 263 -8.21 -27.54 20.56
C TYR B 263 -6.85 -26.96 20.91
N CYS B 264 -6.32 -26.11 20.04
CA CYS B 264 -5.02 -25.47 20.25
C CYS B 264 -5.11 -24.12 20.95
N GLN B 265 -6.29 -23.50 20.88
CA GLN B 265 -6.54 -22.18 21.49
C GLN B 265 -5.72 -21.09 20.78
N LEU B 266 -5.78 -21.12 19.44
CA LEU B 266 -5.20 -20.10 18.56
C LEU B 266 -6.32 -19.53 17.73
N TYR B 267 -6.71 -18.29 17.98
CA TYR B 267 -7.88 -17.70 17.32
C TYR B 267 -7.50 -16.60 16.33
N PRO B 268 -8.08 -16.64 15.11
CA PRO B 268 -7.69 -15.73 14.05
C PRO B 268 -8.33 -14.36 14.18
N LYS B 269 -7.78 -13.42 13.44
CA LYS B 269 -8.28 -12.05 13.37
C LYS B 269 -8.76 -11.81 11.94
N SER B 270 -9.19 -12.86 11.26
CA SER B 270 -9.29 -12.87 9.80
C SER B 270 -10.35 -13.85 9.31
N GLU B 271 -10.84 -13.61 8.09
CA GLU B 271 -11.81 -14.51 7.45
C GLU B 271 -11.21 -15.86 7.12
N PHE B 272 -12.07 -16.85 7.02
CA PHE B 272 -11.67 -18.20 6.68
C PHE B 272 -11.57 -18.27 5.14
N GLY B 273 -10.53 -18.91 4.63
CA GLY B 273 -10.33 -19.03 3.18
C GLY B 273 -9.84 -17.75 2.52
N SER B 274 -8.85 -17.10 3.14
CA SER B 274 -8.27 -15.85 2.63
C SER B 274 -6.78 -15.70 2.97
N GLN B 275 -6.16 -14.71 2.34
CA GLN B 275 -4.72 -14.45 2.52
C GLN B 275 -4.39 -14.05 3.96
N PRO B 276 -5.07 -13.02 4.50
CA PRO B 276 -4.69 -12.59 5.87
C PRO B 276 -4.73 -13.73 6.90
N TYR B 277 -5.69 -14.64 6.75
CA TYR B 277 -5.72 -15.87 7.54
C TYR B 277 -4.46 -16.70 7.32
N GLU B 278 -4.14 -16.93 6.04
CA GLU B 278 -2.96 -17.72 5.67
C GLU B 278 -1.66 -17.13 6.23
N GLN B 279 -1.54 -15.80 6.19
CA GLN B 279 -0.38 -15.14 6.77
C GLN B 279 -0.29 -15.35 8.27
N TRP B 280 -1.41 -15.06 8.95
CA TRP B 280 -1.53 -15.28 10.39
C TRP B 280 -1.16 -16.72 10.79
N VAL B 281 -1.79 -17.71 10.15
CA VAL B 281 -1.61 -19.13 10.50
C VAL B 281 -0.19 -19.66 10.19
N ILE B 282 0.54 -18.98 9.30
CA ILE B 282 1.95 -19.30 9.02
C ILE B 282 2.86 -18.66 10.06
N ARG B 283 2.60 -17.40 10.41
CA ARG B 283 3.31 -16.74 11.52
C ARG B 283 3.16 -17.51 12.83
N GLU B 284 1.96 -18.08 13.02
CA GLU B 284 1.61 -18.82 14.22
C GLU B 284 2.36 -20.15 14.29
N GLU B 285 2.47 -20.85 13.15
CA GLU B 285 3.22 -22.11 13.07
C GLU B 285 4.70 -21.92 13.42
N ARG B 286 5.27 -20.80 12.96
CA ARG B 286 6.67 -20.46 13.20
C ARG B 286 6.91 -20.19 14.68
N ARG B 287 6.19 -19.20 15.21
CA ARG B 287 6.27 -18.83 16.64
C ARG B 287 6.16 -20.08 17.52
N ALA B 288 5.11 -20.87 17.28
CA ALA B 288 4.89 -22.11 18.02
C ALA B 288 6.09 -23.03 17.95
N ALA B 289 6.62 -23.24 16.75
CA ALA B 289 7.79 -24.08 16.57
C ALA B 289 9.03 -23.53 17.30
N LYS B 290 9.21 -22.20 17.32
CA LYS B 290 10.33 -21.58 18.05
C LYS B 290 10.22 -21.75 19.56
N GLU B 291 8.99 -21.76 20.07
CA GLU B 291 8.71 -21.84 21.51
C GLU B 291 8.40 -23.26 22.02
N GLU B 292 8.69 -24.30 21.22
CA GLU B 292 8.54 -25.70 21.66
C GLU B 292 7.07 -26.10 21.94
N LYS B 293 6.14 -25.42 21.28
CA LYS B 293 4.71 -25.67 21.45
C LYS B 293 4.22 -26.51 20.27
N ARG B 294 4.51 -27.80 20.35
CA ARG B 294 4.16 -28.73 19.28
C ARG B 294 2.67 -28.68 18.95
N LYS B 295 1.86 -28.80 20.00
CA LYS B 295 0.39 -28.80 19.89
C LYS B 295 -0.15 -27.65 19.04
N GLU B 296 0.42 -26.47 19.24
CA GLU B 296 -0.02 -25.28 18.51
C GLU B 296 0.41 -25.32 17.04
N ARG B 297 1.70 -25.56 16.78
CA ARG B 297 2.23 -25.55 15.42
C ARG B 297 1.62 -26.64 14.56
N VAL B 298 1.43 -27.83 15.12
CA VAL B 298 0.84 -28.94 14.35
C VAL B 298 -0.56 -28.54 13.92
N CYS B 299 -1.31 -27.92 14.83
CA CYS B 299 -2.64 -27.43 14.48
C CYS B 299 -2.57 -26.30 13.45
N ALA B 300 -1.60 -25.39 13.62
CA ALA B 300 -1.39 -24.30 12.65
C ALA B 300 -1.02 -24.82 11.26
N GLU B 301 -0.13 -25.82 11.23
CA GLU B 301 0.22 -26.52 10.00
C GLU B 301 -1.01 -27.12 9.33
N HIS B 302 -1.83 -27.84 10.10
CA HIS B 302 -3.05 -28.44 9.56
C HIS B 302 -4.07 -27.38 9.15
N LEU B 303 -4.17 -26.31 9.95
CA LEU B 303 -5.10 -25.22 9.67
C LEU B 303 -4.80 -24.49 8.35
N LYS B 304 -3.54 -24.44 7.95
CA LYS B 304 -3.15 -23.92 6.64
C LYS B 304 -3.75 -24.75 5.53
N LYS B 305 -3.60 -26.07 5.64
CA LYS B 305 -4.13 -26.99 4.63
C LYS B 305 -5.64 -26.90 4.50
N TYR B 306 -6.34 -26.72 5.61
CA TYR B 306 -7.78 -26.51 5.56
C TYR B 306 -8.08 -25.18 4.87
N ASN B 307 -7.33 -24.12 5.22
CA ASN B 307 -7.51 -22.79 4.57
C ASN B 307 -7.23 -22.83 3.09
N ASP B 308 -6.22 -23.61 2.70
CA ASP B 308 -5.94 -23.86 1.29
C ASP B 308 -7.15 -24.45 0.61
N ALA B 309 -7.76 -25.47 1.23
CA ALA B 309 -8.91 -26.16 0.64
C ALA B 309 -10.13 -25.24 0.44
N LEU B 310 -10.27 -24.21 1.27
CA LEU B 310 -11.36 -23.23 1.11
C LEU B 310 -11.20 -22.42 -0.17
N GLN B 311 -10.04 -21.79 -0.33
CA GLN B 311 -9.75 -21.00 -1.54
C GLN B 311 -9.64 -21.84 -2.84
N ILE B 312 -9.28 -23.12 -2.70
CA ILE B 312 -9.41 -24.09 -3.78
C ILE B 312 -10.89 -24.26 -4.14
N ASN B 313 -11.75 -24.40 -3.12
CA ASN B 313 -13.21 -24.50 -3.34
C ASN B 313 -13.79 -23.24 -4.03
N ASP B 314 -13.22 -22.07 -3.75
CA ASP B 314 -13.60 -20.81 -4.42
C ASP B 314 -13.34 -20.76 -5.94
N THR B 315 -12.32 -21.50 -6.41
CA THR B 315 -11.77 -21.33 -7.76
C THR B 315 -11.87 -22.58 -8.61
N ILE B 316 -11.31 -23.67 -8.09
CA ILE B 316 -11.36 -24.97 -8.74
C ILE B 316 -12.69 -25.64 -8.34
N ARG B 317 -12.96 -26.81 -8.91
CA ARG B 317 -13.92 -27.77 -8.33
C ARG B 317 -13.53 -28.22 -6.91
N MET B 318 -14.53 -28.64 -6.14
CA MET B 318 -14.35 -28.98 -4.72
C MET B 318 -13.79 -30.38 -4.47
N VAL B 319 -13.77 -31.23 -5.50
CA VAL B 319 -13.12 -32.55 -5.41
C VAL B 319 -11.60 -32.37 -5.22
N ASP B 320 -11.03 -31.33 -5.85
CA ASP B 320 -9.63 -30.96 -5.68
C ASP B 320 -9.32 -30.46 -4.28
N ALA B 321 -10.23 -29.66 -3.71
CA ALA B 321 -10.08 -29.22 -2.32
C ALA B 321 -10.04 -30.42 -1.38
N TYR B 322 -10.97 -31.35 -1.60
CA TYR B 322 -11.01 -32.59 -0.83
C TYR B 322 -9.70 -33.33 -0.99
N ASN B 323 -9.33 -33.57 -2.25
CA ASN B 323 -8.08 -34.28 -2.57
C ASN B 323 -6.86 -33.65 -1.96
N HIS B 324 -6.83 -32.32 -1.88
CA HIS B 324 -5.70 -31.61 -1.28
C HIS B 324 -5.50 -32.02 0.18
N LEU B 325 -6.61 -32.26 0.88
CA LEU B 325 -6.59 -32.64 2.29
C LEU B 325 -6.31 -34.12 2.41
N ASN B 326 -7.04 -34.92 1.63
CA ASN B 326 -6.90 -36.39 1.66
C ASN B 326 -5.43 -36.78 1.48
N ASN B 327 -4.78 -36.21 0.47
CA ASN B 327 -3.38 -36.50 0.17
C ASN B 327 -2.46 -36.06 1.31
N PHE B 328 -2.79 -34.94 1.95
CA PHE B 328 -2.00 -34.45 3.08
C PHE B 328 -2.04 -35.37 4.30
N TYR B 329 -3.22 -35.91 4.59
CA TYR B 329 -3.42 -36.88 5.68
C TYR B 329 -2.94 -38.28 5.33
N LYS B 330 -2.99 -38.63 4.04
CA LYS B 330 -2.34 -39.85 3.54
C LYS B 330 -0.82 -39.83 3.77
N GLU B 331 -0.19 -38.68 3.52
CA GLU B 331 1.25 -38.52 3.74
C GLU B 331 1.63 -38.77 5.19
N LEU B 332 0.82 -38.27 6.11
CA LEU B 332 1.08 -38.44 7.55
C LEU B 332 0.99 -39.90 8.01
N LYS B 333 0.14 -40.71 7.36
CA LYS B 333 0.07 -42.14 7.67
C LYS B 333 1.39 -42.87 7.42
N ARG B 334 2.03 -42.56 6.30
CA ARG B 334 3.35 -43.14 5.97
C ARG B 334 4.43 -42.71 6.95
N ARG B 335 4.50 -41.41 7.23
CA ARG B 335 5.57 -40.84 8.08
C ARG B 335 5.44 -41.21 9.57
N LYS B 336 4.23 -41.53 10.02
CA LYS B 336 3.97 -41.86 11.43
C LYS B 336 4.01 -43.36 11.70
N THR B 337 3.47 -44.15 10.78
CA THR B 337 3.54 -45.61 10.88
C THR B 337 4.98 -46.09 10.68
N ALA B 338 5.48 -46.87 11.63
CA ALA B 338 6.89 -47.30 11.63
C ALA B 338 7.13 -48.44 10.64
N GLU B 339 8.41 -48.74 10.42
CA GLU B 339 8.85 -49.86 9.57
C GLU B 339 10.35 -50.13 9.83
N SER B 340 10.96 -51.02 9.05
CA SER B 340 12.42 -51.32 9.13
C SER B 340 13.30 -50.08 9.46
N PRO B 346 10.64 -49.55 17.45
CA PRO B 346 10.40 -49.46 18.88
C PRO B 346 10.79 -48.10 19.45
N LEU B 347 9.83 -47.39 20.06
CA LEU B 347 10.03 -46.00 20.51
C LEU B 347 9.11 -45.60 21.69
N VAL B 348 9.18 -44.32 22.09
CA VAL B 348 8.19 -43.72 23.00
C VAL B 348 6.86 -43.60 22.25
N SER B 349 6.92 -43.02 21.04
CA SER B 349 5.91 -43.12 19.93
C SER B 349 5.82 -41.82 19.14
N LYS B 350 5.70 -41.94 17.81
CA LYS B 350 5.56 -40.78 16.92
C LYS B 350 4.21 -40.10 17.05
N GLN B 351 3.15 -40.91 17.09
CA GLN B 351 1.78 -40.41 17.13
C GLN B 351 1.50 -39.73 18.48
N ASP B 352 1.44 -38.41 18.43
CA ASP B 352 1.13 -37.56 19.58
C ASP B 352 -0.38 -37.58 19.84
N GLU B 353 -0.81 -37.02 20.97
CA GLU B 353 -2.24 -36.79 21.21
C GLU B 353 -2.83 -35.84 20.17
N THR B 354 -2.18 -34.68 19.99
CA THR B 354 -2.57 -33.66 19.00
C THR B 354 -2.67 -34.21 17.57
N ASP B 355 -1.77 -35.13 17.24
CA ASP B 355 -1.76 -35.78 15.93
C ASP B 355 -2.95 -36.71 15.78
N GLU B 356 -3.16 -37.55 16.79
CA GLU B 356 -4.27 -38.52 16.81
C GLU B 356 -5.64 -37.84 16.85
N PHE B 357 -5.69 -36.66 17.49
CA PHE B 357 -6.91 -35.84 17.54
C PHE B 357 -7.30 -35.37 16.16
N LEU B 358 -6.35 -34.72 15.48
CA LEU B 358 -6.56 -34.13 14.16
C LEU B 358 -6.82 -35.18 13.10
N MET B 359 -6.11 -36.31 13.19
CA MET B 359 -6.26 -37.40 12.23
C MET B 359 -7.67 -38.01 12.34
N ARG B 360 -8.06 -38.37 13.55
CA ARG B 360 -9.43 -38.83 13.84
C ARG B 360 -10.49 -37.83 13.36
N LEU B 361 -10.28 -36.55 13.70
CA LEU B 361 -11.15 -35.43 13.30
C LEU B 361 -11.44 -35.42 11.80
N PHE B 362 -10.40 -35.59 10.99
CA PHE B 362 -10.55 -35.65 9.54
C PHE B 362 -11.21 -36.96 9.13
N HIS B 363 -10.77 -38.08 9.70
CA HIS B 363 -11.35 -39.40 9.38
C HIS B 363 -12.85 -39.50 9.72
N ALA B 364 -13.29 -38.74 10.72
CA ALA B 364 -14.72 -38.66 11.08
C ALA B 364 -15.52 -37.92 10.01
N LYS B 365 -15.09 -36.70 9.69
CA LYS B 365 -15.80 -35.86 8.72
C LYS B 365 -15.45 -36.11 7.23
N LYS B 366 -14.56 -37.08 6.96
CA LYS B 366 -14.12 -37.44 5.59
C LYS B 366 -15.26 -37.83 4.65
N LYS B 367 -15.90 -38.99 4.90
CA LYS B 367 -16.98 -39.51 4.04
C LYS B 367 -18.01 -38.44 3.66
N GLN B 368 -18.34 -37.57 4.61
CA GLN B 368 -19.24 -36.43 4.38
C GLN B 368 -18.73 -35.49 3.31
N LEU B 369 -17.45 -35.12 3.41
CA LEU B 369 -16.80 -34.23 2.42
C LEU B 369 -16.74 -34.89 1.03
N LYS B 370 -16.34 -36.16 0.98
CA LYS B 370 -16.24 -36.90 -0.27
C LYS B 370 -17.60 -37.01 -0.98
N GLU B 371 -18.61 -37.49 -0.27
CA GLU B 371 -19.97 -37.63 -0.83
C GLU B 371 -20.64 -36.29 -1.13
N LEU B 372 -20.21 -35.24 -0.44
CA LEU B 372 -20.66 -33.86 -0.71
C LEU B 372 -19.94 -33.25 -1.93
N ALA B 373 -18.67 -33.61 -2.12
CA ALA B 373 -17.86 -33.13 -3.24
C ALA B 373 -18.31 -33.65 -4.61
N ARG B 374 -18.89 -34.85 -4.62
CA ARG B 374 -19.40 -35.49 -5.85
C ARG B 374 -20.81 -35.03 -6.25
N LYS B 375 -21.38 -34.06 -5.53
CA LYS B 375 -22.63 -33.42 -5.91
C LYS B 375 -22.27 -32.26 -6.84
N PRO B 376 -22.55 -32.39 -8.16
CA PRO B 376 -22.13 -31.32 -9.08
C PRO B 376 -22.82 -29.96 -8.89
N GLU B 377 -24.04 -29.96 -8.33
CA GLU B 377 -24.81 -28.72 -8.13
C GLU B 377 -24.14 -27.71 -7.19
N TYR B 378 -23.37 -28.20 -6.21
CA TYR B 378 -22.69 -27.34 -5.22
C TYR B 378 -21.23 -27.00 -5.58
N ASP B 379 -20.77 -27.42 -6.76
CA ASP B 379 -19.49 -26.93 -7.28
C ASP B 379 -19.63 -25.44 -7.56
N ASN B 380 -18.51 -24.75 -7.47
CA ASN B 380 -18.37 -23.31 -7.71
C ASN B 380 -19.15 -22.76 -8.91
N GLU B 381 -19.65 -21.51 -8.82
CA GLU B 381 -20.38 -20.87 -9.93
C GLU B 381 -19.46 -20.50 -11.09
N LYS B 382 -18.29 -19.95 -10.77
CA LYS B 382 -17.29 -19.58 -11.77
C LYS B 382 -17.02 -20.68 -12.80
N LEU B 383 -16.98 -21.94 -12.36
CA LEU B 383 -16.83 -23.06 -13.29
C LEU B 383 -17.99 -23.19 -14.28
N MET B 384 -19.22 -22.94 -13.85
CA MET B 384 -20.36 -22.92 -14.78
C MET B 384 -20.28 -21.70 -15.70
N LYS B 385 -19.79 -20.58 -15.20
CA LYS B 385 -19.54 -19.39 -16.03
C LYS B 385 -18.43 -19.64 -17.06
N LEU B 386 -17.37 -20.31 -16.63
CA LEU B 386 -16.31 -20.74 -17.53
C LEU B 386 -16.86 -21.70 -18.59
N ARG B 387 -17.48 -22.79 -18.14
CA ARG B 387 -18.16 -23.76 -19.02
C ARG B 387 -19.01 -23.07 -20.08
N ASN B 388 -19.88 -22.16 -19.65
CA ASN B 388 -20.76 -21.42 -20.57
C ASN B 388 -20.01 -20.55 -21.57
N THR B 389 -18.96 -19.89 -21.12
CA THR B 389 -18.16 -19.02 -21.99
C THR B 389 -17.35 -19.83 -23.00
N LEU B 390 -16.85 -20.99 -22.59
CA LEU B 390 -16.22 -21.93 -23.52
C LEU B 390 -17.21 -22.47 -24.57
N MET B 391 -18.28 -23.12 -24.11
CA MET B 391 -19.21 -23.85 -24.99
C MET B 391 -19.79 -23.03 -26.14
N GLU B 392 -20.10 -21.77 -25.89
CA GLU B 392 -20.61 -20.88 -26.95
C GLU B 392 -19.50 -20.42 -27.90
N GLU B 393 -18.33 -20.10 -27.34
CA GLU B 393 -17.21 -19.55 -28.12
C GLU B 393 -16.44 -20.61 -28.92
N PHE B 394 -16.48 -21.87 -28.47
CA PHE B 394 -15.99 -23.02 -29.23
C PHE B 394 -17.05 -23.66 -30.17
N THR B 395 -18.15 -22.94 -30.43
CA THR B 395 -19.13 -23.33 -31.45
C THR B 395 -19.40 -22.21 -32.48
N LYS B 396 -18.58 -21.16 -32.50
CA LYS B 396 -18.68 -20.09 -33.50
C LYS B 396 -17.98 -20.47 -34.80
N THR B 397 -16.75 -20.99 -34.69
CA THR B 397 -15.91 -21.42 -35.83
C THR B 397 -15.70 -22.93 -35.79
N GLU B 398 -15.41 -23.51 -36.95
CA GLU B 398 -15.11 -24.95 -37.06
C GLU B 398 -13.69 -25.31 -36.58
N GLU B 399 -12.76 -24.35 -36.67
CA GLU B 399 -11.43 -24.48 -36.06
C GLU B 399 -11.16 -23.25 -35.18
N PRO B 400 -11.58 -23.30 -33.90
CA PRO B 400 -11.32 -22.25 -32.92
C PRO B 400 -10.17 -22.63 -31.98
N ARG B 401 -9.50 -21.61 -31.41
CA ARG B 401 -8.40 -21.82 -30.46
C ARG B 401 -8.45 -20.77 -29.35
N GLY B 402 -8.05 -21.15 -28.14
CA GLY B 402 -8.18 -20.26 -26.99
C GLY B 402 -7.32 -20.58 -25.77
N ILE B 403 -7.29 -19.63 -24.84
CA ILE B 403 -6.43 -19.69 -23.64
C ILE B 403 -7.22 -19.36 -22.37
N ILE B 404 -6.97 -20.10 -21.28
CA ILE B 404 -7.52 -19.81 -19.95
C ILE B 404 -6.37 -19.44 -19.00
N PHE B 405 -6.34 -18.18 -18.58
CA PHE B 405 -5.36 -17.68 -17.61
C PHE B 405 -5.85 -17.88 -16.17
N THR B 406 -5.47 -19.00 -15.57
CA THR B 406 -5.71 -19.25 -14.14
C THR B 406 -4.55 -18.67 -13.30
N LYS B 407 -4.77 -18.47 -12.00
CA LYS B 407 -3.74 -17.88 -11.13
C LYS B 407 -2.65 -18.87 -10.71
N THR B 408 -3.03 -19.96 -10.04
CA THR B 408 -2.06 -20.90 -9.49
C THR B 408 -1.77 -22.08 -10.42
N ARG B 409 -0.62 -22.72 -10.20
CA ARG B 409 -0.26 -23.92 -10.96
C ARG B 409 -1.28 -25.06 -10.76
N GLN B 410 -1.62 -25.31 -9.50
CA GLN B 410 -2.62 -26.32 -9.15
C GLN B 410 -3.95 -26.12 -9.87
N SER B 411 -4.38 -24.86 -9.98
CA SER B 411 -5.63 -24.51 -10.69
C SER B 411 -5.55 -24.72 -12.20
N ALA B 412 -4.34 -24.77 -12.74
CA ALA B 412 -4.12 -25.14 -14.14
C ALA B 412 -4.27 -26.65 -14.31
N LEU B 413 -3.51 -27.40 -13.51
CA LEU B 413 -3.58 -28.87 -13.52
C LEU B 413 -4.98 -29.41 -13.18
N ALA B 414 -5.72 -28.66 -12.37
CA ALA B 414 -7.07 -29.06 -11.97
C ALA B 414 -8.07 -28.79 -13.07
N LEU B 415 -8.05 -27.58 -13.63
CA LEU B 415 -8.95 -27.23 -14.72
C LEU B 415 -8.76 -28.11 -15.96
N TYR B 416 -7.55 -28.63 -16.14
CA TYR B 416 -7.27 -29.64 -17.16
C TYR B 416 -8.11 -30.88 -16.87
N HIS B 417 -7.92 -31.45 -15.68
CA HIS B 417 -8.67 -32.66 -15.25
C HIS B 417 -10.18 -32.42 -15.18
N TRP B 418 -10.57 -31.17 -14.92
CA TRP B 418 -11.97 -30.77 -14.98
C TRP B 418 -12.52 -30.92 -16.40
N ILE B 419 -11.74 -30.48 -17.39
CA ILE B 419 -12.17 -30.58 -18.79
C ILE B 419 -12.13 -32.03 -19.29
N MET B 420 -11.12 -32.79 -18.86
CA MET B 420 -11.07 -34.22 -19.19
C MET B 420 -12.33 -34.93 -18.71
N ASP B 421 -12.58 -34.86 -17.41
CA ASP B 421 -13.68 -35.61 -16.78
C ASP B 421 -15.03 -34.93 -17.06
N ASN B 422 -15.38 -34.75 -18.33
CA ASN B 422 -16.53 -33.94 -18.72
C ASN B 422 -16.82 -34.06 -20.24
N PRO B 423 -17.37 -35.22 -20.68
CA PRO B 423 -17.62 -35.55 -22.09
C PRO B 423 -18.21 -34.49 -23.02
N LYS B 424 -18.90 -33.47 -22.50
CA LYS B 424 -19.49 -32.43 -23.36
C LYS B 424 -18.45 -31.46 -23.94
N PHE B 425 -17.38 -31.19 -23.20
CA PHE B 425 -16.26 -30.39 -23.70
C PHE B 425 -15.62 -31.09 -24.90
N GLU B 426 -15.21 -32.34 -24.68
CA GLU B 426 -14.61 -33.16 -25.73
C GLU B 426 -15.50 -33.28 -26.98
N GLU B 427 -16.80 -33.51 -26.77
CA GLU B 427 -17.75 -33.69 -27.88
C GLU B 427 -17.83 -32.46 -28.80
N VAL B 428 -17.83 -31.27 -28.21
CA VAL B 428 -17.95 -30.03 -29.00
C VAL B 428 -16.65 -29.61 -29.72
N GLY B 429 -15.51 -30.18 -29.31
CA GLY B 429 -14.22 -29.89 -29.96
C GLY B 429 -13.01 -29.74 -29.04
N ILE B 430 -13.24 -29.41 -27.77
CA ILE B 430 -12.17 -28.99 -26.85
C ILE B 430 -11.28 -30.16 -26.42
N LYS B 431 -10.02 -30.11 -26.88
CA LYS B 431 -8.94 -30.95 -26.38
C LYS B 431 -7.93 -30.02 -25.74
N ALA B 432 -7.80 -30.10 -24.42
CA ALA B 432 -7.05 -29.11 -23.63
C ALA B 432 -5.75 -29.66 -23.07
N HIS B 433 -4.91 -28.74 -22.61
CA HIS B 433 -3.69 -29.06 -21.89
C HIS B 433 -3.18 -27.86 -21.09
N PHE B 434 -2.55 -28.15 -19.96
CA PHE B 434 -2.03 -27.14 -19.06
C PHE B 434 -0.68 -26.64 -19.54
N LEU B 435 -0.33 -25.42 -19.18
CA LEU B 435 0.94 -24.82 -19.54
C LEU B 435 1.42 -23.95 -18.41
N ILE B 436 2.36 -24.48 -17.63
CA ILE B 436 2.75 -23.88 -16.36
C ILE B 436 4.17 -23.34 -16.47
N GLY B 437 4.84 -23.08 -15.35
CA GLY B 437 6.17 -22.51 -15.33
C GLY B 437 7.28 -23.54 -15.25
N ALA B 438 8.49 -23.03 -15.03
CA ALA B 438 9.72 -23.83 -15.00
C ALA B 438 10.38 -23.99 -13.64
N GLY B 439 10.16 -23.03 -12.73
CA GLY B 439 10.87 -22.96 -11.45
C GLY B 439 10.67 -24.13 -10.50
N HIS B 440 11.56 -24.22 -9.52
CA HIS B 440 11.54 -25.28 -8.47
C HIS B 440 11.15 -24.70 -7.09
N ASN B 441 10.56 -23.50 -7.08
CA ASN B 441 10.10 -22.83 -5.86
C ASN B 441 8.57 -22.80 -5.78
N SER B 442 7.95 -23.95 -6.04
CA SER B 442 6.50 -24.10 -5.94
C SER B 442 6.15 -25.48 -5.42
N GLU B 443 5.00 -25.58 -4.76
CA GLU B 443 4.53 -26.86 -4.23
C GLU B 443 3.98 -27.78 -5.33
N THR B 444 3.60 -27.20 -6.47
CA THR B 444 3.36 -27.93 -7.70
C THR B 444 4.69 -28.08 -8.45
N LYS B 445 4.94 -29.24 -9.06
CA LYS B 445 6.19 -29.48 -9.79
C LYS B 445 6.09 -29.04 -11.26
N PRO B 446 7.15 -28.37 -11.77
CA PRO B 446 7.08 -27.57 -13.00
C PRO B 446 7.04 -28.35 -14.31
N MET B 447 7.09 -27.62 -15.42
CA MET B 447 7.38 -28.18 -16.73
C MET B 447 8.82 -27.85 -17.12
N THR B 448 9.45 -28.72 -17.93
CA THR B 448 10.77 -28.43 -18.49
C THR B 448 10.62 -27.42 -19.62
N GLN B 449 11.68 -26.65 -19.86
CA GLN B 449 11.77 -25.75 -21.03
C GLN B 449 11.26 -26.47 -22.28
N ASN B 450 11.71 -27.71 -22.44
CA ASN B 450 11.35 -28.56 -23.58
C ASN B 450 9.88 -28.97 -23.60
N GLU B 451 9.33 -29.29 -22.43
CA GLU B 451 7.92 -29.69 -22.30
C GLU B 451 6.96 -28.58 -22.68
N GLN B 452 7.38 -27.32 -22.50
CA GLN B 452 6.58 -26.16 -22.91
C GLN B 452 6.49 -26.04 -24.43
N ARG B 453 7.59 -26.31 -25.13
CA ARG B 453 7.60 -26.40 -26.61
C ARG B 453 6.67 -27.48 -27.12
N GLU B 454 6.77 -28.66 -26.51
CA GLU B 454 5.96 -29.83 -26.86
C GLU B 454 4.45 -29.50 -26.89
N VAL B 455 4.00 -28.68 -25.93
CA VAL B 455 2.60 -28.22 -25.86
C VAL B 455 2.31 -27.10 -26.86
N ILE B 456 3.12 -26.04 -26.82
CA ILE B 456 2.89 -24.82 -27.60
C ILE B 456 2.93 -25.11 -29.10
N ASP B 457 3.84 -25.98 -29.51
CA ASP B 457 3.93 -26.41 -30.91
C ASP B 457 2.81 -27.39 -31.27
N LYS B 458 2.35 -28.21 -30.31
CA LYS B 458 1.10 -28.96 -30.50
C LYS B 458 -0.11 -28.03 -30.66
N PHE B 459 -0.12 -26.93 -29.90
CA PHE B 459 -1.21 -25.94 -29.94
C PHE B 459 -1.38 -25.31 -31.32
N ARG B 460 -0.28 -24.91 -31.96
CA ARG B 460 -0.33 -24.33 -33.31
C ARG B 460 -0.66 -25.38 -34.39
N GLY B 461 -0.33 -26.65 -34.11
CA GLY B 461 -0.72 -27.76 -34.99
C GLY B 461 -2.20 -28.09 -35.00
N GLY B 462 -2.90 -27.77 -33.90
CA GLY B 462 -4.30 -28.16 -33.73
C GLY B 462 -4.51 -29.42 -32.91
N SER B 463 -3.42 -30.08 -32.51
CA SER B 463 -3.45 -31.26 -31.65
C SER B 463 -4.03 -30.91 -30.28
N ILE B 464 -3.56 -29.79 -29.71
CA ILE B 464 -4.11 -29.20 -28.49
C ILE B 464 -4.87 -27.93 -28.87
N ASN B 465 -6.09 -27.83 -28.37
CA ASN B 465 -7.05 -26.81 -28.77
C ASN B 465 -7.13 -25.63 -27.80
N LEU B 466 -6.76 -25.87 -26.54
CA LEU B 466 -7.05 -24.96 -25.43
C LEU B 466 -5.94 -24.99 -24.38
N LEU B 467 -5.22 -23.89 -24.23
CA LEU B 467 -4.18 -23.79 -23.23
C LEU B 467 -4.75 -23.28 -21.90
N ILE B 468 -4.48 -24.01 -20.82
CA ILE B 468 -4.85 -23.60 -19.48
C ILE B 468 -3.54 -23.22 -18.82
N ALA B 469 -3.25 -21.93 -18.81
CA ALA B 469 -1.90 -21.48 -18.47
C ALA B 469 -1.86 -20.50 -17.32
N THR B 470 -0.71 -20.47 -16.65
CA THR B 470 -0.41 -19.42 -15.67
C THR B 470 0.08 -18.19 -16.47
N THR B 471 0.73 -17.21 -15.83
CA THR B 471 1.21 -16.00 -16.52
C THR B 471 2.12 -16.32 -17.72
N VAL B 472 2.89 -17.41 -17.61
CA VAL B 472 3.83 -17.88 -18.66
C VAL B 472 3.41 -17.56 -20.12
N ALA B 473 2.14 -17.76 -20.44
CA ALA B 473 1.63 -17.55 -21.79
C ALA B 473 1.42 -16.09 -22.17
N GLU B 474 1.51 -15.17 -21.22
CA GLU B 474 1.12 -13.79 -21.52
C GLU B 474 2.16 -13.02 -22.36
N GLU B 475 3.45 -13.09 -21.98
CA GLU B 475 4.51 -12.33 -22.68
C GLU B 475 5.46 -13.20 -23.52
N GLY B 476 5.88 -12.62 -24.66
CA GLY B 476 7.03 -13.11 -25.43
C GLY B 476 6.75 -14.23 -26.42
N LEU B 477 6.59 -15.43 -25.89
CA LEU B 477 6.52 -16.68 -26.66
C LEU B 477 5.54 -16.59 -27.82
N ASP B 478 5.91 -17.13 -28.97
CA ASP B 478 5.03 -17.14 -30.14
C ASP B 478 4.00 -18.24 -29.97
N ILE B 479 2.82 -17.85 -29.48
CA ILE B 479 1.66 -18.73 -29.35
C ILE B 479 0.70 -18.38 -30.48
N LYS B 480 0.02 -19.39 -31.01
CA LYS B 480 -0.96 -19.22 -32.08
C LYS B 480 -2.01 -18.18 -31.71
N GLU B 481 -2.58 -17.53 -32.71
CA GLU B 481 -3.67 -16.55 -32.49
C GLU B 481 -4.90 -17.26 -31.93
N CYS B 482 -5.68 -16.53 -31.13
CA CYS B 482 -6.82 -17.11 -30.41
C CYS B 482 -8.16 -16.42 -30.71
N ASN B 483 -9.22 -17.22 -30.75
CA ASN B 483 -10.59 -16.73 -30.91
C ASN B 483 -11.16 -16.30 -29.58
N ILE B 484 -10.68 -16.92 -28.50
CA ILE B 484 -11.09 -16.59 -27.14
C ILE B 484 -9.88 -16.59 -26.21
N VAL B 485 -9.84 -15.62 -25.30
CA VAL B 485 -8.87 -15.64 -24.22
C VAL B 485 -9.61 -15.27 -22.93
N ILE B 486 -9.54 -16.17 -21.94
CA ILE B 486 -10.30 -16.09 -20.69
C ILE B 486 -9.34 -15.82 -19.56
N ARG B 487 -9.52 -14.70 -18.87
CA ARG B 487 -8.84 -14.50 -17.60
C ARG B 487 -9.74 -15.02 -16.47
N TYR B 488 -9.40 -16.19 -15.95
CA TYR B 488 -10.22 -16.89 -14.96
C TYR B 488 -9.89 -16.37 -13.57
N GLY B 489 -10.45 -15.20 -13.29
CA GLY B 489 -10.26 -14.51 -12.02
C GLY B 489 -8.82 -14.14 -11.76
N LEU B 490 -8.07 -13.90 -12.84
CA LEU B 490 -6.68 -13.50 -12.73
C LEU B 490 -6.58 -12.08 -13.25
N VAL B 491 -6.06 -11.21 -12.41
CA VAL B 491 -5.68 -9.86 -12.80
C VAL B 491 -4.29 -9.63 -12.26
N THR B 492 -3.41 -9.07 -13.09
CA THR B 492 -2.08 -8.66 -12.64
C THR B 492 -1.95 -7.15 -12.96
N ASN B 493 -1.07 -6.72 -13.86
CA ASN B 493 -0.93 -5.29 -14.18
C ASN B 493 -1.48 -4.95 -15.56
N GLU B 494 -1.43 -3.67 -15.91
CA GLU B 494 -1.88 -3.15 -17.22
C GLU B 494 -1.18 -3.79 -18.40
N ILE B 495 0.14 -3.94 -18.27
CA ILE B 495 0.99 -4.58 -19.31
C ILE B 495 0.44 -5.95 -19.64
N ALA B 496 0.41 -6.83 -18.65
CA ALA B 496 -0.06 -8.21 -18.85
C ALA B 496 -1.50 -8.23 -19.33
N MET B 497 -2.29 -7.25 -18.90
CA MET B 497 -3.66 -7.13 -19.36
C MET B 497 -3.64 -7.07 -20.88
N VAL B 498 -2.92 -6.07 -21.41
CA VAL B 498 -2.95 -5.78 -22.85
C VAL B 498 -2.24 -6.87 -23.66
N GLN B 499 -1.18 -7.44 -23.08
CA GLN B 499 -0.55 -8.66 -23.64
C GLN B 499 -1.56 -9.79 -23.84
N ALA B 500 -2.39 -10.04 -22.83
CA ALA B 500 -3.39 -11.11 -22.90
C ALA B 500 -4.42 -10.86 -23.99
N ARG B 501 -4.81 -9.58 -24.18
CA ARG B 501 -5.70 -9.19 -25.29
C ARG B 501 -5.04 -9.41 -26.64
N GLY B 502 -3.74 -9.14 -26.70
CA GLY B 502 -2.92 -9.41 -27.88
C GLY B 502 -2.87 -10.87 -28.32
N ARG B 503 -2.96 -11.80 -27.36
CA ARG B 503 -2.98 -13.23 -27.69
C ARG B 503 -4.27 -13.67 -28.42
N ALA B 504 -5.33 -12.88 -28.33
CA ALA B 504 -6.56 -13.13 -29.06
C ALA B 504 -6.79 -12.04 -30.10
N ARG B 505 -6.29 -12.30 -31.31
CA ARG B 505 -6.45 -11.38 -32.45
C ARG B 505 -6.78 -12.10 -33.78
N ALA B 506 -7.39 -13.29 -33.70
CA ALA B 506 -7.94 -13.96 -34.88
C ALA B 506 -9.24 -13.26 -35.32
N ASP B 507 -9.96 -13.84 -36.28
CA ASP B 507 -11.29 -13.35 -36.64
C ASP B 507 -12.27 -13.60 -35.48
N GLU B 508 -13.12 -12.61 -35.21
CA GLU B 508 -14.14 -12.69 -34.15
C GLU B 508 -13.50 -13.09 -32.81
N SER B 509 -12.54 -12.27 -32.39
CA SER B 509 -11.81 -12.51 -31.16
C SER B 509 -12.60 -12.00 -29.97
N THR B 510 -12.37 -12.62 -28.82
CA THR B 510 -13.07 -12.30 -27.57
C THR B 510 -12.10 -12.35 -26.38
N TYR B 511 -12.11 -11.30 -25.56
CA TYR B 511 -11.30 -11.23 -24.32
C TYR B 511 -12.24 -11.16 -23.12
N ALA B 512 -12.32 -12.27 -22.38
CA ALA B 512 -13.27 -12.41 -21.28
C ALA B 512 -12.58 -12.43 -19.93
N LEU B 513 -13.23 -11.83 -18.94
CA LEU B 513 -12.76 -11.86 -17.54
C LEU B 513 -13.85 -12.49 -16.68
N VAL B 514 -13.55 -13.66 -16.12
CA VAL B 514 -14.52 -14.43 -15.33
C VAL B 514 -14.07 -14.39 -13.87
N ALA B 515 -14.55 -13.38 -13.15
CA ALA B 515 -14.28 -13.22 -11.71
C ALA B 515 -15.59 -13.28 -10.92
N SER B 516 -15.47 -13.31 -9.60
CA SER B 516 -16.63 -13.24 -8.71
C SER B 516 -16.63 -11.92 -7.95
N SER B 517 -17.82 -11.46 -7.58
CA SER B 517 -17.99 -10.19 -6.86
C SER B 517 -17.18 -10.10 -5.56
N GLY B 518 -17.00 -11.24 -4.90
CA GLY B 518 -16.20 -11.31 -3.69
C GLY B 518 -14.69 -11.15 -3.87
N SER B 519 -14.20 -11.36 -5.09
CA SER B 519 -12.76 -11.26 -5.41
C SER B 519 -12.23 -9.86 -5.19
N GLY B 520 -12.91 -8.88 -5.76
CA GLY B 520 -12.36 -7.54 -5.95
C GLY B 520 -11.66 -7.40 -7.29
N ALA B 521 -11.73 -8.44 -8.11
CA ALA B 521 -10.94 -8.58 -9.33
C ALA B 521 -11.54 -7.83 -10.51
N VAL B 522 -12.86 -7.74 -10.54
CA VAL B 522 -13.55 -6.91 -11.55
C VAL B 522 -13.12 -5.45 -11.41
N GLU B 523 -12.97 -4.97 -10.17
CA GLU B 523 -12.60 -3.57 -9.87
C GLU B 523 -11.11 -3.34 -10.05
N ARG B 524 -10.31 -4.39 -9.85
CA ARG B 524 -8.87 -4.32 -10.13
C ARG B 524 -8.59 -4.28 -11.62
N GLU B 525 -9.31 -5.07 -12.43
CA GLU B 525 -9.18 -4.97 -13.90
C GLU B 525 -9.64 -3.60 -14.37
N ASP B 526 -10.72 -3.08 -13.80
CA ASP B 526 -11.19 -1.72 -14.11
C ASP B 526 -10.17 -0.61 -13.80
N VAL B 527 -9.33 -0.82 -12.78
CA VAL B 527 -8.24 0.14 -12.49
C VAL B 527 -7.17 0.02 -13.58
N ASN B 528 -6.86 -1.20 -14.02
CA ASN B 528 -5.94 -1.42 -15.13
C ASN B 528 -6.39 -0.80 -16.46
N ILE B 529 -7.70 -0.77 -16.69
CA ILE B 529 -8.30 -0.13 -17.86
C ILE B 529 -8.14 1.39 -17.79
N PHE B 530 -8.24 1.92 -16.57
CA PHE B 530 -7.96 3.33 -16.30
C PHE B 530 -6.47 3.60 -16.46
N ARG B 531 -5.63 2.71 -15.92
CA ARG B 531 -4.17 2.83 -16.02
C ARG B 531 -3.69 2.80 -17.47
N GLU B 532 -4.15 1.83 -18.25
CA GLU B 532 -3.83 1.75 -19.67
C GLU B 532 -4.14 3.08 -20.37
N ASN B 533 -5.33 3.60 -20.14
CA ASN B 533 -5.73 4.88 -20.73
C ASN B 533 -4.85 6.05 -20.28
N MET B 534 -4.35 6.03 -19.04
CA MET B 534 -3.35 7.00 -18.59
C MET B 534 -2.06 6.88 -19.43
N MET B 535 -1.61 5.63 -19.62
CA MET B 535 -0.38 5.29 -20.33
C MET B 535 -0.37 5.89 -21.73
N TYR B 536 -1.46 5.76 -22.49
CA TYR B 536 -1.56 6.36 -23.83
C TYR B 536 -1.46 7.88 -23.79
N LYS B 537 -2.04 8.48 -22.75
CA LYS B 537 -1.97 9.94 -22.54
C LYS B 537 -0.62 10.42 -22.01
N ALA B 538 0.10 9.59 -21.25
CA ALA B 538 1.46 9.93 -20.79
C ALA B 538 2.49 9.84 -21.94
N ILE B 539 2.27 8.90 -22.87
CA ILE B 539 3.04 8.81 -24.10
C ILE B 539 2.78 10.03 -25.00
N ARG B 540 1.51 10.38 -25.17
CA ARG B 540 1.14 11.54 -25.99
C ARG B 540 1.73 12.85 -25.48
N ARG B 541 2.01 12.93 -24.17
CA ARG B 541 2.58 14.15 -23.56
C ARG B 541 4.11 14.18 -23.61
N VAL B 542 4.78 13.06 -23.32
CA VAL B 542 6.25 13.02 -23.45
C VAL B 542 6.73 13.21 -24.91
N GLN B 543 5.93 12.72 -25.85
CA GLN B 543 6.15 13.00 -27.26
C GLN B 543 5.98 14.49 -27.57
N GLU B 544 4.85 15.08 -27.15
CA GLU B 544 4.59 16.52 -27.37
C GLU B 544 5.50 17.44 -26.56
N MET B 545 6.17 16.90 -25.55
CA MET B 545 7.08 17.66 -24.68
C MET B 545 8.20 18.37 -25.47
N PRO B 546 8.37 19.69 -25.27
CA PRO B 546 9.52 20.43 -25.86
C PRO B 546 10.89 19.86 -25.46
N PRO B 547 11.89 19.86 -26.39
CA PRO B 547 13.12 19.08 -26.15
C PRO B 547 14.01 19.58 -25.01
N GLU B 548 14.04 20.88 -24.76
CA GLU B 548 14.82 21.43 -23.64
C GLU B 548 14.32 20.90 -22.29
N GLU B 549 13.01 20.77 -22.18
CA GLU B 549 12.34 20.19 -21.00
C GLU B 549 12.62 18.69 -20.90
N TYR B 550 12.37 17.96 -21.99
CA TYR B 550 12.58 16.50 -22.06
C TYR B 550 14.01 16.11 -21.73
N LEU B 551 14.95 16.83 -22.31
CA LEU B 551 16.37 16.63 -22.04
C LEU B 551 16.63 16.74 -20.54
N ASN B 552 16.20 17.86 -19.96
CA ASN B 552 16.52 18.18 -18.58
C ASN B 552 15.92 17.19 -17.58
N LYS B 553 14.75 16.64 -17.90
CA LYS B 553 14.10 15.62 -17.06
C LYS B 553 14.78 14.27 -17.17
N ILE B 554 15.10 13.85 -18.39
CA ILE B 554 15.77 12.56 -18.62
C ILE B 554 17.14 12.51 -17.94
N GLN B 555 17.92 13.58 -18.09
CA GLN B 555 19.22 13.70 -17.41
C GLN B 555 19.09 13.62 -15.89
N ASP B 556 18.02 14.19 -15.34
CA ASP B 556 17.75 14.14 -13.90
C ASP B 556 17.40 12.72 -13.42
N PHE B 557 16.54 12.01 -14.16
CA PHE B 557 16.18 10.63 -13.82
C PHE B 557 17.39 9.69 -13.90
N GLN B 558 18.18 9.86 -14.96
CA GLN B 558 19.44 9.12 -15.11
C GLN B 558 20.42 9.40 -13.98
N LEU B 559 20.51 10.65 -13.53
CA LEU B 559 21.41 11.01 -12.43
C LEU B 559 21.00 10.31 -11.14
N GLN B 560 19.69 10.23 -10.88
CA GLN B 560 19.17 9.54 -9.69
C GLN B 560 19.05 8.00 -9.87
N SER B 561 19.01 7.53 -11.12
CA SER B 561 19.06 6.08 -11.41
C SER B 561 20.41 5.46 -11.00
N ILE B 562 21.48 6.23 -11.14
CA ILE B 562 22.82 5.81 -10.71
C ILE B 562 22.94 5.84 -9.17
N VAL B 563 22.30 6.84 -8.55
CA VAL B 563 22.27 6.97 -7.08
C VAL B 563 21.41 5.87 -6.42
N GLU B 564 20.39 5.40 -7.13
CA GLU B 564 19.59 4.24 -6.70
C GLU B 564 20.45 2.96 -6.58
N LYS B 565 21.47 2.82 -7.45
CA LYS B 565 22.46 1.74 -7.34
C LYS B 565 23.42 1.92 -6.16
N GLN B 566 23.82 3.16 -5.88
CA GLN B 566 24.71 3.49 -4.74
C GLN B 566 24.10 3.18 -3.37
N MET B 567 22.78 3.35 -3.24
CA MET B 567 22.06 3.02 -2.00
C MET B 567 21.89 1.51 -1.81
N LYS B 568 21.72 0.77 -2.91
CA LYS B 568 21.79 -0.69 -2.87
C LYS B 568 23.21 -1.21 -2.67
N ALA B 569 24.21 -0.49 -3.19
CA ALA B 569 25.63 -0.80 -2.96
C ALA B 569 26.06 -0.66 -1.49
N LYS B 570 25.31 0.09 -0.69
CA LYS B 570 25.49 0.13 0.77
C LYS B 570 24.64 -0.94 1.50
N ARG B 571 23.44 -1.21 0.97
CA ARG B 571 22.56 -2.30 1.45
C ARG B 571 23.19 -3.70 1.27
N ASP B 572 23.66 -3.99 0.05
CA ASP B 572 24.30 -5.27 -0.28
C ASP B 572 25.66 -5.49 0.40
N GLN B 573 26.39 -4.40 0.62
CA GLN B 573 27.73 -4.42 1.25
C GLN B 573 27.71 -4.81 2.76
N ARG B 574 26.52 -4.83 3.38
CA ARG B 574 26.36 -5.36 4.74
C ARG B 574 26.59 -6.88 4.79
N ILE B 584 26.57 -23.32 17.97
CA ILE B 584 25.13 -23.20 17.69
C ILE B 584 24.53 -24.57 17.33
N THR B 585 23.24 -24.76 17.66
CA THR B 585 22.61 -26.09 17.69
C THR B 585 21.41 -26.20 16.75
N PHE B 586 21.15 -27.42 16.27
CA PHE B 586 20.04 -27.72 15.32
C PHE B 586 18.99 -28.68 15.90
N LEU B 587 17.73 -28.20 15.98
CA LEU B 587 16.64 -28.88 16.67
C LEU B 587 15.44 -29.05 15.76
N CYS B 588 14.84 -30.25 15.77
CA CYS B 588 13.62 -30.56 15.00
C CYS B 588 12.49 -29.60 15.36
N LYS B 589 11.98 -28.87 14.36
CA LYS B 589 10.87 -27.90 14.58
C LYS B 589 9.65 -28.46 15.32
N ASN B 590 9.36 -29.74 15.12
CA ASN B 590 8.19 -30.38 15.74
C ASN B 590 8.45 -30.81 17.18
N CYS B 591 9.47 -31.65 17.38
CA CYS B 591 9.74 -32.27 18.69
C CYS B 591 10.93 -31.69 19.48
N HIS B 592 11.59 -30.67 18.93
CA HIS B 592 12.69 -29.96 19.61
C HIS B 592 13.90 -30.81 20.08
N LYS B 593 14.10 -32.00 19.51
CA LYS B 593 15.23 -32.87 19.93
C LYS B 593 16.59 -32.24 19.61
N LEU B 594 17.62 -32.62 20.38
CA LEU B 594 19.01 -32.31 20.08
C LEU B 594 19.52 -33.26 18.99
N ILE B 595 19.80 -32.73 17.80
CA ILE B 595 20.18 -33.55 16.64
C ILE B 595 21.61 -33.24 16.16
N CYS B 596 21.85 -31.99 15.75
CA CYS B 596 23.14 -31.60 15.16
C CYS B 596 23.70 -30.34 15.78
N SER B 597 25.03 -30.30 15.82
CA SER B 597 25.77 -29.10 16.13
C SER B 597 26.07 -28.38 14.80
N GLY B 598 26.59 -27.15 14.89
CA GLY B 598 27.10 -26.45 13.71
C GLY B 598 28.32 -27.13 13.12
N GLU B 599 29.20 -27.62 14.00
CA GLU B 599 30.38 -28.39 13.61
C GLU B 599 30.08 -29.73 12.90
N ASP B 600 28.92 -30.33 13.18
CA ASP B 600 28.50 -31.58 12.50
C ASP B 600 28.10 -31.41 11.02
N ILE B 601 27.80 -30.17 10.59
CA ILE B 601 27.33 -29.90 9.22
C ILE B 601 28.46 -29.42 8.31
N GLN B 602 28.47 -29.95 7.09
CA GLN B 602 29.43 -29.60 6.04
C GLN B 602 28.70 -29.48 4.67
N VAL B 603 29.14 -28.53 3.85
CA VAL B 603 28.50 -28.27 2.54
C VAL B 603 29.03 -29.26 1.51
N ILE B 604 28.17 -29.66 0.58
CA ILE B 604 28.56 -30.36 -0.65
C ILE B 604 28.30 -29.39 -1.81
N GLU B 605 29.24 -29.33 -2.74
CA GLU B 605 29.22 -28.35 -3.82
C GLU B 605 29.17 -26.97 -3.15
N ASN B 606 28.14 -26.16 -3.44
CA ASN B 606 27.97 -24.85 -2.80
C ASN B 606 26.50 -24.62 -2.42
N MET B 607 25.84 -25.68 -1.94
CA MET B 607 24.38 -25.68 -1.73
C MET B 607 23.83 -26.79 -0.83
N HIS B 608 24.17 -28.05 -1.13
CA HIS B 608 23.63 -29.20 -0.39
C HIS B 608 24.34 -29.39 0.97
N HIS B 609 23.77 -28.86 2.04
CA HIS B 609 24.35 -29.04 3.38
C HIS B 609 24.01 -30.44 3.91
N VAL B 610 24.95 -31.07 4.60
CA VAL B 610 24.85 -32.50 5.02
C VAL B 610 25.53 -32.72 6.39
N SER B 611 25.03 -33.68 7.17
CA SER B 611 25.64 -34.05 8.47
C SER B 611 26.63 -35.21 8.35
N VAL B 612 27.67 -35.17 9.19
CA VAL B 612 28.79 -36.13 9.12
C VAL B 612 28.99 -36.98 10.39
N LYS B 613 28.22 -36.74 11.46
CA LYS B 613 28.30 -37.56 12.68
C LYS B 613 27.77 -38.97 12.39
N LYS B 614 28.25 -39.98 13.14
CA LYS B 614 27.87 -41.40 12.88
C LYS B 614 27.04 -42.08 13.99
N ASP B 615 26.76 -41.36 15.07
CA ASP B 615 25.54 -41.59 15.85
C ASP B 615 24.31 -41.25 14.98
N PHE B 616 24.47 -40.23 14.12
CA PHE B 616 23.40 -39.66 13.28
C PHE B 616 22.59 -40.67 12.44
N GLN B 617 23.18 -41.80 12.10
CA GLN B 617 22.45 -42.87 11.40
C GLN B 617 21.12 -43.27 12.07
N HIS B 618 21.10 -43.30 13.41
CA HIS B 618 19.96 -43.80 14.20
C HIS B 618 18.79 -42.81 14.35
N LEU B 619 19.10 -41.51 14.40
CA LEU B 619 18.10 -40.46 14.68
C LEU B 619 17.14 -40.12 13.53
N TYR B 620 17.25 -40.78 12.37
CA TYR B 620 16.30 -40.58 11.25
C TYR B 620 15.70 -41.90 10.74
N HIS B 621 14.62 -41.76 9.96
CA HIS B 621 13.96 -42.88 9.28
C HIS B 621 13.84 -42.60 7.77
N LYS B 622 13.48 -43.63 7.02
CA LYS B 622 13.46 -43.59 5.56
C LYS B 622 12.09 -44.00 5.03
N ARG B 623 11.53 -43.17 4.14
CA ARG B 623 10.27 -43.49 3.46
C ARG B 623 10.35 -43.00 2.01
N GLU B 624 9.27 -43.19 1.25
CA GLU B 624 9.16 -42.71 -0.13
C GLU B 624 7.83 -42.00 -0.37
N GLU B 640 13.64 -39.60 1.19
CA GLU B 640 12.88 -38.86 2.19
C GLU B 640 13.33 -39.20 3.61
N ILE B 641 13.81 -38.18 4.33
CA ILE B 641 14.39 -38.33 5.66
C ILE B 641 13.46 -37.71 6.70
N ILE B 642 12.93 -38.56 7.61
CA ILE B 642 12.05 -38.12 8.69
C ILE B 642 12.68 -38.39 10.05
N CYS B 643 12.36 -37.54 11.03
CA CYS B 643 12.72 -37.76 12.44
C CYS B 643 12.23 -39.12 12.93
N LYS B 644 13.03 -39.80 13.74
CA LYS B 644 12.64 -41.09 14.31
C LYS B 644 11.61 -40.88 15.42
N ASP B 645 11.87 -39.91 16.29
CA ASP B 645 10.96 -39.56 17.39
C ASP B 645 9.56 -39.12 16.94
N CYS B 646 9.47 -38.19 15.99
CA CYS B 646 8.19 -37.55 15.64
C CYS B 646 7.69 -37.68 14.20
N GLY B 647 8.55 -38.12 13.27
CA GLY B 647 8.14 -38.28 11.87
C GLY B 647 8.01 -36.98 11.06
N GLN B 648 8.70 -35.93 11.51
CA GLN B 648 8.79 -34.66 10.76
C GLN B 648 9.82 -34.84 9.64
N VAL B 649 9.50 -34.29 8.46
CA VAL B 649 10.41 -34.33 7.30
C VAL B 649 11.66 -33.47 7.59
N TRP B 650 12.84 -34.04 7.38
CA TRP B 650 14.14 -33.35 7.54
C TRP B 650 14.78 -33.00 6.19
N GLY B 651 14.69 -33.92 5.23
CA GLY B 651 15.16 -33.65 3.86
C GLY B 651 15.03 -34.86 2.95
N ASN B 652 16.14 -35.23 2.32
CA ASN B 652 16.17 -36.36 1.38
C ASN B 652 17.56 -36.97 1.26
N MET B 653 17.62 -38.26 0.90
CA MET B 653 18.88 -38.95 0.71
C MET B 653 19.41 -38.68 -0.70
N MET B 654 20.72 -38.46 -0.79
CA MET B 654 21.43 -38.28 -2.07
C MET B 654 22.60 -39.26 -2.17
N VAL B 655 23.20 -39.31 -3.36
CA VAL B 655 24.45 -40.05 -3.61
C VAL B 655 25.53 -39.04 -3.99
N TYR B 656 26.72 -39.20 -3.41
CA TYR B 656 27.86 -38.34 -3.71
C TYR B 656 29.15 -39.13 -3.60
N ARG B 657 29.69 -39.52 -4.74
CA ARG B 657 30.88 -40.37 -4.85
C ARG B 657 30.59 -41.74 -4.23
N GLY B 658 29.46 -42.32 -4.61
CA GLY B 658 29.02 -43.64 -4.13
C GLY B 658 28.70 -43.75 -2.63
N LEU B 659 28.41 -42.61 -1.99
CA LEU B 659 28.08 -42.53 -0.57
C LEU B 659 26.63 -42.09 -0.39
N ASP B 660 25.83 -42.88 0.33
CA ASP B 660 24.46 -42.50 0.67
C ASP B 660 24.48 -41.55 1.87
N LEU B 661 24.30 -40.25 1.61
CA LEU B 661 24.37 -39.19 2.63
C LEU B 661 23.04 -38.41 2.78
N PRO B 662 22.76 -37.88 3.99
CA PRO B 662 21.52 -37.17 4.25
C PRO B 662 21.58 -35.67 3.98
N CYS B 663 20.73 -35.18 3.08
CA CYS B 663 20.60 -33.73 2.85
C CYS B 663 19.65 -33.16 3.89
N LEU B 664 20.03 -32.03 4.48
CA LEU B 664 19.20 -31.31 5.46
C LEU B 664 18.80 -29.94 4.92
N LYS B 665 17.51 -29.65 4.99
CA LYS B 665 16.97 -28.34 4.62
C LYS B 665 16.67 -27.52 5.89
N ILE B 666 16.94 -26.21 5.83
CA ILE B 666 16.84 -25.29 6.98
C ILE B 666 15.38 -24.94 7.36
N ARG B 667 14.45 -25.15 6.44
CA ARG B 667 12.99 -25.16 6.71
C ARG B 667 12.66 -25.83 8.03
N ASN B 668 13.16 -27.06 8.20
CA ASN B 668 12.66 -28.02 9.18
C ASN B 668 13.44 -28.10 10.49
N PHE B 669 14.16 -27.05 10.85
CA PHE B 669 14.92 -27.02 12.10
C PHE B 669 14.87 -25.66 12.77
N VAL B 670 14.86 -25.67 14.10
CA VAL B 670 15.01 -24.47 14.88
C VAL B 670 16.49 -24.36 15.21
N VAL B 671 17.08 -23.24 14.78
CA VAL B 671 18.48 -22.95 15.03
C VAL B 671 18.55 -22.28 16.39
N ALA B 672 19.44 -22.77 17.24
CA ALA B 672 19.59 -22.27 18.60
C ALA B 672 21.01 -21.71 18.83
N PHE B 673 21.11 -20.39 18.94
CA PHE B 673 22.36 -19.70 19.29
C PHE B 673 22.52 -19.68 20.83
N GLU B 674 23.53 -18.96 21.33
CA GLU B 674 23.66 -18.70 22.78
C GLU B 674 24.55 -17.50 23.09
N THR B 678 18.16 -17.84 25.68
CA THR B 678 18.95 -17.77 24.45
C THR B 678 18.05 -17.66 23.21
N THR B 679 18.54 -16.94 22.21
CA THR B 679 17.79 -16.68 20.96
C THR B 679 17.58 -17.95 20.13
N LYS B 680 16.42 -18.06 19.50
CA LYS B 680 16.13 -19.14 18.56
C LYS B 680 15.56 -18.56 17.26
N GLU B 681 15.68 -19.30 16.17
CA GLU B 681 15.23 -18.84 14.86
C GLU B 681 14.93 -19.97 13.87
N ILE B 682 14.03 -19.69 12.93
CA ILE B 682 13.79 -20.50 11.74
C ILE B 682 14.15 -19.62 10.54
N PHE B 683 15.17 -20.05 9.81
CA PHE B 683 15.58 -19.38 8.59
C PHE B 683 15.02 -20.14 7.39
N LYS B 684 14.71 -19.38 6.33
CA LYS B 684 14.03 -19.92 5.16
C LYS B 684 15.00 -20.64 4.23
N LYS B 685 16.15 -20.01 4.01
CA LYS B 685 17.23 -20.53 3.16
C LYS B 685 18.59 -20.38 3.86
N TRP B 686 19.47 -21.37 3.68
CA TRP B 686 20.78 -21.45 4.34
C TRP B 686 21.61 -20.16 4.36
N GLY B 687 21.59 -19.42 3.25
CA GLY B 687 22.32 -18.15 3.12
C GLY B 687 21.99 -17.06 4.13
N GLU B 688 20.82 -17.19 4.78
CA GLU B 688 20.43 -16.27 5.86
C GLU B 688 21.19 -16.50 7.18
N LEU B 689 21.85 -17.64 7.35
CA LEU B 689 22.65 -17.90 8.55
C LEU B 689 23.92 -17.04 8.60
N PRO B 690 24.50 -16.83 9.81
CA PRO B 690 25.68 -15.96 9.98
C PRO B 690 27.06 -16.60 9.75
N ILE B 691 27.23 -17.88 10.11
CA ILE B 691 28.50 -18.60 9.88
C ILE B 691 28.32 -19.58 8.72
N ILE B 692 29.38 -19.71 7.91
CA ILE B 692 29.39 -20.56 6.70
C ILE B 692 30.16 -21.85 7.01
N PHE B 693 29.72 -22.95 6.41
CA PHE B 693 30.28 -24.28 6.68
C PHE B 693 31.30 -24.67 5.62
N PRO B 694 32.29 -25.52 5.99
CA PRO B 694 33.32 -25.91 5.03
C PRO B 694 32.82 -26.98 4.07
N ASP B 695 33.47 -27.11 2.92
CA ASP B 695 33.10 -28.14 1.95
C ASP B 695 33.49 -29.52 2.45
N PHE B 696 32.58 -30.48 2.26
CA PHE B 696 32.74 -31.87 2.69
C PHE B 696 34.15 -32.41 2.43
N ASP B 697 34.60 -32.31 1.18
CA ASP B 697 35.94 -32.73 0.79
C ASP B 697 36.73 -31.52 0.27
N TYR B 698 37.93 -31.30 0.84
CA TYR B 698 38.70 -30.08 0.60
C TYR B 698 39.34 -30.09 -0.78
#